data_2PAG
# 
_entry.id   2PAG 
# 
_audit_conform.dict_name       mmcif_pdbx.dic 
_audit_conform.dict_version    5.387 
_audit_conform.dict_location   http://mmcif.pdb.org/dictionaries/ascii/mmcif_pdbx.dic 
# 
loop_
_database_2.database_id 
_database_2.database_code 
_database_2.pdbx_database_accession 
_database_2.pdbx_DOI 
PDB   2PAG         pdb_00002pag 10.2210/pdb2pag/pdb 
RCSB  RCSB042166   ?            ?                   
WWPDB D_1000042166 ?            ?                   
# 
loop_
_pdbx_audit_revision_history.ordinal 
_pdbx_audit_revision_history.data_content_type 
_pdbx_audit_revision_history.major_revision 
_pdbx_audit_revision_history.minor_revision 
_pdbx_audit_revision_history.revision_date 
1 'Structure model' 1 0 2007-04-03 
2 'Structure model' 1 1 2008-05-01 
3 'Structure model' 1 2 2011-07-13 
4 'Structure model' 1 3 2018-11-14 
5 'Structure model' 1 4 2021-02-03 
6 'Structure model' 1 5 2021-10-20 
7 'Structure model' 1 6 2024-02-21 
# 
_pdbx_audit_revision_details.ordinal             1 
_pdbx_audit_revision_details.revision_ordinal    1 
_pdbx_audit_revision_details.data_content_type   'Structure model' 
_pdbx_audit_revision_details.provider            repository 
_pdbx_audit_revision_details.type                'Initial release' 
_pdbx_audit_revision_details.description         ? 
_pdbx_audit_revision_details.details             ? 
# 
loop_
_pdbx_audit_revision_group.ordinal 
_pdbx_audit_revision_group.revision_ordinal 
_pdbx_audit_revision_group.data_content_type 
_pdbx_audit_revision_group.group 
1  2 'Structure model' 'Version format compliance' 
2  3 'Structure model' 'Source and taxonomy'       
3  3 'Structure model' 'Version format compliance' 
4  4 'Structure model' 'Data collection'           
5  4 'Structure model' 'Structure summary'         
6  5 'Structure model' 'Database references'       
7  5 'Structure model' 'Derived calculations'      
8  5 'Structure model' 'Structure summary'         
9  6 'Structure model' 'Database references'       
10 7 'Structure model' 'Data collection'           
# 
loop_
_pdbx_audit_revision_category.ordinal 
_pdbx_audit_revision_category.revision_ordinal 
_pdbx_audit_revision_category.data_content_type 
_pdbx_audit_revision_category.category 
1  4 'Structure model' audit_author           
2  5 'Structure model' audit_author           
3  5 'Structure model' citation_author        
4  5 'Structure model' pdbx_struct_conn_angle 
5  5 'Structure model' struct_conn            
6  5 'Structure model' struct_site            
7  6 'Structure model' database_2             
8  6 'Structure model' struct_ref_seq_dif     
9  7 'Structure model' chem_comp_atom         
10 7 'Structure model' chem_comp_bond         
# 
loop_
_pdbx_audit_revision_item.ordinal 
_pdbx_audit_revision_item.revision_ordinal 
_pdbx_audit_revision_item.data_content_type 
_pdbx_audit_revision_item.item 
1  4 'Structure model' '_audit_author.identifier_ORCID'              
2  5 'Structure model' '_audit_author.identifier_ORCID'              
3  5 'Structure model' '_citation_author.identifier_ORCID'           
4  5 'Structure model' '_pdbx_struct_conn_angle.ptnr1_auth_comp_id'  
5  5 'Structure model' '_pdbx_struct_conn_angle.ptnr1_auth_seq_id'   
6  5 'Structure model' '_pdbx_struct_conn_angle.ptnr1_label_asym_id' 
7  5 'Structure model' '_pdbx_struct_conn_angle.ptnr1_label_atom_id' 
8  5 'Structure model' '_pdbx_struct_conn_angle.ptnr1_label_comp_id' 
9  5 'Structure model' '_pdbx_struct_conn_angle.ptnr1_label_seq_id'  
10 5 'Structure model' '_pdbx_struct_conn_angle.ptnr1_symmetry'      
11 5 'Structure model' '_pdbx_struct_conn_angle.ptnr3_auth_comp_id'  
12 5 'Structure model' '_pdbx_struct_conn_angle.ptnr3_auth_seq_id'   
13 5 'Structure model' '_pdbx_struct_conn_angle.ptnr3_label_asym_id' 
14 5 'Structure model' '_pdbx_struct_conn_angle.ptnr3_label_atom_id' 
15 5 'Structure model' '_pdbx_struct_conn_angle.ptnr3_label_comp_id' 
16 5 'Structure model' '_pdbx_struct_conn_angle.ptnr3_label_seq_id'  
17 5 'Structure model' '_pdbx_struct_conn_angle.ptnr3_symmetry'      
18 5 'Structure model' '_pdbx_struct_conn_angle.value'               
19 5 'Structure model' '_struct_conn.pdbx_dist_value'                
20 5 'Structure model' '_struct_conn.ptnr1_auth_comp_id'             
21 5 'Structure model' '_struct_conn.ptnr1_auth_seq_id'              
22 5 'Structure model' '_struct_conn.ptnr1_label_asym_id'            
23 5 'Structure model' '_struct_conn.ptnr1_label_atom_id'            
24 5 'Structure model' '_struct_conn.ptnr1_label_comp_id'            
25 5 'Structure model' '_struct_conn.ptnr1_label_seq_id'             
26 5 'Structure model' '_struct_conn.ptnr1_symmetry'                 
27 5 'Structure model' '_struct_conn.ptnr2_auth_comp_id'             
28 5 'Structure model' '_struct_conn.ptnr2_auth_seq_id'              
29 5 'Structure model' '_struct_conn.ptnr2_label_asym_id'            
30 5 'Structure model' '_struct_conn.ptnr2_label_atom_id'            
31 5 'Structure model' '_struct_conn.ptnr2_label_comp_id'            
32 5 'Structure model' '_struct_conn.ptnr2_label_seq_id'             
33 5 'Structure model' '_struct_conn.ptnr2_symmetry'                 
34 5 'Structure model' '_struct_site.pdbx_auth_asym_id'              
35 5 'Structure model' '_struct_site.pdbx_auth_comp_id'              
36 5 'Structure model' '_struct_site.pdbx_auth_seq_id'               
37 6 'Structure model' '_database_2.pdbx_DOI'                        
38 6 'Structure model' '_database_2.pdbx_database_accession'         
39 6 'Structure model' '_struct_ref_seq_dif.details'                 
# 
_pdbx_database_status.status_code                     REL 
_pdbx_database_status.entry_id                        2PAG 
_pdbx_database_status.recvd_initial_deposition_date   2007-03-27 
_pdbx_database_status.deposit_site                    RCSB 
_pdbx_database_status.process_site                    RCSB 
_pdbx_database_status.status_code_sf                  REL 
_pdbx_database_status.status_code_mr                  ? 
_pdbx_database_status.SG_entry                        Y 
_pdbx_database_status.pdb_format_compatible           Y 
_pdbx_database_status.status_code_cs                  ? 
_pdbx_database_status.methods_development_category    ? 
_pdbx_database_status.status_code_nmr_data            ? 
# 
_pdbx_database_related.db_name        TargetDB 
_pdbx_database_related.db_id          NYSGXRC-10412i 
_pdbx_database_related.details        . 
_pdbx_database_related.content_type   unspecified 
# 
loop_
_audit_author.name 
_audit_author.pdbx_ordinal 
_audit_author.identifier_ORCID 
'Fedorov, A.A.'                                                  1 ?                   
'Ramagopal, U.'                                                  2 ?                   
'Toro, R.'                                                       3 ?                   
'Fedorov, E.V.'                                                  4 ?                   
'Sauder, J.M.'                                                   5 0000-0002-0254-4955 
'Burley, S.K.'                                                   6 0000-0002-2487-9713 
'Almo, S.C.'                                                     7 ?                   
'New York SGX Research Center for Structural Genomics (NYSGXRC)' 8 ?                   
# 
_citation.id                        primary 
_citation.title                     'Crystal structure of conserved hypothetical protein from Pseudomonas syringae pv. tomato.' 
_citation.journal_abbrev            'To be Published' 
_citation.journal_volume            ? 
_citation.page_first                ? 
_citation.page_last                 ? 
_citation.year                      ? 
_citation.journal_id_ASTM           ? 
_citation.country                   ? 
_citation.journal_id_ISSN           ? 
_citation.journal_id_CSD            0353 
_citation.book_publisher            ? 
_citation.pdbx_database_id_PubMed   ? 
_citation.pdbx_database_id_DOI      ? 
# 
loop_
_citation_author.citation_id 
_citation_author.name 
_citation_author.ordinal 
_citation_author.identifier_ORCID 
primary 'Fedorov, A.A.' 1 ?                   
primary 'Ramagopal, U.' 2 ?                   
primary 'Toro, R.'      3 ?                   
primary 'Fedorov, E.V.' 4 ?                   
primary 'Sauder, J.M.'  5 ?                   
primary 'Burley, S.K.'  6 0000-0002-2487-9713 
primary 'Almo, S.C.'    7 ?                   
# 
loop_
_entity.id 
_entity.type 
_entity.src_method 
_entity.pdbx_description 
_entity.formula_weight 
_entity.pdbx_number_of_molecules 
_entity.pdbx_ec 
_entity.pdbx_mutation 
_entity.pdbx_fragment 
_entity.details 
1 polymer     man 'Hypothetical protein' 15613.229 1   ? M1L ? ? 
2 non-polymer syn 'CALCIUM ION'          40.078    2   ? ?   ? ? 
3 water       nat water                  18.015    133 ? ?   ? ? 
# 
_entity_poly.entity_id                      1 
_entity_poly.type                           'polypeptide(L)' 
_entity_poly.nstd_linkage                   no 
_entity_poly.nstd_monomer                   no 
_entity_poly.pdbx_seq_one_letter_code       
;LEEVIEQLREANEPVPVPLELPDEDQLVEIEEQLFINIPFVFKEFLLTVSDVVYGSLEPVTVTDPQSHTYLPEVCATAWD
LGVPRELIPICQDGEDYYCVEEDGTVLLWSAEEELVTEESWESVWHWARDVWLES
;
_entity_poly.pdbx_seq_one_letter_code_can   
;LEEVIEQLREANEPVPVPLELPDEDQLVEIEEQLFINIPFVFKEFLLTVSDVVYGSLEPVTVTDPQSHTYLPEVCATAWD
LGVPRELIPICQDGEDYYCVEEDGTVLLWSAEEELVTEESWESVWHWARDVWLES
;
_entity_poly.pdbx_strand_id                 A 
_entity_poly.pdbx_target_identifier         NYSGXRC-10412i 
# 
loop_
_pdbx_entity_nonpoly.entity_id 
_pdbx_entity_nonpoly.name 
_pdbx_entity_nonpoly.comp_id 
2 'CALCIUM ION' CA  
3 water         HOH 
# 
loop_
_entity_poly_seq.entity_id 
_entity_poly_seq.num 
_entity_poly_seq.mon_id 
_entity_poly_seq.hetero 
1 1   LEU n 
1 2   GLU n 
1 3   GLU n 
1 4   VAL n 
1 5   ILE n 
1 6   GLU n 
1 7   GLN n 
1 8   LEU n 
1 9   ARG n 
1 10  GLU n 
1 11  ALA n 
1 12  ASN n 
1 13  GLU n 
1 14  PRO n 
1 15  VAL n 
1 16  PRO n 
1 17  VAL n 
1 18  PRO n 
1 19  LEU n 
1 20  GLU n 
1 21  LEU n 
1 22  PRO n 
1 23  ASP n 
1 24  GLU n 
1 25  ASP n 
1 26  GLN n 
1 27  LEU n 
1 28  VAL n 
1 29  GLU n 
1 30  ILE n 
1 31  GLU n 
1 32  GLU n 
1 33  GLN n 
1 34  LEU n 
1 35  PHE n 
1 36  ILE n 
1 37  ASN n 
1 38  ILE n 
1 39  PRO n 
1 40  PHE n 
1 41  VAL n 
1 42  PHE n 
1 43  LYS n 
1 44  GLU n 
1 45  PHE n 
1 46  LEU n 
1 47  LEU n 
1 48  THR n 
1 49  VAL n 
1 50  SER n 
1 51  ASP n 
1 52  VAL n 
1 53  VAL n 
1 54  TYR n 
1 55  GLY n 
1 56  SER n 
1 57  LEU n 
1 58  GLU n 
1 59  PRO n 
1 60  VAL n 
1 61  THR n 
1 62  VAL n 
1 63  THR n 
1 64  ASP n 
1 65  PRO n 
1 66  GLN n 
1 67  SER n 
1 68  HIS n 
1 69  THR n 
1 70  TYR n 
1 71  LEU n 
1 72  PRO n 
1 73  GLU n 
1 74  VAL n 
1 75  CYS n 
1 76  ALA n 
1 77  THR n 
1 78  ALA n 
1 79  TRP n 
1 80  ASP n 
1 81  LEU n 
1 82  GLY n 
1 83  VAL n 
1 84  PRO n 
1 85  ARG n 
1 86  GLU n 
1 87  LEU n 
1 88  ILE n 
1 89  PRO n 
1 90  ILE n 
1 91  CYS n 
1 92  GLN n 
1 93  ASP n 
1 94  GLY n 
1 95  GLU n 
1 96  ASP n 
1 97  TYR n 
1 98  TYR n 
1 99  CYS n 
1 100 VAL n 
1 101 GLU n 
1 102 GLU n 
1 103 ASP n 
1 104 GLY n 
1 105 THR n 
1 106 VAL n 
1 107 LEU n 
1 108 LEU n 
1 109 TRP n 
1 110 SER n 
1 111 ALA n 
1 112 GLU n 
1 113 GLU n 
1 114 GLU n 
1 115 LEU n 
1 116 VAL n 
1 117 THR n 
1 118 GLU n 
1 119 GLU n 
1 120 SER n 
1 121 TRP n 
1 122 GLU n 
1 123 SER n 
1 124 VAL n 
1 125 TRP n 
1 126 HIS n 
1 127 TRP n 
1 128 ALA n 
1 129 ARG n 
1 130 ASP n 
1 131 VAL n 
1 132 TRP n 
1 133 LEU n 
1 134 GLU n 
1 135 SER n 
# 
_entity_src_gen.entity_id                          1 
_entity_src_gen.pdbx_src_id                        1 
_entity_src_gen.pdbx_alt_source_flag               sample 
_entity_src_gen.pdbx_seq_type                      ? 
_entity_src_gen.pdbx_beg_seq_num                   ? 
_entity_src_gen.pdbx_end_seq_num                   ? 
_entity_src_gen.gene_src_common_name               ? 
_entity_src_gen.gene_src_genus                     Pseudomonas 
_entity_src_gen.pdbx_gene_src_gene                 PSPTO5518 
_entity_src_gen.gene_src_species                   'Pseudomonas syringae group genomosp. 3' 
_entity_src_gen.gene_src_strain                    DC3000 
_entity_src_gen.gene_src_tissue                    ? 
_entity_src_gen.gene_src_tissue_fraction           ? 
_entity_src_gen.gene_src_details                   ? 
_entity_src_gen.pdbx_gene_src_fragment             ? 
_entity_src_gen.pdbx_gene_src_scientific_name      'Pseudomonas syringae pv. tomato' 
_entity_src_gen.pdbx_gene_src_ncbi_taxonomy_id     223283 
_entity_src_gen.pdbx_gene_src_variant              ? 
_entity_src_gen.pdbx_gene_src_cell_line            ? 
_entity_src_gen.pdbx_gene_src_atcc                 ? 
_entity_src_gen.pdbx_gene_src_organ                ? 
_entity_src_gen.pdbx_gene_src_organelle            ? 
_entity_src_gen.pdbx_gene_src_cell                 ? 
_entity_src_gen.pdbx_gene_src_cellular_location    ? 
_entity_src_gen.host_org_common_name               ? 
_entity_src_gen.pdbx_host_org_scientific_name      'Escherichia coli' 
_entity_src_gen.pdbx_host_org_ncbi_taxonomy_id     562 
_entity_src_gen.host_org_genus                     Escherichia 
_entity_src_gen.pdbx_host_org_gene                 ? 
_entity_src_gen.pdbx_host_org_organ                ? 
_entity_src_gen.host_org_species                   ? 
_entity_src_gen.pdbx_host_org_tissue               ? 
_entity_src_gen.pdbx_host_org_tissue_fraction      ? 
_entity_src_gen.pdbx_host_org_strain               ? 
_entity_src_gen.pdbx_host_org_variant              ? 
_entity_src_gen.pdbx_host_org_cell_line            ? 
_entity_src_gen.pdbx_host_org_atcc                 ? 
_entity_src_gen.pdbx_host_org_culture_collection   ? 
_entity_src_gen.pdbx_host_org_cell                 ? 
_entity_src_gen.pdbx_host_org_organelle            ? 
_entity_src_gen.pdbx_host_org_cellular_location    ? 
_entity_src_gen.pdbx_host_org_vector_type          ? 
_entity_src_gen.pdbx_host_org_vector               ? 
_entity_src_gen.host_org_details                   ? 
_entity_src_gen.expression_system_id               ? 
_entity_src_gen.plasmid_name                       ? 
_entity_src_gen.plasmid_details                    ? 
_entity_src_gen.pdbx_description                   ? 
# 
loop_
_chem_comp.id 
_chem_comp.type 
_chem_comp.mon_nstd_flag 
_chem_comp.name 
_chem_comp.pdbx_synonyms 
_chem_comp.formula 
_chem_comp.formula_weight 
ALA 'L-peptide linking' y ALANINE         ? 'C3 H7 N O2'     89.093  
ARG 'L-peptide linking' y ARGININE        ? 'C6 H15 N4 O2 1' 175.209 
ASN 'L-peptide linking' y ASPARAGINE      ? 'C4 H8 N2 O3'    132.118 
ASP 'L-peptide linking' y 'ASPARTIC ACID' ? 'C4 H7 N O4'     133.103 
CA  non-polymer         . 'CALCIUM ION'   ? 'Ca 2'           40.078  
CYS 'L-peptide linking' y CYSTEINE        ? 'C3 H7 N O2 S'   121.158 
GLN 'L-peptide linking' y GLUTAMINE       ? 'C5 H10 N2 O3'   146.144 
GLU 'L-peptide linking' y 'GLUTAMIC ACID' ? 'C5 H9 N O4'     147.129 
GLY 'peptide linking'   y GLYCINE         ? 'C2 H5 N O2'     75.067  
HIS 'L-peptide linking' y HISTIDINE       ? 'C6 H10 N3 O2 1' 156.162 
HOH non-polymer         . WATER           ? 'H2 O'           18.015  
ILE 'L-peptide linking' y ISOLEUCINE      ? 'C6 H13 N O2'    131.173 
LEU 'L-peptide linking' y LEUCINE         ? 'C6 H13 N O2'    131.173 
LYS 'L-peptide linking' y LYSINE          ? 'C6 H15 N2 O2 1' 147.195 
PHE 'L-peptide linking' y PHENYLALANINE   ? 'C9 H11 N O2'    165.189 
PRO 'L-peptide linking' y PROLINE         ? 'C5 H9 N O2'     115.130 
SER 'L-peptide linking' y SERINE          ? 'C3 H7 N O3'     105.093 
THR 'L-peptide linking' y THREONINE       ? 'C4 H9 N O3'     119.119 
TRP 'L-peptide linking' y TRYPTOPHAN      ? 'C11 H12 N2 O2'  204.225 
TYR 'L-peptide linking' y TYROSINE        ? 'C9 H11 N O3'    181.189 
VAL 'L-peptide linking' y VALINE          ? 'C5 H11 N O2'    117.146 
# 
loop_
_pdbx_poly_seq_scheme.asym_id 
_pdbx_poly_seq_scheme.entity_id 
_pdbx_poly_seq_scheme.seq_id 
_pdbx_poly_seq_scheme.mon_id 
_pdbx_poly_seq_scheme.ndb_seq_num 
_pdbx_poly_seq_scheme.pdb_seq_num 
_pdbx_poly_seq_scheme.auth_seq_num 
_pdbx_poly_seq_scheme.pdb_mon_id 
_pdbx_poly_seq_scheme.auth_mon_id 
_pdbx_poly_seq_scheme.pdb_strand_id 
_pdbx_poly_seq_scheme.pdb_ins_code 
_pdbx_poly_seq_scheme.hetero 
A 1 1   LEU 1   1   1   LEU LEU A . n 
A 1 2   GLU 2   2   2   GLU GLU A . n 
A 1 3   GLU 3   3   3   GLU GLU A . n 
A 1 4   VAL 4   4   4   VAL VAL A . n 
A 1 5   ILE 5   5   5   ILE ILE A . n 
A 1 6   GLU 6   6   6   GLU GLU A . n 
A 1 7   GLN 7   7   7   GLN GLN A . n 
A 1 8   LEU 8   8   8   LEU LEU A . n 
A 1 9   ARG 9   9   9   ARG ARG A . n 
A 1 10  GLU 10  10  10  GLU GLU A . n 
A 1 11  ALA 11  11  11  ALA ALA A . n 
A 1 12  ASN 12  12  12  ASN ASN A . n 
A 1 13  GLU 13  13  13  GLU GLU A . n 
A 1 14  PRO 14  14  14  PRO PRO A . n 
A 1 15  VAL 15  15  15  VAL VAL A . n 
A 1 16  PRO 16  16  16  PRO PRO A . n 
A 1 17  VAL 17  17  17  VAL VAL A . n 
A 1 18  PRO 18  18  18  PRO PRO A . n 
A 1 19  LEU 19  19  19  LEU LEU A . n 
A 1 20  GLU 20  20  20  GLU GLU A . n 
A 1 21  LEU 21  21  21  LEU LEU A . n 
A 1 22  PRO 22  22  22  PRO PRO A . n 
A 1 23  ASP 23  23  23  ASP ASP A . n 
A 1 24  GLU 24  24  24  GLU GLU A . n 
A 1 25  ASP 25  25  25  ASP ASP A . n 
A 1 26  GLN 26  26  26  GLN GLN A . n 
A 1 27  LEU 27  27  27  LEU LEU A . n 
A 1 28  VAL 28  28  28  VAL VAL A . n 
A 1 29  GLU 29  29  29  GLU GLU A . n 
A 1 30  ILE 30  30  30  ILE ILE A . n 
A 1 31  GLU 31  31  31  GLU GLU A . n 
A 1 32  GLU 32  32  32  GLU GLU A . n 
A 1 33  GLN 33  33  33  GLN GLN A . n 
A 1 34  LEU 34  34  34  LEU LEU A . n 
A 1 35  PHE 35  35  35  PHE PHE A . n 
A 1 36  ILE 36  36  36  ILE ILE A . n 
A 1 37  ASN 37  37  37  ASN ASN A . n 
A 1 38  ILE 38  38  38  ILE ILE A . n 
A 1 39  PRO 39  39  39  PRO PRO A . n 
A 1 40  PHE 40  40  40  PHE PHE A . n 
A 1 41  VAL 41  41  41  VAL VAL A . n 
A 1 42  PHE 42  42  42  PHE PHE A . n 
A 1 43  LYS 43  43  43  LYS LYS A . n 
A 1 44  GLU 44  44  44  GLU GLU A . n 
A 1 45  PHE 45  45  45  PHE PHE A . n 
A 1 46  LEU 46  46  46  LEU LEU A . n 
A 1 47  LEU 47  47  47  LEU LEU A . n 
A 1 48  THR 48  48  48  THR THR A . n 
A 1 49  VAL 49  49  49  VAL VAL A . n 
A 1 50  SER 50  50  50  SER SER A . n 
A 1 51  ASP 51  51  51  ASP ASP A . n 
A 1 52  VAL 52  52  52  VAL VAL A . n 
A 1 53  VAL 53  53  53  VAL VAL A . n 
A 1 54  TYR 54  54  54  TYR TYR A . n 
A 1 55  GLY 55  55  55  GLY GLY A . n 
A 1 56  SER 56  56  56  SER SER A . n 
A 1 57  LEU 57  57  57  LEU LEU A . n 
A 1 58  GLU 58  58  58  GLU GLU A . n 
A 1 59  PRO 59  59  59  PRO PRO A . n 
A 1 60  VAL 60  60  60  VAL VAL A . n 
A 1 61  THR 61  61  61  THR THR A . n 
A 1 62  VAL 62  62  62  VAL VAL A . n 
A 1 63  THR 63  63  63  THR THR A . n 
A 1 64  ASP 64  64  64  ASP ASP A . n 
A 1 65  PRO 65  65  65  PRO PRO A . n 
A 1 66  GLN 66  66  66  GLN GLN A . n 
A 1 67  SER 67  67  67  SER SER A . n 
A 1 68  HIS 68  68  68  HIS HIS A . n 
A 1 69  THR 69  69  69  THR THR A . n 
A 1 70  TYR 70  70  70  TYR TYR A . n 
A 1 71  LEU 71  71  71  LEU LEU A . n 
A 1 72  PRO 72  72  72  PRO PRO A . n 
A 1 73  GLU 73  73  73  GLU GLU A . n 
A 1 74  VAL 74  74  74  VAL VAL A . n 
A 1 75  CYS 75  75  75  CYS CYS A . n 
A 1 76  ALA 76  76  76  ALA ALA A . n 
A 1 77  THR 77  77  77  THR THR A . n 
A 1 78  ALA 78  78  78  ALA ALA A . n 
A 1 79  TRP 79  79  79  TRP TRP A . n 
A 1 80  ASP 80  80  80  ASP ASP A . n 
A 1 81  LEU 81  81  81  LEU LEU A . n 
A 1 82  GLY 82  82  82  GLY GLY A . n 
A 1 83  VAL 83  83  83  VAL VAL A . n 
A 1 84  PRO 84  84  84  PRO PRO A . n 
A 1 85  ARG 85  85  85  ARG ARG A . n 
A 1 86  GLU 86  86  86  GLU GLU A . n 
A 1 87  LEU 87  87  87  LEU LEU A . n 
A 1 88  ILE 88  88  88  ILE ILE A . n 
A 1 89  PRO 89  89  89  PRO PRO A . n 
A 1 90  ILE 90  90  90  ILE ILE A . n 
A 1 91  CYS 91  91  91  CYS CYS A . n 
A 1 92  GLN 92  92  92  GLN GLN A . n 
A 1 93  ASP 93  93  93  ASP ASP A . n 
A 1 94  GLY 94  94  94  GLY GLY A . n 
A 1 95  GLU 95  95  95  GLU GLU A . n 
A 1 96  ASP 96  96  96  ASP ASP A . n 
A 1 97  TYR 97  97  97  TYR TYR A . n 
A 1 98  TYR 98  98  98  TYR TYR A . n 
A 1 99  CYS 99  99  99  CYS CYS A . n 
A 1 100 VAL 100 100 100 VAL VAL A . n 
A 1 101 GLU 101 101 101 GLU GLU A . n 
A 1 102 GLU 102 102 102 GLU GLU A . n 
A 1 103 ASP 103 103 103 ASP ASP A . n 
A 1 104 GLY 104 104 104 GLY GLY A . n 
A 1 105 THR 105 105 105 THR THR A . n 
A 1 106 VAL 106 106 106 VAL VAL A . n 
A 1 107 LEU 107 107 107 LEU LEU A . n 
A 1 108 LEU 108 108 108 LEU LEU A . n 
A 1 109 TRP 109 109 109 TRP TRP A . n 
A 1 110 SER 110 110 110 SER SER A . n 
A 1 111 ALA 111 111 111 ALA ALA A . n 
A 1 112 GLU 112 112 ?   ?   ?   A . n 
A 1 113 GLU 113 113 ?   ?   ?   A . n 
A 1 114 GLU 114 114 ?   ?   ?   A . n 
A 1 115 LEU 115 115 115 LEU LEU A . n 
A 1 116 VAL 116 116 116 VAL VAL A . n 
A 1 117 THR 117 117 117 THR THR A . n 
A 1 118 GLU 118 118 118 GLU GLU A . n 
A 1 119 GLU 119 119 119 GLU GLU A . n 
A 1 120 SER 120 120 120 SER SER A . n 
A 1 121 TRP 121 121 121 TRP TRP A . n 
A 1 122 GLU 122 122 122 GLU GLU A . n 
A 1 123 SER 123 123 123 SER SER A . n 
A 1 124 VAL 124 124 124 VAL VAL A . n 
A 1 125 TRP 125 125 125 TRP TRP A . n 
A 1 126 HIS 126 126 126 HIS HIS A . n 
A 1 127 TRP 127 127 127 TRP TRP A . n 
A 1 128 ALA 128 128 128 ALA ALA A . n 
A 1 129 ARG 129 129 129 ARG ARG A . n 
A 1 130 ASP 130 130 130 ASP ASP A . n 
A 1 131 VAL 131 131 131 VAL VAL A . n 
A 1 132 TRP 132 132 132 TRP TRP A . n 
A 1 133 LEU 133 133 133 LEU LEU A . n 
A 1 134 GLU 134 134 134 GLU GLU A . n 
A 1 135 SER 135 135 135 SER SER A . n 
# 
loop_
_pdbx_nonpoly_scheme.asym_id 
_pdbx_nonpoly_scheme.entity_id 
_pdbx_nonpoly_scheme.mon_id 
_pdbx_nonpoly_scheme.ndb_seq_num 
_pdbx_nonpoly_scheme.pdb_seq_num 
_pdbx_nonpoly_scheme.auth_seq_num 
_pdbx_nonpoly_scheme.pdb_mon_id 
_pdbx_nonpoly_scheme.auth_mon_id 
_pdbx_nonpoly_scheme.pdb_strand_id 
_pdbx_nonpoly_scheme.pdb_ins_code 
B 2 CA  1   201 1   CA  CA  A . 
C 2 CA  1   202 2   CA  CA  A . 
D 3 HOH 1   203 2   HOH HOH A . 
D 3 HOH 2   204 3   HOH HOH A . 
D 3 HOH 3   205 4   HOH HOH A . 
D 3 HOH 4   206 5   HOH HOH A . 
D 3 HOH 5   207 6   HOH HOH A . 
D 3 HOH 6   208 7   HOH HOH A . 
D 3 HOH 7   209 8   HOH HOH A . 
D 3 HOH 8   210 9   HOH HOH A . 
D 3 HOH 9   211 10  HOH HOH A . 
D 3 HOH 10  212 11  HOH HOH A . 
D 3 HOH 11  213 12  HOH HOH A . 
D 3 HOH 12  214 13  HOH HOH A . 
D 3 HOH 13  215 14  HOH HOH A . 
D 3 HOH 14  216 15  HOH HOH A . 
D 3 HOH 15  217 16  HOH HOH A . 
D 3 HOH 16  218 17  HOH HOH A . 
D 3 HOH 17  219 18  HOH HOH A . 
D 3 HOH 18  220 19  HOH HOH A . 
D 3 HOH 19  221 20  HOH HOH A . 
D 3 HOH 20  222 21  HOH HOH A . 
D 3 HOH 21  223 22  HOH HOH A . 
D 3 HOH 22  224 23  HOH HOH A . 
D 3 HOH 23  225 24  HOH HOH A . 
D 3 HOH 24  226 25  HOH HOH A . 
D 3 HOH 25  227 26  HOH HOH A . 
D 3 HOH 26  228 27  HOH HOH A . 
D 3 HOH 27  229 28  HOH HOH A . 
D 3 HOH 28  230 29  HOH HOH A . 
D 3 HOH 29  231 30  HOH HOH A . 
D 3 HOH 30  232 32  HOH HOH A . 
D 3 HOH 31  233 33  HOH HOH A . 
D 3 HOH 32  234 34  HOH HOH A . 
D 3 HOH 33  235 35  HOH HOH A . 
D 3 HOH 34  236 36  HOH HOH A . 
D 3 HOH 35  237 37  HOH HOH A . 
D 3 HOH 36  238 38  HOH HOH A . 
D 3 HOH 37  239 39  HOH HOH A . 
D 3 HOH 38  240 40  HOH HOH A . 
D 3 HOH 39  241 41  HOH HOH A . 
D 3 HOH 40  242 42  HOH HOH A . 
D 3 HOH 41  243 43  HOH HOH A . 
D 3 HOH 42  244 45  HOH HOH A . 
D 3 HOH 43  245 46  HOH HOH A . 
D 3 HOH 44  246 47  HOH HOH A . 
D 3 HOH 45  247 48  HOH HOH A . 
D 3 HOH 46  248 50  HOH HOH A . 
D 3 HOH 47  249 51  HOH HOH A . 
D 3 HOH 48  250 52  HOH HOH A . 
D 3 HOH 49  251 53  HOH HOH A . 
D 3 HOH 50  252 54  HOH HOH A . 
D 3 HOH 51  253 55  HOH HOH A . 
D 3 HOH 52  254 56  HOH HOH A . 
D 3 HOH 53  255 57  HOH HOH A . 
D 3 HOH 54  256 58  HOH HOH A . 
D 3 HOH 55  257 59  HOH HOH A . 
D 3 HOH 56  258 60  HOH HOH A . 
D 3 HOH 57  259 61  HOH HOH A . 
D 3 HOH 58  260 62  HOH HOH A . 
D 3 HOH 59  261 63  HOH HOH A . 
D 3 HOH 60  262 64  HOH HOH A . 
D 3 HOH 61  263 65  HOH HOH A . 
D 3 HOH 62  264 66  HOH HOH A . 
D 3 HOH 63  265 67  HOH HOH A . 
D 3 HOH 64  266 68  HOH HOH A . 
D 3 HOH 65  267 69  HOH HOH A . 
D 3 HOH 66  268 70  HOH HOH A . 
D 3 HOH 67  269 71  HOH HOH A . 
D 3 HOH 68  270 72  HOH HOH A . 
D 3 HOH 69  271 73  HOH HOH A . 
D 3 HOH 70  272 74  HOH HOH A . 
D 3 HOH 71  273 75  HOH HOH A . 
D 3 HOH 72  274 76  HOH HOH A . 
D 3 HOH 73  275 77  HOH HOH A . 
D 3 HOH 74  276 78  HOH HOH A . 
D 3 HOH 75  277 79  HOH HOH A . 
D 3 HOH 76  278 80  HOH HOH A . 
D 3 HOH 77  279 81  HOH HOH A . 
D 3 HOH 78  280 82  HOH HOH A . 
D 3 HOH 79  281 83  HOH HOH A . 
D 3 HOH 80  282 84  HOH HOH A . 
D 3 HOH 81  283 85  HOH HOH A . 
D 3 HOH 82  284 86  HOH HOH A . 
D 3 HOH 83  285 87  HOH HOH A . 
D 3 HOH 84  286 88  HOH HOH A . 
D 3 HOH 85  287 89  HOH HOH A . 
D 3 HOH 86  288 90  HOH HOH A . 
D 3 HOH 87  289 91  HOH HOH A . 
D 3 HOH 88  290 92  HOH HOH A . 
D 3 HOH 89  291 93  HOH HOH A . 
D 3 HOH 90  292 94  HOH HOH A . 
D 3 HOH 91  293 95  HOH HOH A . 
D 3 HOH 92  294 96  HOH HOH A . 
D 3 HOH 93  295 97  HOH HOH A . 
D 3 HOH 94  296 98  HOH HOH A . 
D 3 HOH 95  297 99  HOH HOH A . 
D 3 HOH 96  298 100 HOH HOH A . 
D 3 HOH 97  299 101 HOH HOH A . 
D 3 HOH 98  300 102 HOH HOH A . 
D 3 HOH 99  301 103 HOH HOH A . 
D 3 HOH 100 302 104 HOH HOH A . 
D 3 HOH 101 303 105 HOH HOH A . 
D 3 HOH 102 304 106 HOH HOH A . 
D 3 HOH 103 305 107 HOH HOH A . 
D 3 HOH 104 306 108 HOH HOH A . 
D 3 HOH 105 307 109 HOH HOH A . 
D 3 HOH 106 308 110 HOH HOH A . 
D 3 HOH 107 309 111 HOH HOH A . 
D 3 HOH 108 310 112 HOH HOH A . 
D 3 HOH 109 311 113 HOH HOH A . 
D 3 HOH 110 312 114 HOH HOH A . 
D 3 HOH 111 313 115 HOH HOH A . 
D 3 HOH 112 314 116 HOH HOH A . 
D 3 HOH 113 315 118 HOH HOH A . 
D 3 HOH 114 316 119 HOH HOH A . 
D 3 HOH 115 317 121 HOH HOH A . 
D 3 HOH 116 318 122 HOH HOH A . 
D 3 HOH 117 319 123 HOH HOH A . 
D 3 HOH 118 320 124 HOH HOH A . 
D 3 HOH 119 321 125 HOH HOH A . 
D 3 HOH 120 322 126 HOH HOH A . 
D 3 HOH 121 323 127 HOH HOH A . 
D 3 HOH 122 324 129 HOH HOH A . 
D 3 HOH 123 325 130 HOH HOH A . 
D 3 HOH 124 326 131 HOH HOH A . 
D 3 HOH 125 327 132 HOH HOH A . 
D 3 HOH 126 328 133 HOH HOH A . 
D 3 HOH 127 329 136 HOH HOH A . 
D 3 HOH 128 330 137 HOH HOH A . 
D 3 HOH 129 331 138 HOH HOH A . 
D 3 HOH 130 332 139 HOH HOH A . 
D 3 HOH 131 333 140 HOH HOH A . 
D 3 HOH 132 334 141 HOH HOH A . 
D 3 HOH 133 335 142 HOH HOH A . 
# 
loop_
_software.name 
_software.classification 
_software.version 
_software.citation_id 
_software.pdbx_ordinal 
CNS       refinement        1.1     ? 1 
ADSC      'data collection' QUANTUM ? 2 
DENZO     'data reduction'  .       ? 3 
SCALEPACK 'data scaling'    .       ? 4 
SHELXS    phasing           .       ? 5 
# 
_cell.entry_id           2PAG 
_cell.length_a           47.424 
_cell.length_b           47.424 
_cell.length_c           122.518 
_cell.angle_alpha        90.00 
_cell.angle_beta         90.00 
_cell.angle_gamma        90.00 
_cell.Z_PDB              8 
_cell.pdbx_unique_axis   ? 
_cell.length_a_esd       ? 
_cell.length_b_esd       ? 
_cell.length_c_esd       ? 
_cell.angle_alpha_esd    ? 
_cell.angle_beta_esd     ? 
_cell.angle_gamma_esd    ? 
# 
_symmetry.entry_id                         2PAG 
_symmetry.space_group_name_H-M             'P 41 21 2' 
_symmetry.pdbx_full_space_group_name_H-M   ? 
_symmetry.cell_setting                     ? 
_symmetry.Int_Tables_number                92 
_symmetry.space_group_name_Hall            ? 
# 
_exptl.entry_id          2PAG 
_exptl.method            'X-RAY DIFFRACTION' 
_exptl.crystals_number   1 
# 
_exptl_crystal.id                    1 
_exptl_crystal.density_meas          ? 
_exptl_crystal.density_Matthews      2.20 
_exptl_crystal.density_percent_sol   44.21 
_exptl_crystal.description           ? 
_exptl_crystal.F_000                 ? 
_exptl_crystal.preparation           ? 
# 
_exptl_crystal_grow.crystal_id      1 
_exptl_crystal_grow.method          'VAPOR DIFFUSION, HANGING DROP' 
_exptl_crystal_grow.temp            293.0 
_exptl_crystal_grow.temp_details    ? 
_exptl_crystal_grow.pH              7.5 
_exptl_crystal_grow.pdbx_details    
'30% PEG 400, 0.1 M Hepes, 0.2 M Calcium chloride, pH 7.5, VAPOR DIFFUSION, HANGING DROP, temperature 293.0K' 
_exptl_crystal_grow.pdbx_pH_range   . 
# 
_diffrn.id                     1 
_diffrn.ambient_temp           100 
_diffrn.ambient_temp_details   ? 
_diffrn.crystal_id             1 
# 
_diffrn_detector.diffrn_id              1 
_diffrn_detector.detector               CCD 
_diffrn_detector.type                   'ADSC QUANTUM 4' 
_diffrn_detector.pdbx_collection_date   2007-02-25 
_diffrn_detector.details                mirrors 
# 
_diffrn_radiation.diffrn_id                        1 
_diffrn_radiation.wavelength_id                    1 
_diffrn_radiation.pdbx_monochromatic_or_laue_m_l   M 
_diffrn_radiation.monochromator                    'Si 111 CHANNEL' 
_diffrn_radiation.pdbx_diffrn_protocol             'SINGLE WAVELENGTH' 
_diffrn_radiation.pdbx_scattering_type             x-ray 
# 
_diffrn_radiation_wavelength.id           1 
_diffrn_radiation_wavelength.wavelength   0.97915 
_diffrn_radiation_wavelength.wt           1.0 
# 
_diffrn_source.diffrn_id                   1 
_diffrn_source.source                      SYNCHROTRON 
_diffrn_source.type                        'NSLS BEAMLINE X4A' 
_diffrn_source.pdbx_synchrotron_site       NSLS 
_diffrn_source.pdbx_synchrotron_beamline   X4A 
_diffrn_source.pdbx_wavelength             ? 
_diffrn_source.pdbx_wavelength_list        0.97915 
# 
_reflns.entry_id                     2PAG 
_reflns.observed_criterion_sigma_I   0.0 
_reflns.observed_criterion_sigma_F   0.0 
_reflns.d_resolution_low             25.0 
_reflns.d_resolution_high            1.6 
_reflns.number_obs                   18902 
_reflns.number_all                   18902 
_reflns.percent_possible_obs         98.0 
_reflns.pdbx_Rmerge_I_obs            0.044 
_reflns.pdbx_Rsym_value              ? 
_reflns.pdbx_netI_over_sigmaI        ? 
_reflns.B_iso_Wilson_estimate        18.1 
_reflns.pdbx_redundancy              ? 
_reflns.R_free_details               ? 
_reflns.limit_h_max                  ? 
_reflns.limit_h_min                  ? 
_reflns.limit_k_max                  ? 
_reflns.limit_k_min                  ? 
_reflns.limit_l_max                  ? 
_reflns.limit_l_min                  ? 
_reflns.observed_criterion_F_max     ? 
_reflns.observed_criterion_F_min     ? 
_reflns.pdbx_chi_squared             ? 
_reflns.pdbx_scaling_rejects         ? 
_reflns.pdbx_ordinal                 1 
_reflns.pdbx_diffrn_id               1 
# 
_refine.entry_id                                 2PAG 
_refine.ls_number_reflns_obs                     18902 
_refine.ls_number_reflns_all                     ? 
_refine.pdbx_ls_sigma_I                          0.0 
_refine.pdbx_ls_sigma_F                          0.0 
_refine.pdbx_data_cutoff_high_absF               350965.20 
_refine.pdbx_data_cutoff_low_absF                0.000000 
_refine.pdbx_data_cutoff_high_rms_absF           ? 
_refine.ls_d_res_low                             23.71 
_refine.ls_d_res_high                            1.60 
_refine.ls_percent_reflns_obs                    98.0 
_refine.ls_R_factor_obs                          0.233 
_refine.ls_R_factor_all                          0.233 
_refine.ls_R_factor_R_work                       0.233 
_refine.ls_R_factor_R_free                       0.222 
_refine.ls_R_factor_R_free_error                 0.007 
_refine.ls_R_factor_R_free_error_details         ? 
_refine.ls_percent_reflns_R_free                 4.9 
_refine.ls_number_reflns_R_free                  927 
_refine.ls_number_parameters                     ? 
_refine.ls_number_restraints                     ? 
_refine.occupancy_min                            ? 
_refine.occupancy_max                            ? 
_refine.correlation_coeff_Fo_to_Fc               ? 
_refine.correlation_coeff_Fo_to_Fc_free          ? 
_refine.B_iso_mean                               19.6 
_refine.aniso_B[1][1]                            -0.62 
_refine.aniso_B[2][2]                            -0.62 
_refine.aniso_B[3][3]                            1.25 
_refine.aniso_B[1][2]                            0.00 
_refine.aniso_B[1][3]                            0.00 
_refine.aniso_B[2][3]                            0.00 
_refine.solvent_model_details                    'FLAT MODEL' 
_refine.solvent_model_param_ksol                 0.408939 
_refine.solvent_model_param_bsol                 39.604 
_refine.pdbx_solvent_vdw_probe_radii             ? 
_refine.pdbx_solvent_ion_probe_radii             ? 
_refine.pdbx_solvent_shrinkage_radii             ? 
_refine.pdbx_ls_cross_valid_method               THROUGHOUT 
_refine.details                                  ? 
_refine.pdbx_starting_model                      ? 
_refine.pdbx_method_to_determine_struct          SAD 
_refine.pdbx_isotropic_thermal_model             RESTRAINED 
_refine.pdbx_stereochemistry_target_values       'Engh & Huber' 
_refine.pdbx_stereochem_target_val_spec_case     ? 
_refine.pdbx_R_Free_selection_details            RANDOM 
_refine.pdbx_overall_ESU_R                       ? 
_refine.pdbx_overall_ESU_R_Free                  ? 
_refine.overall_SU_ML                            ? 
_refine.overall_SU_B                             ? 
_refine.ls_redundancy_reflns_obs                 ? 
_refine.B_iso_min                                ? 
_refine.B_iso_max                                ? 
_refine.overall_SU_R_Cruickshank_DPI             ? 
_refine.overall_SU_R_free                        ? 
_refine.ls_wR_factor_R_free                      ? 
_refine.ls_wR_factor_R_work                      ? 
_refine.overall_FOM_free_R_set                   ? 
_refine.overall_FOM_work_R_set                   ? 
_refine.pdbx_refine_id                           'X-RAY DIFFRACTION' 
_refine.pdbx_diffrn_id                           1 
_refine.pdbx_TLS_residual_ADP_flag               ? 
_refine.pdbx_overall_phase_error                 ? 
_refine.pdbx_overall_SU_R_free_Cruickshank_DPI   ? 
_refine.pdbx_overall_SU_R_Blow_DPI               ? 
_refine.pdbx_overall_SU_R_free_Blow_DPI          ? 
# 
_refine_analyze.entry_id                        2PAG 
_refine_analyze.Luzzati_coordinate_error_obs    0.22 
_refine_analyze.Luzzati_sigma_a_obs             0.13 
_refine_analyze.Luzzati_d_res_low_obs           5.00 
_refine_analyze.Luzzati_coordinate_error_free   0.23 
_refine_analyze.Luzzati_sigma_a_free            0.18 
_refine_analyze.Luzzati_d_res_low_free          ? 
_refine_analyze.number_disordered_residues      ? 
_refine_analyze.occupancy_sum_hydrogen          ? 
_refine_analyze.occupancy_sum_non_hydrogen      ? 
_refine_analyze.pdbx_Luzzati_d_res_high_obs     ? 
_refine_analyze.pdbx_refine_id                  'X-RAY DIFFRACTION' 
# 
_refine_hist.pdbx_refine_id                   'X-RAY DIFFRACTION' 
_refine_hist.cycle_id                         LAST 
_refine_hist.pdbx_number_atoms_protein        1076 
_refine_hist.pdbx_number_atoms_nucleic_acid   0 
_refine_hist.pdbx_number_atoms_ligand         2 
_refine_hist.number_atoms_solvent             133 
_refine_hist.number_atoms_total               1211 
_refine_hist.d_res_high                       1.60 
_refine_hist.d_res_low                        23.71 
# 
loop_
_refine_ls_restr.type 
_refine_ls_restr.dev_ideal 
_refine_ls_restr.dev_ideal_target 
_refine_ls_restr.weight 
_refine_ls_restr.number 
_refine_ls_restr.pdbx_refine_id 
_refine_ls_restr.pdbx_restraint_function 
c_bond_d           0.005 ?    ? ? 'X-RAY DIFFRACTION' ? 
c_angle_deg        1.3   ?    ? ? 'X-RAY DIFFRACTION' ? 
c_dihedral_angle_d 23.0  ?    ? ? 'X-RAY DIFFRACTION' ? 
c_improper_angle_d 0.79  ?    ? ? 'X-RAY DIFFRACTION' ? 
c_mcbond_it        1.23  1.50 ? ? 'X-RAY DIFFRACTION' ? 
c_mcangle_it       1.83  2.00 ? ? 'X-RAY DIFFRACTION' ? 
c_scbond_it        2.14  2.00 ? ? 'X-RAY DIFFRACTION' ? 
c_scangle_it       3.19  2.50 ? ? 'X-RAY DIFFRACTION' ? 
# 
_refine_ls_shell.pdbx_total_number_of_bins_used   10 
_refine_ls_shell.d_res_high                       1.60 
_refine_ls_shell.d_res_low                        1.66 
_refine_ls_shell.number_reflns_R_work             1624 
_refine_ls_shell.R_factor_R_work                  0.27 
_refine_ls_shell.percent_reflns_obs               91.2 
_refine_ls_shell.R_factor_R_free                  0.324 
_refine_ls_shell.R_factor_R_free_error            0.036 
_refine_ls_shell.percent_reflns_R_free            4.6 
_refine_ls_shell.number_reflns_R_free             79 
_refine_ls_shell.number_reflns_all                ? 
_refine_ls_shell.R_factor_all                     ? 
_refine_ls_shell.number_reflns_obs                ? 
_refine_ls_shell.redundancy_reflns_obs            ? 
_refine_ls_shell.pdbx_refine_id                   'X-RAY DIFFRACTION' 
# 
loop_
_pdbx_xplor_file.serial_no 
_pdbx_xplor_file.param_file 
_pdbx_xplor_file.topol_file 
_pdbx_xplor_file.pdbx_refine_id 
1 protein_rep.param      protein.top           'X-RAY DIFFRACTION' 
2 water_rep.param        water.top             'X-RAY DIFFRACTION' 
3 ion.param              ion.top               'X-RAY DIFFRACTION' 
4 &_1_PARAMETER_INFILE_4 &_1_TOPOLOGY_INFILE_4 'X-RAY DIFFRACTION' 
5 &_1_PARAMETER_INFILE_5 &_1_TOPOLOGY_INFILE_5 'X-RAY DIFFRACTION' 
# 
_struct.entry_id                  2PAG 
_struct.title                     'Crystal structure of protein PSPTO_5518 from Pseudomonas syringae pv. tomato' 
_struct.pdbx_model_details        ? 
_struct.pdbx_CASP_flag            ? 
_struct.pdbx_model_type_details   ? 
# 
_struct_keywords.entry_id        2PAG 
_struct_keywords.pdbx_keywords   'STRUCTURAL GENOMICS, UNKNOWN FUNCTION' 
_struct_keywords.text            
;NYSGX, target 10412i, novel fold, Structural Genomics, PSI-2, Protein Structure Initiative, New York SGX Research Center for Structural Genomics, NYSGXRC, UNKNOWN FUNCTION
;
# 
loop_
_struct_asym.id 
_struct_asym.pdbx_blank_PDB_chainid_flag 
_struct_asym.pdbx_modified 
_struct_asym.entity_id 
_struct_asym.details 
A N N 1 ? 
B N N 2 ? 
C N N 2 ? 
D N N 3 ? 
# 
_struct_ref.id                         1 
_struct_ref.db_name                    UNP 
_struct_ref.db_code                    Q87TZ9_PSESM 
_struct_ref.pdbx_db_accession          Q87TZ9 
_struct_ref.entity_id                  1 
_struct_ref.pdbx_seq_one_letter_code   
;EEVIEQLREANEPVPVPLELPDEDQLVEIEEQLFINIPFVFKEFLLTVSDVVYGSLEPVTVTDPQSHTYLPEVCATAWDL
GVPRELIPICQDGEDYYCVEEDGTVLLWSAEEELVTEESWESVWHWARDVWLES
;
_struct_ref.pdbx_align_begin           2 
_struct_ref.pdbx_db_isoform            ? 
# 
_struct_ref_seq.align_id                      1 
_struct_ref_seq.ref_id                        1 
_struct_ref_seq.pdbx_PDB_id_code              2PAG 
_struct_ref_seq.pdbx_strand_id                A 
_struct_ref_seq.seq_align_beg                 2 
_struct_ref_seq.pdbx_seq_align_beg_ins_code   ? 
_struct_ref_seq.seq_align_end                 135 
_struct_ref_seq.pdbx_seq_align_end_ins_code   ? 
_struct_ref_seq.pdbx_db_accession             Q87TZ9 
_struct_ref_seq.db_align_beg                  2 
_struct_ref_seq.pdbx_db_align_beg_ins_code    ? 
_struct_ref_seq.db_align_end                  135 
_struct_ref_seq.pdbx_db_align_end_ins_code    ? 
_struct_ref_seq.pdbx_auth_seq_align_beg       2 
_struct_ref_seq.pdbx_auth_seq_align_end       135 
# 
_struct_ref_seq_dif.align_id                     1 
_struct_ref_seq_dif.pdbx_pdb_id_code             2PAG 
_struct_ref_seq_dif.mon_id                       LEU 
_struct_ref_seq_dif.pdbx_pdb_strand_id           A 
_struct_ref_seq_dif.seq_num                      1 
_struct_ref_seq_dif.pdbx_pdb_ins_code            ? 
_struct_ref_seq_dif.pdbx_seq_db_name             UNP 
_struct_ref_seq_dif.pdbx_seq_db_accession_code   Q87TZ9 
_struct_ref_seq_dif.db_mon_id                    ? 
_struct_ref_seq_dif.pdbx_seq_db_seq_num          ? 
_struct_ref_seq_dif.details                      'engineered mutation' 
_struct_ref_seq_dif.pdbx_auth_seq_num            1 
_struct_ref_seq_dif.pdbx_ordinal                 1 
# 
_pdbx_struct_assembly.id                   1 
_pdbx_struct_assembly.details              author_defined_assembly 
_pdbx_struct_assembly.method_details       ? 
_pdbx_struct_assembly.oligomeric_details   monomeric 
_pdbx_struct_assembly.oligomeric_count     1 
# 
_pdbx_struct_assembly_gen.assembly_id       1 
_pdbx_struct_assembly_gen.oper_expression   1 
_pdbx_struct_assembly_gen.asym_id_list      A,B,C,D 
# 
_pdbx_struct_oper_list.id                   1 
_pdbx_struct_oper_list.type                 'identity operation' 
_pdbx_struct_oper_list.name                 1_555 
_pdbx_struct_oper_list.symmetry_operation   x,y,z 
_pdbx_struct_oper_list.matrix[1][1]         1.0000000000 
_pdbx_struct_oper_list.matrix[1][2]         0.0000000000 
_pdbx_struct_oper_list.matrix[1][3]         0.0000000000 
_pdbx_struct_oper_list.vector[1]            0.0000000000 
_pdbx_struct_oper_list.matrix[2][1]         0.0000000000 
_pdbx_struct_oper_list.matrix[2][2]         1.0000000000 
_pdbx_struct_oper_list.matrix[2][3]         0.0000000000 
_pdbx_struct_oper_list.vector[2]            0.0000000000 
_pdbx_struct_oper_list.matrix[3][1]         0.0000000000 
_pdbx_struct_oper_list.matrix[3][2]         0.0000000000 
_pdbx_struct_oper_list.matrix[3][3]         1.0000000000 
_pdbx_struct_oper_list.vector[3]            0.0000000000 
# 
_struct_biol.id                    1 
_struct_biol.details               'The biological assembly is a monomer' 
_struct_biol.pdbx_parent_biol_id   ? 
# 
loop_
_struct_conf.conf_type_id 
_struct_conf.id 
_struct_conf.pdbx_PDB_helix_id 
_struct_conf.beg_label_comp_id 
_struct_conf.beg_label_asym_id 
_struct_conf.beg_label_seq_id 
_struct_conf.pdbx_beg_PDB_ins_code 
_struct_conf.end_label_comp_id 
_struct_conf.end_label_asym_id 
_struct_conf.end_label_seq_id 
_struct_conf.pdbx_end_PDB_ins_code 
_struct_conf.beg_auth_comp_id 
_struct_conf.beg_auth_asym_id 
_struct_conf.beg_auth_seq_id 
_struct_conf.end_auth_comp_id 
_struct_conf.end_auth_asym_id 
_struct_conf.end_auth_seq_id 
_struct_conf.pdbx_PDB_helix_class 
_struct_conf.details 
_struct_conf.pdbx_PDB_helix_length 
HELX_P HELX_P1 1 LEU A 1   ? ASN A 12  ? LEU A 1   ASN A 12  1 ? 12 
HELX_P HELX_P2 2 ASP A 23  ? PHE A 35  ? ASP A 23  PHE A 35  1 ? 13 
HELX_P HELX_P3 3 PRO A 39  ? SER A 50  ? PRO A 39  SER A 50  1 ? 12 
HELX_P HELX_P4 4 TYR A 70  ? GLY A 82  ? TYR A 70  GLY A 82  1 ? 13 
HELX_P HELX_P5 5 SER A 123 ? VAL A 131 ? SER A 123 VAL A 131 1 ? 9  
# 
_struct_conf_type.id          HELX_P 
_struct_conf_type.criteria    ? 
_struct_conf_type.reference   ? 
# 
loop_
_struct_conn.id 
_struct_conn.conn_type_id 
_struct_conn.pdbx_leaving_atom_flag 
_struct_conn.pdbx_PDB_id 
_struct_conn.ptnr1_label_asym_id 
_struct_conn.ptnr1_label_comp_id 
_struct_conn.ptnr1_label_seq_id 
_struct_conn.ptnr1_label_atom_id 
_struct_conn.pdbx_ptnr1_label_alt_id 
_struct_conn.pdbx_ptnr1_PDB_ins_code 
_struct_conn.pdbx_ptnr1_standard_comp_id 
_struct_conn.ptnr1_symmetry 
_struct_conn.ptnr2_label_asym_id 
_struct_conn.ptnr2_label_comp_id 
_struct_conn.ptnr2_label_seq_id 
_struct_conn.ptnr2_label_atom_id 
_struct_conn.pdbx_ptnr2_label_alt_id 
_struct_conn.pdbx_ptnr2_PDB_ins_code 
_struct_conn.ptnr1_auth_asym_id 
_struct_conn.ptnr1_auth_comp_id 
_struct_conn.ptnr1_auth_seq_id 
_struct_conn.ptnr2_auth_asym_id 
_struct_conn.ptnr2_auth_comp_id 
_struct_conn.ptnr2_auth_seq_id 
_struct_conn.ptnr2_symmetry 
_struct_conn.pdbx_ptnr3_label_atom_id 
_struct_conn.pdbx_ptnr3_label_seq_id 
_struct_conn.pdbx_ptnr3_label_comp_id 
_struct_conn.pdbx_ptnr3_label_asym_id 
_struct_conn.pdbx_ptnr3_label_alt_id 
_struct_conn.pdbx_ptnr3_PDB_ins_code 
_struct_conn.details 
_struct_conn.pdbx_dist_value 
_struct_conn.pdbx_value_order 
_struct_conn.pdbx_role 
metalc1  metalc ? ? A GLU 6   OE2 ? ? ? 3_555 B CA  . CA ? ? A GLU 6   A CA  201 1_555 ? ? ? ? ? ? ? 2.370 ? ? 
metalc2  metalc ? ? A GLU 6   OE2 ? ? ? 3_555 C CA  . CA ? ? A GLU 6   A CA  202 1_555 ? ? ? ? ? ? ? 2.449 ? ? 
metalc3  metalc ? ? A GLU 6   OE1 ? ? ? 3_555 C CA  . CA ? ? A GLU 6   A CA  202 1_555 ? ? ? ? ? ? ? 2.508 ? ? 
metalc4  metalc ? ? A GLU 10  OE2 ? ? ? 3_555 B CA  . CA ? ? A GLU 10  A CA  201 1_555 ? ? ? ? ? ? ? 2.255 ? ? 
metalc5  metalc ? ? A GLU 101 OE1 ? ? ? 1_555 B CA  . CA ? ? A GLU 101 A CA  201 1_555 ? ? ? ? ? ? ? 2.107 ? ? 
metalc6  metalc ? ? A ASP 103 OD1 ? ? ? 1_555 B CA  . CA ? ? A ASP 103 A CA  201 1_555 ? ? ? ? ? ? ? 2.478 ? ? 
metalc7  metalc ? ? A ASP 103 OD2 ? ? ? 1_555 B CA  . CA ? ? A ASP 103 A CA  201 1_555 ? ? ? ? ? ? ? 2.499 ? ? 
metalc8  metalc ? ? A ASP 103 OD2 ? ? ? 1_555 C CA  . CA ? ? A ASP 103 A CA  202 1_555 ? ? ? ? ? ? ? 2.352 ? ? 
metalc9  metalc ? ? A THR 105 OG1 ? ? ? 1_555 B CA  . CA ? ? A THR 105 A CA  201 1_555 ? ? ? ? ? ? ? 2.428 ? ? 
metalc10 metalc ? ? B CA  .   CA  ? ? ? 1_555 D HOH . O  ? ? A CA  201 A HOH 214 3_555 ? ? ? ? ? ? ? 2.587 ? ? 
metalc11 metalc ? ? C CA  .   CA  ? ? ? 1_555 D HOH . O  ? ? A CA  202 A HOH 280 1_555 ? ? ? ? ? ? ? 2.410 ? ? 
metalc12 metalc ? ? C CA  .   CA  ? ? ? 1_555 D HOH . O  ? ? A CA  202 A HOH 282 1_555 ? ? ? ? ? ? ? 2.781 ? ? 
metalc13 metalc ? ? C CA  .   CA  ? ? ? 1_555 D HOH . O  ? ? A CA  202 A HOH 296 3_555 ? ? ? ? ? ? ? 2.330 ? ? 
metalc14 metalc ? ? C CA  .   CA  ? ? ? 1_555 D HOH . O  ? ? A CA  202 A HOH 308 1_555 ? ? ? ? ? ? ? 2.470 ? ? 
metalc15 metalc ? ? C CA  .   CA  ? ? ? 1_555 D HOH . O  ? ? A CA  202 A HOH 316 1_555 ? ? ? ? ? ? ? 2.589 ? ? 
# 
_struct_conn_type.id          metalc 
_struct_conn_type.criteria    ? 
_struct_conn_type.reference   ? 
# 
loop_
_pdbx_struct_conn_angle.id 
_pdbx_struct_conn_angle.ptnr1_label_atom_id 
_pdbx_struct_conn_angle.ptnr1_label_alt_id 
_pdbx_struct_conn_angle.ptnr1_label_asym_id 
_pdbx_struct_conn_angle.ptnr1_label_comp_id 
_pdbx_struct_conn_angle.ptnr1_label_seq_id 
_pdbx_struct_conn_angle.ptnr1_auth_atom_id 
_pdbx_struct_conn_angle.ptnr1_auth_asym_id 
_pdbx_struct_conn_angle.ptnr1_auth_comp_id 
_pdbx_struct_conn_angle.ptnr1_auth_seq_id 
_pdbx_struct_conn_angle.ptnr1_PDB_ins_code 
_pdbx_struct_conn_angle.ptnr1_symmetry 
_pdbx_struct_conn_angle.ptnr2_label_atom_id 
_pdbx_struct_conn_angle.ptnr2_label_alt_id 
_pdbx_struct_conn_angle.ptnr2_label_asym_id 
_pdbx_struct_conn_angle.ptnr2_label_comp_id 
_pdbx_struct_conn_angle.ptnr2_label_seq_id 
_pdbx_struct_conn_angle.ptnr2_auth_atom_id 
_pdbx_struct_conn_angle.ptnr2_auth_asym_id 
_pdbx_struct_conn_angle.ptnr2_auth_comp_id 
_pdbx_struct_conn_angle.ptnr2_auth_seq_id 
_pdbx_struct_conn_angle.ptnr2_PDB_ins_code 
_pdbx_struct_conn_angle.ptnr2_symmetry 
_pdbx_struct_conn_angle.ptnr3_label_atom_id 
_pdbx_struct_conn_angle.ptnr3_label_alt_id 
_pdbx_struct_conn_angle.ptnr3_label_asym_id 
_pdbx_struct_conn_angle.ptnr3_label_comp_id 
_pdbx_struct_conn_angle.ptnr3_label_seq_id 
_pdbx_struct_conn_angle.ptnr3_auth_atom_id 
_pdbx_struct_conn_angle.ptnr3_auth_asym_id 
_pdbx_struct_conn_angle.ptnr3_auth_comp_id 
_pdbx_struct_conn_angle.ptnr3_auth_seq_id 
_pdbx_struct_conn_angle.ptnr3_PDB_ins_code 
_pdbx_struct_conn_angle.ptnr3_symmetry 
_pdbx_struct_conn_angle.value 
_pdbx_struct_conn_angle.value_esd 
1  OE2 ? A GLU 6   ? A GLU 6   ? 3_555 CA ? B CA . ? A CA 201 ? 1_555 OE2 ? A GLU 10  ? A GLU 10  ? 3_555 83.9  ? 
2  OE2 ? A GLU 6   ? A GLU 6   ? 3_555 CA ? B CA . ? A CA 201 ? 1_555 OE1 ? A GLU 101 ? A GLU 101 ? 1_555 111.5 ? 
3  OE2 ? A GLU 10  ? A GLU 10  ? 3_555 CA ? B CA . ? A CA 201 ? 1_555 OE1 ? A GLU 101 ? A GLU 101 ? 1_555 95.3  ? 
4  OE2 ? A GLU 6   ? A GLU 6   ? 3_555 CA ? B CA . ? A CA 201 ? 1_555 OD1 ? A ASP 103 ? A ASP 103 ? 1_555 117.0 ? 
5  OE2 ? A GLU 10  ? A GLU 10  ? 3_555 CA ? B CA . ? A CA 201 ? 1_555 OD1 ? A ASP 103 ? A ASP 103 ? 1_555 155.7 ? 
6  OE1 ? A GLU 101 ? A GLU 101 ? 1_555 CA ? B CA . ? A CA 201 ? 1_555 OD1 ? A ASP 103 ? A ASP 103 ? 1_555 88.4  ? 
7  OE2 ? A GLU 6   ? A GLU 6   ? 3_555 CA ? B CA . ? A CA 201 ? 1_555 OD2 ? A ASP 103 ? A ASP 103 ? 1_555 65.2  ? 
8  OE2 ? A GLU 10  ? A GLU 10  ? 3_555 CA ? B CA . ? A CA 201 ? 1_555 OD2 ? A ASP 103 ? A ASP 103 ? 1_555 144.1 ? 
9  OE1 ? A GLU 101 ? A GLU 101 ? 1_555 CA ? B CA . ? A CA 201 ? 1_555 OD2 ? A ASP 103 ? A ASP 103 ? 1_555 112.3 ? 
10 OD1 ? A ASP 103 ? A ASP 103 ? 1_555 CA ? B CA . ? A CA 201 ? 1_555 OD2 ? A ASP 103 ? A ASP 103 ? 1_555 52.1  ? 
11 OE2 ? A GLU 6   ? A GLU 6   ? 3_555 CA ? B CA . ? A CA 201 ? 1_555 OG1 ? A THR 105 ? A THR 105 ? 1_555 149.7 ? 
12 OE2 ? A GLU 10  ? A GLU 10  ? 3_555 CA ? B CA . ? A CA 201 ? 1_555 OG1 ? A THR 105 ? A THR 105 ? 1_555 80.2  ? 
13 OE1 ? A GLU 101 ? A GLU 101 ? 1_555 CA ? B CA . ? A CA 201 ? 1_555 OG1 ? A THR 105 ? A THR 105 ? 1_555 95.6  ? 
14 OD1 ? A ASP 103 ? A ASP 103 ? 1_555 CA ? B CA . ? A CA 201 ? 1_555 OG1 ? A THR 105 ? A THR 105 ? 1_555 75.5  ? 
15 OD2 ? A ASP 103 ? A ASP 103 ? 1_555 CA ? B CA . ? A CA 201 ? 1_555 OG1 ? A THR 105 ? A THR 105 ? 1_555 117.5 ? 
16 OE2 ? A GLU 6   ? A GLU 6   ? 3_555 CA ? B CA . ? A CA 201 ? 1_555 O   ? D HOH .   ? A HOH 214 ? 3_555 78.0  ? 
17 OE2 ? A GLU 10  ? A GLU 10  ? 3_555 CA ? B CA . ? A CA 201 ? 1_555 O   ? D HOH .   ? A HOH 214 ? 3_555 80.5  ? 
18 OE1 ? A GLU 101 ? A GLU 101 ? 1_555 CA ? B CA . ? A CA 201 ? 1_555 O   ? D HOH .   ? A HOH 214 ? 3_555 169.4 ? 
19 OD1 ? A ASP 103 ? A ASP 103 ? 1_555 CA ? B CA . ? A CA 201 ? 1_555 O   ? D HOH .   ? A HOH 214 ? 3_555 91.5  ? 
20 OD2 ? A ASP 103 ? A ASP 103 ? 1_555 CA ? B CA . ? A CA 201 ? 1_555 O   ? D HOH .   ? A HOH 214 ? 3_555 75.7  ? 
21 OG1 ? A THR 105 ? A THR 105 ? 1_555 CA ? B CA . ? A CA 201 ? 1_555 O   ? D HOH .   ? A HOH 214 ? 3_555 74.1  ? 
22 OE2 ? A GLU 6   ? A GLU 6   ? 3_555 CA ? C CA . ? A CA 202 ? 1_555 OE1 ? A GLU 6   ? A GLU 6   ? 3_555 52.2  ? 
23 OE2 ? A GLU 6   ? A GLU 6   ? 3_555 CA ? C CA . ? A CA 202 ? 1_555 OD2 ? A ASP 103 ? A ASP 103 ? 1_555 66.3  ? 
24 OE1 ? A GLU 6   ? A GLU 6   ? 3_555 CA ? C CA . ? A CA 202 ? 1_555 OD2 ? A ASP 103 ? A ASP 103 ? 1_555 118.0 ? 
25 OE2 ? A GLU 6   ? A GLU 6   ? 3_555 CA ? C CA . ? A CA 202 ? 1_555 O   ? D HOH .   ? A HOH 280 ? 1_555 82.1  ? 
26 OE1 ? A GLU 6   ? A GLU 6   ? 3_555 CA ? C CA . ? A CA 202 ? 1_555 O   ? D HOH .   ? A HOH 280 ? 1_555 96.4  ? 
27 OD2 ? A ASP 103 ? A ASP 103 ? 1_555 CA ? C CA . ? A CA 202 ? 1_555 O   ? D HOH .   ? A HOH 280 ? 1_555 81.0  ? 
28 OE2 ? A GLU 6   ? A GLU 6   ? 3_555 CA ? C CA . ? A CA 202 ? 1_555 O   ? D HOH .   ? A HOH 282 ? 1_555 133.8 ? 
29 OE1 ? A GLU 6   ? A GLU 6   ? 3_555 CA ? C CA . ? A CA 202 ? 1_555 O   ? D HOH .   ? A HOH 282 ? 1_555 147.3 ? 
30 OD2 ? A ASP 103 ? A ASP 103 ? 1_555 CA ? C CA . ? A CA 202 ? 1_555 O   ? D HOH .   ? A HOH 282 ? 1_555 82.1  ? 
31 O   ? D HOH .   ? A HOH 280 ? 1_555 CA ? C CA . ? A CA 202 ? 1_555 O   ? D HOH .   ? A HOH 282 ? 1_555 59.4  ? 
32 OE2 ? A GLU 6   ? A GLU 6   ? 3_555 CA ? C CA . ? A CA 202 ? 1_555 O   ? D HOH .   ? A HOH 296 ? 3_555 128.7 ? 
33 OE1 ? A GLU 6   ? A GLU 6   ? 3_555 CA ? C CA . ? A CA 202 ? 1_555 O   ? D HOH .   ? A HOH 296 ? 3_555 78.3  ? 
34 OD2 ? A ASP 103 ? A ASP 103 ? 1_555 CA ? C CA . ? A CA 202 ? 1_555 O   ? D HOH .   ? A HOH 296 ? 3_555 162.8 ? 
35 O   ? D HOH .   ? A HOH 280 ? 1_555 CA ? C CA . ? A CA 202 ? 1_555 O   ? D HOH .   ? A HOH 296 ? 3_555 92.2  ? 
36 O   ? D HOH .   ? A HOH 282 ? 1_555 CA ? C CA . ? A CA 202 ? 1_555 O   ? D HOH .   ? A HOH 296 ? 3_555 80.9  ? 
37 OE2 ? A GLU 6   ? A GLU 6   ? 3_555 CA ? C CA . ? A CA 202 ? 1_555 O   ? D HOH .   ? A HOH 308 ? 1_555 151.9 ? 
38 OE1 ? A GLU 6   ? A GLU 6   ? 3_555 CA ? C CA . ? A CA 202 ? 1_555 O   ? D HOH .   ? A HOH 308 ? 1_555 135.1 ? 
39 OD2 ? A ASP 103 ? A ASP 103 ? 1_555 CA ? C CA . ? A CA 202 ? 1_555 O   ? D HOH .   ? A HOH 308 ? 1_555 96.3  ? 
40 O   ? D HOH .   ? A HOH 280 ? 1_555 CA ? C CA . ? A CA 202 ? 1_555 O   ? D HOH .   ? A HOH 308 ? 1_555 118.2 ? 
41 O   ? D HOH .   ? A HOH 282 ? 1_555 CA ? C CA . ? A CA 202 ? 1_555 O   ? D HOH .   ? A HOH 308 ? 1_555 59.0  ? 
42 O   ? D HOH .   ? A HOH 296 ? 3_555 CA ? C CA . ? A CA 202 ? 1_555 O   ? D HOH .   ? A HOH 308 ? 1_555 72.9  ? 
43 OE2 ? A GLU 6   ? A GLU 6   ? 3_555 CA ? C CA . ? A CA 202 ? 1_555 O   ? D HOH .   ? A HOH 316 ? 1_555 79.3  ? 
44 OE1 ? A GLU 6   ? A GLU 6   ? 3_555 CA ? C CA . ? A CA 202 ? 1_555 O   ? D HOH .   ? A HOH 316 ? 1_555 81.8  ? 
45 OD2 ? A ASP 103 ? A ASP 103 ? 1_555 CA ? C CA . ? A CA 202 ? 1_555 O   ? D HOH .   ? A HOH 316 ? 1_555 80.4  ? 
46 O   ? D HOH .   ? A HOH 280 ? 1_555 CA ? C CA . ? A CA 202 ? 1_555 O   ? D HOH .   ? A HOH 316 ? 1_555 157.7 ? 
47 O   ? D HOH .   ? A HOH 282 ? 1_555 CA ? C CA . ? A CA 202 ? 1_555 O   ? D HOH .   ? A HOH 316 ? 1_555 129.1 ? 
48 O   ? D HOH .   ? A HOH 296 ? 3_555 CA ? C CA . ? A CA 202 ? 1_555 O   ? D HOH .   ? A HOH 316 ? 1_555 109.0 ? 
49 O   ? D HOH .   ? A HOH 308 ? 1_555 CA ? C CA . ? A CA 202 ? 1_555 O   ? D HOH .   ? A HOH 316 ? 1_555 76.1  ? 
# 
_struct_sheet.id               A 
_struct_sheet.type             ? 
_struct_sheet.number_strands   4 
_struct_sheet.details          ? 
# 
loop_
_struct_sheet_order.sheet_id 
_struct_sheet_order.range_id_1 
_struct_sheet_order.range_id_2 
_struct_sheet_order.offset 
_struct_sheet_order.sense 
A 1 2 ? anti-parallel 
A 2 3 ? anti-parallel 
A 3 4 ? anti-parallel 
# 
loop_
_struct_sheet_range.sheet_id 
_struct_sheet_range.id 
_struct_sheet_range.beg_label_comp_id 
_struct_sheet_range.beg_label_asym_id 
_struct_sheet_range.beg_label_seq_id 
_struct_sheet_range.pdbx_beg_PDB_ins_code 
_struct_sheet_range.end_label_comp_id 
_struct_sheet_range.end_label_asym_id 
_struct_sheet_range.end_label_seq_id 
_struct_sheet_range.pdbx_end_PDB_ins_code 
_struct_sheet_range.beg_auth_comp_id 
_struct_sheet_range.beg_auth_asym_id 
_struct_sheet_range.beg_auth_seq_id 
_struct_sheet_range.end_auth_comp_id 
_struct_sheet_range.end_auth_asym_id 
_struct_sheet_range.end_auth_seq_id 
A 1 ILE A 88  ? ASP A 93  ? ILE A 88  ASP A 93  
A 2 ASP A 96  ? VAL A 100 ? ASP A 96  VAL A 100 
A 3 VAL A 106 ? TRP A 109 ? VAL A 106 TRP A 109 
A 4 VAL A 116 ? TRP A 121 ? VAL A 116 TRP A 121 
# 
loop_
_pdbx_struct_sheet_hbond.sheet_id 
_pdbx_struct_sheet_hbond.range_id_1 
_pdbx_struct_sheet_hbond.range_id_2 
_pdbx_struct_sheet_hbond.range_1_label_atom_id 
_pdbx_struct_sheet_hbond.range_1_label_comp_id 
_pdbx_struct_sheet_hbond.range_1_label_asym_id 
_pdbx_struct_sheet_hbond.range_1_label_seq_id 
_pdbx_struct_sheet_hbond.range_1_PDB_ins_code 
_pdbx_struct_sheet_hbond.range_1_auth_atom_id 
_pdbx_struct_sheet_hbond.range_1_auth_comp_id 
_pdbx_struct_sheet_hbond.range_1_auth_asym_id 
_pdbx_struct_sheet_hbond.range_1_auth_seq_id 
_pdbx_struct_sheet_hbond.range_2_label_atom_id 
_pdbx_struct_sheet_hbond.range_2_label_comp_id 
_pdbx_struct_sheet_hbond.range_2_label_asym_id 
_pdbx_struct_sheet_hbond.range_2_label_seq_id 
_pdbx_struct_sheet_hbond.range_2_PDB_ins_code 
_pdbx_struct_sheet_hbond.range_2_auth_atom_id 
_pdbx_struct_sheet_hbond.range_2_auth_comp_id 
_pdbx_struct_sheet_hbond.range_2_auth_asym_id 
_pdbx_struct_sheet_hbond.range_2_auth_seq_id 
A 1 2 N ILE A 90  ? N ILE A 90  O TYR A 98  ? O TYR A 98  
A 2 3 N CYS A 99  ? N CYS A 99  O LEU A 107 ? O LEU A 107 
A 3 4 N LEU A 108 ? N LEU A 108 O THR A 117 ? O THR A 117 
# 
loop_
_struct_site.id 
_struct_site.pdbx_evidence_code 
_struct_site.pdbx_auth_asym_id 
_struct_site.pdbx_auth_comp_id 
_struct_site.pdbx_auth_seq_id 
_struct_site.pdbx_auth_ins_code 
_struct_site.pdbx_num_residues 
_struct_site.details 
AC1 Software A CA 201 ? 6 'BINDING SITE FOR RESIDUE CA A 201' 
AC2 Software A CA 202 ? 7 'BINDING SITE FOR RESIDUE CA A 202' 
# 
loop_
_struct_site_gen.id 
_struct_site_gen.site_id 
_struct_site_gen.pdbx_num_res 
_struct_site_gen.label_comp_id 
_struct_site_gen.label_asym_id 
_struct_site_gen.label_seq_id 
_struct_site_gen.pdbx_auth_ins_code 
_struct_site_gen.auth_comp_id 
_struct_site_gen.auth_asym_id 
_struct_site_gen.auth_seq_id 
_struct_site_gen.label_atom_id 
_struct_site_gen.label_alt_id 
_struct_site_gen.symmetry 
_struct_site_gen.details 
1  AC1 6 GLU A 6   ? GLU A 6   . ? 3_555 ? 
2  AC1 6 GLU A 10  ? GLU A 10  . ? 3_555 ? 
3  AC1 6 GLU A 101 ? GLU A 101 . ? 1_555 ? 
4  AC1 6 ASP A 103 ? ASP A 103 . ? 1_555 ? 
5  AC1 6 THR A 105 ? THR A 105 . ? 1_555 ? 
6  AC1 6 HOH D .   ? HOH A 214 . ? 3_555 ? 
7  AC2 7 GLU A 6   ? GLU A 6   . ? 3_555 ? 
8  AC2 7 ASP A 103 ? ASP A 103 . ? 1_555 ? 
9  AC2 7 HOH D .   ? HOH A 280 . ? 1_555 ? 
10 AC2 7 HOH D .   ? HOH A 282 . ? 1_555 ? 
11 AC2 7 HOH D .   ? HOH A 296 . ? 3_555 ? 
12 AC2 7 HOH D .   ? HOH A 308 . ? 1_555 ? 
13 AC2 7 HOH D .   ? HOH A 316 . ? 1_555 ? 
# 
_pdbx_SG_project.id                    1 
_pdbx_SG_project.project_name          'PSI, Protein Structure Initiative' 
_pdbx_SG_project.full_name_of_center   'New York SGX Research Center for Structural Genomics' 
_pdbx_SG_project.initial_of_center     NYSGXRC 
# 
loop_
_pdbx_struct_special_symmetry.id 
_pdbx_struct_special_symmetry.PDB_model_num 
_pdbx_struct_special_symmetry.auth_asym_id 
_pdbx_struct_special_symmetry.auth_comp_id 
_pdbx_struct_special_symmetry.auth_seq_id 
_pdbx_struct_special_symmetry.PDB_ins_code 
_pdbx_struct_special_symmetry.label_asym_id 
_pdbx_struct_special_symmetry.label_comp_id 
_pdbx_struct_special_symmetry.label_seq_id 
1 1 A HOH 212 ? D HOH . 
2 1 A HOH 271 ? D HOH . 
# 
loop_
_pdbx_unobs_or_zero_occ_residues.id 
_pdbx_unobs_or_zero_occ_residues.PDB_model_num 
_pdbx_unobs_or_zero_occ_residues.polymer_flag 
_pdbx_unobs_or_zero_occ_residues.occupancy_flag 
_pdbx_unobs_or_zero_occ_residues.auth_asym_id 
_pdbx_unobs_or_zero_occ_residues.auth_comp_id 
_pdbx_unobs_or_zero_occ_residues.auth_seq_id 
_pdbx_unobs_or_zero_occ_residues.PDB_ins_code 
_pdbx_unobs_or_zero_occ_residues.label_asym_id 
_pdbx_unobs_or_zero_occ_residues.label_comp_id 
_pdbx_unobs_or_zero_occ_residues.label_seq_id 
1 1 Y 1 A GLU 112 ? A GLU 112 
2 1 Y 1 A GLU 113 ? A GLU 113 
3 1 Y 1 A GLU 114 ? A GLU 114 
# 
loop_
_chem_comp_atom.comp_id 
_chem_comp_atom.atom_id 
_chem_comp_atom.type_symbol 
_chem_comp_atom.pdbx_aromatic_flag 
_chem_comp_atom.pdbx_stereo_config 
_chem_comp_atom.pdbx_ordinal 
ALA N    N  N N 1   
ALA CA   C  N S 2   
ALA C    C  N N 3   
ALA O    O  N N 4   
ALA CB   C  N N 5   
ALA OXT  O  N N 6   
ALA H    H  N N 7   
ALA H2   H  N N 8   
ALA HA   H  N N 9   
ALA HB1  H  N N 10  
ALA HB2  H  N N 11  
ALA HB3  H  N N 12  
ALA HXT  H  N N 13  
ARG N    N  N N 14  
ARG CA   C  N S 15  
ARG C    C  N N 16  
ARG O    O  N N 17  
ARG CB   C  N N 18  
ARG CG   C  N N 19  
ARG CD   C  N N 20  
ARG NE   N  N N 21  
ARG CZ   C  N N 22  
ARG NH1  N  N N 23  
ARG NH2  N  N N 24  
ARG OXT  O  N N 25  
ARG H    H  N N 26  
ARG H2   H  N N 27  
ARG HA   H  N N 28  
ARG HB2  H  N N 29  
ARG HB3  H  N N 30  
ARG HG2  H  N N 31  
ARG HG3  H  N N 32  
ARG HD2  H  N N 33  
ARG HD3  H  N N 34  
ARG HE   H  N N 35  
ARG HH11 H  N N 36  
ARG HH12 H  N N 37  
ARG HH21 H  N N 38  
ARG HH22 H  N N 39  
ARG HXT  H  N N 40  
ASN N    N  N N 41  
ASN CA   C  N S 42  
ASN C    C  N N 43  
ASN O    O  N N 44  
ASN CB   C  N N 45  
ASN CG   C  N N 46  
ASN OD1  O  N N 47  
ASN ND2  N  N N 48  
ASN OXT  O  N N 49  
ASN H    H  N N 50  
ASN H2   H  N N 51  
ASN HA   H  N N 52  
ASN HB2  H  N N 53  
ASN HB3  H  N N 54  
ASN HD21 H  N N 55  
ASN HD22 H  N N 56  
ASN HXT  H  N N 57  
ASP N    N  N N 58  
ASP CA   C  N S 59  
ASP C    C  N N 60  
ASP O    O  N N 61  
ASP CB   C  N N 62  
ASP CG   C  N N 63  
ASP OD1  O  N N 64  
ASP OD2  O  N N 65  
ASP OXT  O  N N 66  
ASP H    H  N N 67  
ASP H2   H  N N 68  
ASP HA   H  N N 69  
ASP HB2  H  N N 70  
ASP HB3  H  N N 71  
ASP HD2  H  N N 72  
ASP HXT  H  N N 73  
CA  CA   CA N N 74  
CYS N    N  N N 75  
CYS CA   C  N R 76  
CYS C    C  N N 77  
CYS O    O  N N 78  
CYS CB   C  N N 79  
CYS SG   S  N N 80  
CYS OXT  O  N N 81  
CYS H    H  N N 82  
CYS H2   H  N N 83  
CYS HA   H  N N 84  
CYS HB2  H  N N 85  
CYS HB3  H  N N 86  
CYS HG   H  N N 87  
CYS HXT  H  N N 88  
GLN N    N  N N 89  
GLN CA   C  N S 90  
GLN C    C  N N 91  
GLN O    O  N N 92  
GLN CB   C  N N 93  
GLN CG   C  N N 94  
GLN CD   C  N N 95  
GLN OE1  O  N N 96  
GLN NE2  N  N N 97  
GLN OXT  O  N N 98  
GLN H    H  N N 99  
GLN H2   H  N N 100 
GLN HA   H  N N 101 
GLN HB2  H  N N 102 
GLN HB3  H  N N 103 
GLN HG2  H  N N 104 
GLN HG3  H  N N 105 
GLN HE21 H  N N 106 
GLN HE22 H  N N 107 
GLN HXT  H  N N 108 
GLU N    N  N N 109 
GLU CA   C  N S 110 
GLU C    C  N N 111 
GLU O    O  N N 112 
GLU CB   C  N N 113 
GLU CG   C  N N 114 
GLU CD   C  N N 115 
GLU OE1  O  N N 116 
GLU OE2  O  N N 117 
GLU OXT  O  N N 118 
GLU H    H  N N 119 
GLU H2   H  N N 120 
GLU HA   H  N N 121 
GLU HB2  H  N N 122 
GLU HB3  H  N N 123 
GLU HG2  H  N N 124 
GLU HG3  H  N N 125 
GLU HE2  H  N N 126 
GLU HXT  H  N N 127 
GLY N    N  N N 128 
GLY CA   C  N N 129 
GLY C    C  N N 130 
GLY O    O  N N 131 
GLY OXT  O  N N 132 
GLY H    H  N N 133 
GLY H2   H  N N 134 
GLY HA2  H  N N 135 
GLY HA3  H  N N 136 
GLY HXT  H  N N 137 
HIS N    N  N N 138 
HIS CA   C  N S 139 
HIS C    C  N N 140 
HIS O    O  N N 141 
HIS CB   C  N N 142 
HIS CG   C  Y N 143 
HIS ND1  N  Y N 144 
HIS CD2  C  Y N 145 
HIS CE1  C  Y N 146 
HIS NE2  N  Y N 147 
HIS OXT  O  N N 148 
HIS H    H  N N 149 
HIS H2   H  N N 150 
HIS HA   H  N N 151 
HIS HB2  H  N N 152 
HIS HB3  H  N N 153 
HIS HD1  H  N N 154 
HIS HD2  H  N N 155 
HIS HE1  H  N N 156 
HIS HE2  H  N N 157 
HIS HXT  H  N N 158 
HOH O    O  N N 159 
HOH H1   H  N N 160 
HOH H2   H  N N 161 
ILE N    N  N N 162 
ILE CA   C  N S 163 
ILE C    C  N N 164 
ILE O    O  N N 165 
ILE CB   C  N S 166 
ILE CG1  C  N N 167 
ILE CG2  C  N N 168 
ILE CD1  C  N N 169 
ILE OXT  O  N N 170 
ILE H    H  N N 171 
ILE H2   H  N N 172 
ILE HA   H  N N 173 
ILE HB   H  N N 174 
ILE HG12 H  N N 175 
ILE HG13 H  N N 176 
ILE HG21 H  N N 177 
ILE HG22 H  N N 178 
ILE HG23 H  N N 179 
ILE HD11 H  N N 180 
ILE HD12 H  N N 181 
ILE HD13 H  N N 182 
ILE HXT  H  N N 183 
LEU N    N  N N 184 
LEU CA   C  N S 185 
LEU C    C  N N 186 
LEU O    O  N N 187 
LEU CB   C  N N 188 
LEU CG   C  N N 189 
LEU CD1  C  N N 190 
LEU CD2  C  N N 191 
LEU OXT  O  N N 192 
LEU H    H  N N 193 
LEU H2   H  N N 194 
LEU HA   H  N N 195 
LEU HB2  H  N N 196 
LEU HB3  H  N N 197 
LEU HG   H  N N 198 
LEU HD11 H  N N 199 
LEU HD12 H  N N 200 
LEU HD13 H  N N 201 
LEU HD21 H  N N 202 
LEU HD22 H  N N 203 
LEU HD23 H  N N 204 
LEU HXT  H  N N 205 
LYS N    N  N N 206 
LYS CA   C  N S 207 
LYS C    C  N N 208 
LYS O    O  N N 209 
LYS CB   C  N N 210 
LYS CG   C  N N 211 
LYS CD   C  N N 212 
LYS CE   C  N N 213 
LYS NZ   N  N N 214 
LYS OXT  O  N N 215 
LYS H    H  N N 216 
LYS H2   H  N N 217 
LYS HA   H  N N 218 
LYS HB2  H  N N 219 
LYS HB3  H  N N 220 
LYS HG2  H  N N 221 
LYS HG3  H  N N 222 
LYS HD2  H  N N 223 
LYS HD3  H  N N 224 
LYS HE2  H  N N 225 
LYS HE3  H  N N 226 
LYS HZ1  H  N N 227 
LYS HZ2  H  N N 228 
LYS HZ3  H  N N 229 
LYS HXT  H  N N 230 
PHE N    N  N N 231 
PHE CA   C  N S 232 
PHE C    C  N N 233 
PHE O    O  N N 234 
PHE CB   C  N N 235 
PHE CG   C  Y N 236 
PHE CD1  C  Y N 237 
PHE CD2  C  Y N 238 
PHE CE1  C  Y N 239 
PHE CE2  C  Y N 240 
PHE CZ   C  Y N 241 
PHE OXT  O  N N 242 
PHE H    H  N N 243 
PHE H2   H  N N 244 
PHE HA   H  N N 245 
PHE HB2  H  N N 246 
PHE HB3  H  N N 247 
PHE HD1  H  N N 248 
PHE HD2  H  N N 249 
PHE HE1  H  N N 250 
PHE HE2  H  N N 251 
PHE HZ   H  N N 252 
PHE HXT  H  N N 253 
PRO N    N  N N 254 
PRO CA   C  N S 255 
PRO C    C  N N 256 
PRO O    O  N N 257 
PRO CB   C  N N 258 
PRO CG   C  N N 259 
PRO CD   C  N N 260 
PRO OXT  O  N N 261 
PRO H    H  N N 262 
PRO HA   H  N N 263 
PRO HB2  H  N N 264 
PRO HB3  H  N N 265 
PRO HG2  H  N N 266 
PRO HG3  H  N N 267 
PRO HD2  H  N N 268 
PRO HD3  H  N N 269 
PRO HXT  H  N N 270 
SER N    N  N N 271 
SER CA   C  N S 272 
SER C    C  N N 273 
SER O    O  N N 274 
SER CB   C  N N 275 
SER OG   O  N N 276 
SER OXT  O  N N 277 
SER H    H  N N 278 
SER H2   H  N N 279 
SER HA   H  N N 280 
SER HB2  H  N N 281 
SER HB3  H  N N 282 
SER HG   H  N N 283 
SER HXT  H  N N 284 
THR N    N  N N 285 
THR CA   C  N S 286 
THR C    C  N N 287 
THR O    O  N N 288 
THR CB   C  N R 289 
THR OG1  O  N N 290 
THR CG2  C  N N 291 
THR OXT  O  N N 292 
THR H    H  N N 293 
THR H2   H  N N 294 
THR HA   H  N N 295 
THR HB   H  N N 296 
THR HG1  H  N N 297 
THR HG21 H  N N 298 
THR HG22 H  N N 299 
THR HG23 H  N N 300 
THR HXT  H  N N 301 
TRP N    N  N N 302 
TRP CA   C  N S 303 
TRP C    C  N N 304 
TRP O    O  N N 305 
TRP CB   C  N N 306 
TRP CG   C  Y N 307 
TRP CD1  C  Y N 308 
TRP CD2  C  Y N 309 
TRP NE1  N  Y N 310 
TRP CE2  C  Y N 311 
TRP CE3  C  Y N 312 
TRP CZ2  C  Y N 313 
TRP CZ3  C  Y N 314 
TRP CH2  C  Y N 315 
TRP OXT  O  N N 316 
TRP H    H  N N 317 
TRP H2   H  N N 318 
TRP HA   H  N N 319 
TRP HB2  H  N N 320 
TRP HB3  H  N N 321 
TRP HD1  H  N N 322 
TRP HE1  H  N N 323 
TRP HE3  H  N N 324 
TRP HZ2  H  N N 325 
TRP HZ3  H  N N 326 
TRP HH2  H  N N 327 
TRP HXT  H  N N 328 
TYR N    N  N N 329 
TYR CA   C  N S 330 
TYR C    C  N N 331 
TYR O    O  N N 332 
TYR CB   C  N N 333 
TYR CG   C  Y N 334 
TYR CD1  C  Y N 335 
TYR CD2  C  Y N 336 
TYR CE1  C  Y N 337 
TYR CE2  C  Y N 338 
TYR CZ   C  Y N 339 
TYR OH   O  N N 340 
TYR OXT  O  N N 341 
TYR H    H  N N 342 
TYR H2   H  N N 343 
TYR HA   H  N N 344 
TYR HB2  H  N N 345 
TYR HB3  H  N N 346 
TYR HD1  H  N N 347 
TYR HD2  H  N N 348 
TYR HE1  H  N N 349 
TYR HE2  H  N N 350 
TYR HH   H  N N 351 
TYR HXT  H  N N 352 
VAL N    N  N N 353 
VAL CA   C  N S 354 
VAL C    C  N N 355 
VAL O    O  N N 356 
VAL CB   C  N N 357 
VAL CG1  C  N N 358 
VAL CG2  C  N N 359 
VAL OXT  O  N N 360 
VAL H    H  N N 361 
VAL H2   H  N N 362 
VAL HA   H  N N 363 
VAL HB   H  N N 364 
VAL HG11 H  N N 365 
VAL HG12 H  N N 366 
VAL HG13 H  N N 367 
VAL HG21 H  N N 368 
VAL HG22 H  N N 369 
VAL HG23 H  N N 370 
VAL HXT  H  N N 371 
# 
loop_
_chem_comp_bond.comp_id 
_chem_comp_bond.atom_id_1 
_chem_comp_bond.atom_id_2 
_chem_comp_bond.value_order 
_chem_comp_bond.pdbx_aromatic_flag 
_chem_comp_bond.pdbx_stereo_config 
_chem_comp_bond.pdbx_ordinal 
ALA N   CA   sing N N 1   
ALA N   H    sing N N 2   
ALA N   H2   sing N N 3   
ALA CA  C    sing N N 4   
ALA CA  CB   sing N N 5   
ALA CA  HA   sing N N 6   
ALA C   O    doub N N 7   
ALA C   OXT  sing N N 8   
ALA CB  HB1  sing N N 9   
ALA CB  HB2  sing N N 10  
ALA CB  HB3  sing N N 11  
ALA OXT HXT  sing N N 12  
ARG N   CA   sing N N 13  
ARG N   H    sing N N 14  
ARG N   H2   sing N N 15  
ARG CA  C    sing N N 16  
ARG CA  CB   sing N N 17  
ARG CA  HA   sing N N 18  
ARG C   O    doub N N 19  
ARG C   OXT  sing N N 20  
ARG CB  CG   sing N N 21  
ARG CB  HB2  sing N N 22  
ARG CB  HB3  sing N N 23  
ARG CG  CD   sing N N 24  
ARG CG  HG2  sing N N 25  
ARG CG  HG3  sing N N 26  
ARG CD  NE   sing N N 27  
ARG CD  HD2  sing N N 28  
ARG CD  HD3  sing N N 29  
ARG NE  CZ   sing N N 30  
ARG NE  HE   sing N N 31  
ARG CZ  NH1  sing N N 32  
ARG CZ  NH2  doub N N 33  
ARG NH1 HH11 sing N N 34  
ARG NH1 HH12 sing N N 35  
ARG NH2 HH21 sing N N 36  
ARG NH2 HH22 sing N N 37  
ARG OXT HXT  sing N N 38  
ASN N   CA   sing N N 39  
ASN N   H    sing N N 40  
ASN N   H2   sing N N 41  
ASN CA  C    sing N N 42  
ASN CA  CB   sing N N 43  
ASN CA  HA   sing N N 44  
ASN C   O    doub N N 45  
ASN C   OXT  sing N N 46  
ASN CB  CG   sing N N 47  
ASN CB  HB2  sing N N 48  
ASN CB  HB3  sing N N 49  
ASN CG  OD1  doub N N 50  
ASN CG  ND2  sing N N 51  
ASN ND2 HD21 sing N N 52  
ASN ND2 HD22 sing N N 53  
ASN OXT HXT  sing N N 54  
ASP N   CA   sing N N 55  
ASP N   H    sing N N 56  
ASP N   H2   sing N N 57  
ASP CA  C    sing N N 58  
ASP CA  CB   sing N N 59  
ASP CA  HA   sing N N 60  
ASP C   O    doub N N 61  
ASP C   OXT  sing N N 62  
ASP CB  CG   sing N N 63  
ASP CB  HB2  sing N N 64  
ASP CB  HB3  sing N N 65  
ASP CG  OD1  doub N N 66  
ASP CG  OD2  sing N N 67  
ASP OD2 HD2  sing N N 68  
ASP OXT HXT  sing N N 69  
CYS N   CA   sing N N 70  
CYS N   H    sing N N 71  
CYS N   H2   sing N N 72  
CYS CA  C    sing N N 73  
CYS CA  CB   sing N N 74  
CYS CA  HA   sing N N 75  
CYS C   O    doub N N 76  
CYS C   OXT  sing N N 77  
CYS CB  SG   sing N N 78  
CYS CB  HB2  sing N N 79  
CYS CB  HB3  sing N N 80  
CYS SG  HG   sing N N 81  
CYS OXT HXT  sing N N 82  
GLN N   CA   sing N N 83  
GLN N   H    sing N N 84  
GLN N   H2   sing N N 85  
GLN CA  C    sing N N 86  
GLN CA  CB   sing N N 87  
GLN CA  HA   sing N N 88  
GLN C   O    doub N N 89  
GLN C   OXT  sing N N 90  
GLN CB  CG   sing N N 91  
GLN CB  HB2  sing N N 92  
GLN CB  HB3  sing N N 93  
GLN CG  CD   sing N N 94  
GLN CG  HG2  sing N N 95  
GLN CG  HG3  sing N N 96  
GLN CD  OE1  doub N N 97  
GLN CD  NE2  sing N N 98  
GLN NE2 HE21 sing N N 99  
GLN NE2 HE22 sing N N 100 
GLN OXT HXT  sing N N 101 
GLU N   CA   sing N N 102 
GLU N   H    sing N N 103 
GLU N   H2   sing N N 104 
GLU CA  C    sing N N 105 
GLU CA  CB   sing N N 106 
GLU CA  HA   sing N N 107 
GLU C   O    doub N N 108 
GLU C   OXT  sing N N 109 
GLU CB  CG   sing N N 110 
GLU CB  HB2  sing N N 111 
GLU CB  HB3  sing N N 112 
GLU CG  CD   sing N N 113 
GLU CG  HG2  sing N N 114 
GLU CG  HG3  sing N N 115 
GLU CD  OE1  doub N N 116 
GLU CD  OE2  sing N N 117 
GLU OE2 HE2  sing N N 118 
GLU OXT HXT  sing N N 119 
GLY N   CA   sing N N 120 
GLY N   H    sing N N 121 
GLY N   H2   sing N N 122 
GLY CA  C    sing N N 123 
GLY CA  HA2  sing N N 124 
GLY CA  HA3  sing N N 125 
GLY C   O    doub N N 126 
GLY C   OXT  sing N N 127 
GLY OXT HXT  sing N N 128 
HIS N   CA   sing N N 129 
HIS N   H    sing N N 130 
HIS N   H2   sing N N 131 
HIS CA  C    sing N N 132 
HIS CA  CB   sing N N 133 
HIS CA  HA   sing N N 134 
HIS C   O    doub N N 135 
HIS C   OXT  sing N N 136 
HIS CB  CG   sing N N 137 
HIS CB  HB2  sing N N 138 
HIS CB  HB3  sing N N 139 
HIS CG  ND1  sing Y N 140 
HIS CG  CD2  doub Y N 141 
HIS ND1 CE1  doub Y N 142 
HIS ND1 HD1  sing N N 143 
HIS CD2 NE2  sing Y N 144 
HIS CD2 HD2  sing N N 145 
HIS CE1 NE2  sing Y N 146 
HIS CE1 HE1  sing N N 147 
HIS NE2 HE2  sing N N 148 
HIS OXT HXT  sing N N 149 
HOH O   H1   sing N N 150 
HOH O   H2   sing N N 151 
ILE N   CA   sing N N 152 
ILE N   H    sing N N 153 
ILE N   H2   sing N N 154 
ILE CA  C    sing N N 155 
ILE CA  CB   sing N N 156 
ILE CA  HA   sing N N 157 
ILE C   O    doub N N 158 
ILE C   OXT  sing N N 159 
ILE CB  CG1  sing N N 160 
ILE CB  CG2  sing N N 161 
ILE CB  HB   sing N N 162 
ILE CG1 CD1  sing N N 163 
ILE CG1 HG12 sing N N 164 
ILE CG1 HG13 sing N N 165 
ILE CG2 HG21 sing N N 166 
ILE CG2 HG22 sing N N 167 
ILE CG2 HG23 sing N N 168 
ILE CD1 HD11 sing N N 169 
ILE CD1 HD12 sing N N 170 
ILE CD1 HD13 sing N N 171 
ILE OXT HXT  sing N N 172 
LEU N   CA   sing N N 173 
LEU N   H    sing N N 174 
LEU N   H2   sing N N 175 
LEU CA  C    sing N N 176 
LEU CA  CB   sing N N 177 
LEU CA  HA   sing N N 178 
LEU C   O    doub N N 179 
LEU C   OXT  sing N N 180 
LEU CB  CG   sing N N 181 
LEU CB  HB2  sing N N 182 
LEU CB  HB3  sing N N 183 
LEU CG  CD1  sing N N 184 
LEU CG  CD2  sing N N 185 
LEU CG  HG   sing N N 186 
LEU CD1 HD11 sing N N 187 
LEU CD1 HD12 sing N N 188 
LEU CD1 HD13 sing N N 189 
LEU CD2 HD21 sing N N 190 
LEU CD2 HD22 sing N N 191 
LEU CD2 HD23 sing N N 192 
LEU OXT HXT  sing N N 193 
LYS N   CA   sing N N 194 
LYS N   H    sing N N 195 
LYS N   H2   sing N N 196 
LYS CA  C    sing N N 197 
LYS CA  CB   sing N N 198 
LYS CA  HA   sing N N 199 
LYS C   O    doub N N 200 
LYS C   OXT  sing N N 201 
LYS CB  CG   sing N N 202 
LYS CB  HB2  sing N N 203 
LYS CB  HB3  sing N N 204 
LYS CG  CD   sing N N 205 
LYS CG  HG2  sing N N 206 
LYS CG  HG3  sing N N 207 
LYS CD  CE   sing N N 208 
LYS CD  HD2  sing N N 209 
LYS CD  HD3  sing N N 210 
LYS CE  NZ   sing N N 211 
LYS CE  HE2  sing N N 212 
LYS CE  HE3  sing N N 213 
LYS NZ  HZ1  sing N N 214 
LYS NZ  HZ2  sing N N 215 
LYS NZ  HZ3  sing N N 216 
LYS OXT HXT  sing N N 217 
PHE N   CA   sing N N 218 
PHE N   H    sing N N 219 
PHE N   H2   sing N N 220 
PHE CA  C    sing N N 221 
PHE CA  CB   sing N N 222 
PHE CA  HA   sing N N 223 
PHE C   O    doub N N 224 
PHE C   OXT  sing N N 225 
PHE CB  CG   sing N N 226 
PHE CB  HB2  sing N N 227 
PHE CB  HB3  sing N N 228 
PHE CG  CD1  doub Y N 229 
PHE CG  CD2  sing Y N 230 
PHE CD1 CE1  sing Y N 231 
PHE CD1 HD1  sing N N 232 
PHE CD2 CE2  doub Y N 233 
PHE CD2 HD2  sing N N 234 
PHE CE1 CZ   doub Y N 235 
PHE CE1 HE1  sing N N 236 
PHE CE2 CZ   sing Y N 237 
PHE CE2 HE2  sing N N 238 
PHE CZ  HZ   sing N N 239 
PHE OXT HXT  sing N N 240 
PRO N   CA   sing N N 241 
PRO N   CD   sing N N 242 
PRO N   H    sing N N 243 
PRO CA  C    sing N N 244 
PRO CA  CB   sing N N 245 
PRO CA  HA   sing N N 246 
PRO C   O    doub N N 247 
PRO C   OXT  sing N N 248 
PRO CB  CG   sing N N 249 
PRO CB  HB2  sing N N 250 
PRO CB  HB3  sing N N 251 
PRO CG  CD   sing N N 252 
PRO CG  HG2  sing N N 253 
PRO CG  HG3  sing N N 254 
PRO CD  HD2  sing N N 255 
PRO CD  HD3  sing N N 256 
PRO OXT HXT  sing N N 257 
SER N   CA   sing N N 258 
SER N   H    sing N N 259 
SER N   H2   sing N N 260 
SER CA  C    sing N N 261 
SER CA  CB   sing N N 262 
SER CA  HA   sing N N 263 
SER C   O    doub N N 264 
SER C   OXT  sing N N 265 
SER CB  OG   sing N N 266 
SER CB  HB2  sing N N 267 
SER CB  HB3  sing N N 268 
SER OG  HG   sing N N 269 
SER OXT HXT  sing N N 270 
THR N   CA   sing N N 271 
THR N   H    sing N N 272 
THR N   H2   sing N N 273 
THR CA  C    sing N N 274 
THR CA  CB   sing N N 275 
THR CA  HA   sing N N 276 
THR C   O    doub N N 277 
THR C   OXT  sing N N 278 
THR CB  OG1  sing N N 279 
THR CB  CG2  sing N N 280 
THR CB  HB   sing N N 281 
THR OG1 HG1  sing N N 282 
THR CG2 HG21 sing N N 283 
THR CG2 HG22 sing N N 284 
THR CG2 HG23 sing N N 285 
THR OXT HXT  sing N N 286 
TRP N   CA   sing N N 287 
TRP N   H    sing N N 288 
TRP N   H2   sing N N 289 
TRP CA  C    sing N N 290 
TRP CA  CB   sing N N 291 
TRP CA  HA   sing N N 292 
TRP C   O    doub N N 293 
TRP C   OXT  sing N N 294 
TRP CB  CG   sing N N 295 
TRP CB  HB2  sing N N 296 
TRP CB  HB3  sing N N 297 
TRP CG  CD1  doub Y N 298 
TRP CG  CD2  sing Y N 299 
TRP CD1 NE1  sing Y N 300 
TRP CD1 HD1  sing N N 301 
TRP CD2 CE2  doub Y N 302 
TRP CD2 CE3  sing Y N 303 
TRP NE1 CE2  sing Y N 304 
TRP NE1 HE1  sing N N 305 
TRP CE2 CZ2  sing Y N 306 
TRP CE3 CZ3  doub Y N 307 
TRP CE3 HE3  sing N N 308 
TRP CZ2 CH2  doub Y N 309 
TRP CZ2 HZ2  sing N N 310 
TRP CZ3 CH2  sing Y N 311 
TRP CZ3 HZ3  sing N N 312 
TRP CH2 HH2  sing N N 313 
TRP OXT HXT  sing N N 314 
TYR N   CA   sing N N 315 
TYR N   H    sing N N 316 
TYR N   H2   sing N N 317 
TYR CA  C    sing N N 318 
TYR CA  CB   sing N N 319 
TYR CA  HA   sing N N 320 
TYR C   O    doub N N 321 
TYR C   OXT  sing N N 322 
TYR CB  CG   sing N N 323 
TYR CB  HB2  sing N N 324 
TYR CB  HB3  sing N N 325 
TYR CG  CD1  doub Y N 326 
TYR CG  CD2  sing Y N 327 
TYR CD1 CE1  sing Y N 328 
TYR CD1 HD1  sing N N 329 
TYR CD2 CE2  doub Y N 330 
TYR CD2 HD2  sing N N 331 
TYR CE1 CZ   doub Y N 332 
TYR CE1 HE1  sing N N 333 
TYR CE2 CZ   sing Y N 334 
TYR CE2 HE2  sing N N 335 
TYR CZ  OH   sing N N 336 
TYR OH  HH   sing N N 337 
TYR OXT HXT  sing N N 338 
VAL N   CA   sing N N 339 
VAL N   H    sing N N 340 
VAL N   H2   sing N N 341 
VAL CA  C    sing N N 342 
VAL CA  CB   sing N N 343 
VAL CA  HA   sing N N 344 
VAL C   O    doub N N 345 
VAL C   OXT  sing N N 346 
VAL CB  CG1  sing N N 347 
VAL CB  CG2  sing N N 348 
VAL CB  HB   sing N N 349 
VAL CG1 HG11 sing N N 350 
VAL CG1 HG12 sing N N 351 
VAL CG1 HG13 sing N N 352 
VAL CG2 HG21 sing N N 353 
VAL CG2 HG22 sing N N 354 
VAL CG2 HG23 sing N N 355 
VAL OXT HXT  sing N N 356 
# 
_atom_sites.entry_id                    2PAG 
_atom_sites.fract_transf_matrix[1][1]   0.00872763 
_atom_sites.fract_transf_matrix[1][2]   -0.00200594 
_atom_sites.fract_transf_matrix[1][3]   0.01908990 
_atom_sites.fract_transf_matrix[2][1]   0.01844033 
_atom_sites.fract_transf_matrix[2][2]   -0.00494614 
_atom_sites.fract_transf_matrix[2][3]   -0.00895039 
_atom_sites.fract_transf_matrix[3][1]   0.00206291 
_atom_sites.fract_transf_matrix[3][2]   0.00789619 
_atom_sites.fract_transf_matrix[3][3]   -0.00011341 
_atom_sites.fract_transf_vector[1]      0.273759 
_atom_sites.fract_transf_vector[2]      0.397965 
_atom_sites.fract_transf_vector[3]      0.321107 
# 
loop_
_atom_type.symbol 
C  
CA 
N  
O  
S  
# 
loop_
_atom_site.group_PDB 
_atom_site.id 
_atom_site.type_symbol 
_atom_site.label_atom_id 
_atom_site.label_alt_id 
_atom_site.label_comp_id 
_atom_site.label_asym_id 
_atom_site.label_entity_id 
_atom_site.label_seq_id 
_atom_site.pdbx_PDB_ins_code 
_atom_site.Cartn_x 
_atom_site.Cartn_y 
_atom_site.Cartn_z 
_atom_site.occupancy 
_atom_site.B_iso_or_equiv 
_atom_site.pdbx_formal_charge 
_atom_site.auth_seq_id 
_atom_site.auth_comp_id 
_atom_site.auth_asym_id 
_atom_site.auth_atom_id 
_atom_site.pdbx_PDB_model_num 
ATOM   1    N  N   . LEU A 1 1   ? -9.585  -0.208  -14.826 1.00 21.96 ? 1   LEU A N   1 
ATOM   2    C  CA  . LEU A 1 1   ? -9.592  -0.493  -13.364 1.00 20.25 ? 1   LEU A CA  1 
ATOM   3    C  C   . LEU A 1 1   ? -10.062 -1.915  -13.095 1.00 21.36 ? 1   LEU A C   1 
ATOM   4    O  O   . LEU A 1 1   ? -9.408  -2.670  -12.377 1.00 18.04 ? 1   LEU A O   1 
ATOM   5    C  CB  . LEU A 1 1   ? -10.509 0.491   -12.626 1.00 21.28 ? 1   LEU A CB  1 
ATOM   6    C  CG  . LEU A 1 1   ? -10.763 0.200   -11.144 1.00 19.95 ? 1   LEU A CG  1 
ATOM   7    C  CD1 . LEU A 1 1   ? -9.450  0.209   -10.385 1.00 21.39 ? 1   LEU A CD1 1 
ATOM   8    C  CD2 . LEU A 1 1   ? -11.714 1.236   -10.568 1.00 21.23 ? 1   LEU A CD2 1 
ATOM   9    N  N   . GLU A 1 2   ? -11.201 -2.278  -13.674 1.00 21.68 ? 2   GLU A N   1 
ATOM   10   C  CA  . GLU A 1 2   ? -11.743 -3.615  -13.481 1.00 22.51 ? 2   GLU A CA  1 
ATOM   11   C  C   . GLU A 1 2   ? -10.686 -4.618  -13.942 1.00 21.03 ? 2   GLU A C   1 
ATOM   12   O  O   . GLU A 1 2   ? -10.474 -5.659  -13.315 1.00 19.63 ? 2   GLU A O   1 
ATOM   13   C  CB  . GLU A 1 2   ? -13.025 -3.775  -14.297 1.00 27.04 ? 2   GLU A CB  1 
ATOM   14   C  CG  . GLU A 1 2   ? -13.865 -4.982  -13.917 1.00 33.12 ? 2   GLU A CG  1 
ATOM   15   C  CD  . GLU A 1 2   ? -15.125 -5.102  -14.758 1.00 36.38 ? 2   GLU A CD  1 
ATOM   16   O  OE1 . GLU A 1 2   ? -15.857 -4.094  -14.884 1.00 36.89 ? 2   GLU A OE1 1 
ATOM   17   O  OE2 . GLU A 1 2   ? -15.387 -6.206  -15.286 1.00 38.49 ? 2   GLU A OE2 1 
ATOM   18   N  N   . GLU A 1 3   ? -10.020 -4.275  -15.037 1.00 20.38 ? 3   GLU A N   1 
ATOM   19   C  CA  . GLU A 1 3   ? -8.966  -5.100  -15.622 1.00 21.55 ? 3   GLU A CA  1 
ATOM   20   C  C   . GLU A 1 3   ? -7.839  -5.412  -14.646 1.00 20.03 ? 3   GLU A C   1 
ATOM   21   O  O   . GLU A 1 3   ? -7.490  -6.573  -14.426 1.00 18.17 ? 3   GLU A O   1 
ATOM   22   C  CB  . GLU A 1 3   ? -8.362  -4.384  -16.832 1.00 24.67 ? 3   GLU A CB  1 
ATOM   23   C  CG  . GLU A 1 3   ? -9.273  -4.272  -18.035 1.00 31.44 ? 3   GLU A CG  1 
ATOM   24   C  CD  . GLU A 1 3   ? -9.310  -5.547  -18.842 1.00 34.16 ? 3   GLU A CD  1 
ATOM   25   O  OE1 . GLU A 1 3   ? -9.832  -6.562  -18.332 1.00 36.92 ? 3   GLU A OE1 1 
ATOM   26   O  OE2 . GLU A 1 3   ? -8.805  -5.533  -19.986 1.00 33.28 ? 3   GLU A OE2 1 
ATOM   27   N  N   . VAL A 1 4   ? -7.247  -4.359  -14.088 1.00 17.61 ? 4   VAL A N   1 
ATOM   28   C  CA  . VAL A 1 4   ? -6.136  -4.506  -13.157 1.00 17.03 ? 4   VAL A CA  1 
ATOM   29   C  C   . VAL A 1 4   ? -6.545  -5.269  -11.901 1.00 15.95 ? 4   VAL A C   1 
ATOM   30   O  O   . VAL A 1 4   ? -5.807  -6.135  -11.423 1.00 15.13 ? 4   VAL A O   1 
ATOM   31   C  CB  . VAL A 1 4   ? -5.563  -3.120  -12.775 1.00 16.35 ? 4   VAL A CB  1 
ATOM   32   C  CG1 . VAL A 1 4   ? -4.364  -3.277  -11.851 1.00 19.30 ? 4   VAL A CG1 1 
ATOM   33   C  CG2 . VAL A 1 4   ? -5.162  -2.370  -14.037 1.00 19.66 ? 4   VAL A CG2 1 
ATOM   34   N  N   . ILE A 1 5   ? -7.729  -4.966  -11.373 1.00 14.57 ? 5   ILE A N   1 
ATOM   35   C  CA  . ILE A 1 5   ? -8.191  -5.650  -10.173 1.00 14.04 ? 5   ILE A CA  1 
ATOM   36   C  C   . ILE A 1 5   ? -8.298  -7.142  -10.462 1.00 15.56 ? 5   ILE A C   1 
ATOM   37   O  O   . ILE A 1 5   ? -7.806  -7.966  -9.688  1.00 15.83 ? 5   ILE A O   1 
ATOM   38   C  CB  . ILE A 1 5   ? -9.555  -5.102  -9.691  1.00 14.87 ? 5   ILE A CB  1 
ATOM   39   C  CG1 . ILE A 1 5   ? -9.372  -3.670  -9.178  1.00 16.26 ? 5   ILE A CG1 1 
ATOM   40   C  CG2 . ILE A 1 5   ? -10.121 -6.004  -8.592  1.00 14.07 ? 5   ILE A CG2 1 
ATOM   41   C  CD1 . ILE A 1 5   ? -10.652 -2.999  -8.753  1.00 16.66 ? 5   ILE A CD1 1 
ATOM   42   N  N   . GLU A 1 6   ? -8.917  -7.488  -11.587 1.00 14.65 ? 6   GLU A N   1 
ATOM   43   C  CA  . GLU A 1 6   ? -9.061  -8.895  -11.971 1.00 15.12 ? 6   GLU A CA  1 
ATOM   44   C  C   . GLU A 1 6   ? -7.702  -9.580  -12.082 1.00 16.27 ? 6   GLU A C   1 
ATOM   45   O  O   . GLU A 1 6   ? -7.525  -10.706 -11.608 1.00 16.49 ? 6   GLU A O   1 
ATOM   46   C  CB  . GLU A 1 6   ? -9.810  -9.009  -13.310 1.00 13.47 ? 6   GLU A CB  1 
ATOM   47   C  CG  . GLU A 1 6   ? -9.804  -10.415 -13.938 1.00 15.24 ? 6   GLU A CG  1 
ATOM   48   C  CD  . GLU A 1 6   ? -10.523 -10.478 -15.289 1.00 16.77 ? 6   GLU A CD  1 
ATOM   49   O  OE1 . GLU A 1 6   ? -10.534 -9.469  -16.026 1.00 18.95 ? 6   GLU A OE1 1 
ATOM   50   O  OE2 . GLU A 1 6   ? -11.071 -11.544 -15.625 1.00 13.65 ? 6   GLU A OE2 1 
ATOM   51   N  N   . GLN A 1 7   ? -6.744  -8.893  -12.702 1.00 16.45 ? 7   GLN A N   1 
ATOM   52   C  CA  . GLN A 1 7   ? -5.405  -9.431  -12.884 1.00 17.24 ? 7   GLN A CA  1 
ATOM   53   C  C   . GLN A 1 7   ? -4.786  -9.794  -11.537 1.00 15.89 ? 7   GLN A C   1 
ATOM   54   O  O   . GLN A 1 7   ? -4.217  -10.872 -11.372 1.00 17.17 ? 7   GLN A O   1 
ATOM   55   C  CB  . GLN A 1 7   ? -4.523  -8.404  -13.599 1.00 19.59 ? 7   GLN A CB  1 
ATOM   56   C  CG  . GLN A 1 7   ? -3.266  -8.987  -14.225 1.00 24.75 ? 7   GLN A CG  1 
ATOM   57   C  CD  . GLN A 1 7   ? -2.374  -7.921  -14.840 1.00 29.43 ? 7   GLN A CD  1 
ATOM   58   O  OE1 . GLN A 1 7   ? -2.859  -6.963  -15.446 1.00 31.45 ? 7   GLN A OE1 1 
ATOM   59   N  NE2 . GLN A 1 7   ? -1.063  -8.087  -14.692 1.00 30.57 ? 7   GLN A NE2 1 
ATOM   60   N  N   . LEU A 1 8   ? -4.893  -8.893  -10.569 1.00 15.74 ? 8   LEU A N   1 
ATOM   61   C  CA  . LEU A 1 8   ? -4.334  -9.154  -9.248  1.00 14.79 ? 8   LEU A CA  1 
ATOM   62   C  C   . LEU A 1 8   ? -5.064  -10.279 -8.524  1.00 15.78 ? 8   LEU A C   1 
ATOM   63   O  O   . LEU A 1 8   ? -4.434  -11.193 -7.983  1.00 15.60 ? 8   LEU A O   1 
ATOM   64   C  CB  . LEU A 1 8   ? -4.373  -7.886  -8.392  1.00 16.02 ? 8   LEU A CB  1 
ATOM   65   C  CG  . LEU A 1 8   ? -3.235  -6.886  -8.579  1.00 17.99 ? 8   LEU A CG  1 
ATOM   66   C  CD1 . LEU A 1 8   ? -3.562  -5.614  -7.813  1.00 18.85 ? 8   LEU A CD1 1 
ATOM   67   C  CD2 . LEU A 1 8   ? -1.924  -7.497  -8.092  1.00 18.85 ? 8   LEU A CD2 1 
ATOM   68   N  N   . ARG A 1 9   ? -6.392  -10.217 -8.524  1.00 14.72 ? 9   ARG A N   1 
ATOM   69   C  CA  . ARG A 1 9   ? -7.200  -11.221 -7.844  1.00 16.44 ? 9   ARG A CA  1 
ATOM   70   C  C   . ARG A 1 9   ? -6.937  -12.624 -8.371  1.00 15.55 ? 9   ARG A C   1 
ATOM   71   O  O   . ARG A 1 9   ? -6.804  -13.569 -7.597  1.00 16.53 ? 9   ARG A O   1 
ATOM   72   C  CB  . ARG A 1 9   ? -8.689  -10.904 -8.001  1.00 19.37 ? 9   ARG A CB  1 
ATOM   73   C  CG  . ARG A 1 9   ? -9.098  -9.513  -7.550  1.00 24.73 ? 9   ARG A CG  1 
ATOM   74   C  CD  . ARG A 1 9   ? -8.936  -9.331  -6.068  1.00 28.93 ? 9   ARG A CD  1 
ATOM   75   N  NE  . ARG A 1 9   ? -9.574  -10.399 -5.301  1.00 31.03 ? 9   ARG A NE  1 
ATOM   76   C  CZ  . ARG A 1 9   ? -9.805  -10.330 -3.994  1.00 31.37 ? 9   ARG A CZ  1 
ATOM   77   N  NH1 . ARG A 1 9   ? -9.460  -9.242  -3.320  1.00 30.93 ? 9   ARG A NH1 1 
ATOM   78   N  NH2 . ARG A 1 9   ? -10.357 -11.356 -3.355  1.00 30.76 ? 9   ARG A NH2 1 
ATOM   79   N  N   . GLU A 1 10  ? -6.863  -12.758 -9.689  1.00 14.90 ? 10  GLU A N   1 
ATOM   80   C  CA  . GLU A 1 10  ? -6.638  -14.061 -10.298 1.00 16.75 ? 10  GLU A CA  1 
ATOM   81   C  C   . GLU A 1 10  ? -5.189  -14.541 -10.185 1.00 17.56 ? 10  GLU A C   1 
ATOM   82   O  O   . GLU A 1 10  ? -4.909  -15.734 -10.345 1.00 22.50 ? 10  GLU A O   1 
ATOM   83   C  CB  . GLU A 1 10  ? -7.108  -14.024 -11.759 1.00 15.15 ? 10  GLU A CB  1 
ATOM   84   C  CG  . GLU A 1 10  ? -8.623  -13.862 -11.862 1.00 15.44 ? 10  GLU A CG  1 
ATOM   85   C  CD  . GLU A 1 10  ? -9.169  -13.904 -13.283 1.00 14.76 ? 10  GLU A CD  1 
ATOM   86   O  OE1 . GLU A 1 10  ? -8.410  -14.215 -14.225 1.00 16.58 ? 10  GLU A OE1 1 
ATOM   87   O  OE2 . GLU A 1 10  ? -10.379 -13.624 -13.443 1.00 11.64 ? 10  GLU A OE2 1 
ATOM   88   N  N   . ALA A 1 11  ? -4.272  -13.625 -9.886  1.00 18.30 ? 11  ALA A N   1 
ATOM   89   C  CA  . ALA A 1 11  ? -2.868  -13.994 -9.746  1.00 18.54 ? 11  ALA A CA  1 
ATOM   90   C  C   . ALA A 1 11  ? -2.533  -14.292 -8.290  1.00 18.50 ? 11  ALA A C   1 
ATOM   91   O  O   . ALA A 1 11  ? -1.413  -14.716 -7.980  1.00 17.92 ? 11  ALA A O   1 
ATOM   92   C  CB  . ALA A 1 11  ? -1.972  -12.875 -10.263 1.00 18.52 ? 11  ALA A CB  1 
ATOM   93   N  N   . ASN A 1 12  ? -3.506  -14.074 -7.406  1.00 17.75 ? 12  ASN A N   1 
ATOM   94   C  CA  . ASN A 1 12  ? -3.315  -14.299 -5.974  1.00 17.90 ? 12  ASN A CA  1 
ATOM   95   C  C   . ASN A 1 12  ? -2.707  -15.657 -5.667  1.00 18.71 ? 12  ASN A C   1 
ATOM   96   O  O   . ASN A 1 12  ? -3.202  -16.690 -6.127  1.00 17.63 ? 12  ASN A O   1 
ATOM   97   C  CB  . ASN A 1 12  ? -4.636  -14.177 -5.214  1.00 17.96 ? 12  ASN A CB  1 
ATOM   98   C  CG  . ASN A 1 12  ? -4.465  -14.439 -3.728  1.00 20.29 ? 12  ASN A CG  1 
ATOM   99   O  OD1 . ASN A 1 12  ? -3.792  -13.682 -3.032  1.00 15.57 ? 12  ASN A OD1 1 
ATOM   100  N  ND2 . ASN A 1 12  ? -5.062  -15.526 -3.240  1.00 22.20 ? 12  ASN A ND2 1 
ATOM   101  N  N   . GLU A 1 13  ? -1.648  -15.650 -4.866  1.00 17.09 ? 13  GLU A N   1 
ATOM   102  C  CA  . GLU A 1 13  ? -0.955  -16.880 -4.506  1.00 18.49 ? 13  GLU A CA  1 
ATOM   103  C  C   . GLU A 1 13  ? -1.431  -17.450 -3.174  1.00 19.40 ? 13  GLU A C   1 
ATOM   104  O  O   . GLU A 1 13  ? -1.558  -16.731 -2.179  1.00 20.11 ? 13  GLU A O   1 
ATOM   105  C  CB  . GLU A 1 13  ? 0.548   -16.616 -4.445  1.00 17.59 ? 13  GLU A CB  1 
ATOM   106  C  CG  . GLU A 1 13  ? 1.106   -15.928 -5.678  1.00 19.71 ? 13  GLU A CG  1 
ATOM   107  C  CD  . GLU A 1 13  ? 2.555   -15.520 -5.504  1.00 20.05 ? 13  GLU A CD  1 
ATOM   108  O  OE1 . GLU A 1 13  ? 3.018   -15.455 -4.345  1.00 22.85 ? 13  GLU A OE1 1 
ATOM   109  O  OE2 . GLU A 1 13  ? 3.229   -15.252 -6.519  1.00 21.93 ? 13  GLU A OE2 1 
ATOM   110  N  N   . PRO A 1 14  ? -1.691  -18.761 -3.132  1.00 19.66 ? 14  PRO A N   1 
ATOM   111  C  CA  . PRO A 1 14  ? -2.148  -19.364 -1.882  1.00 20.66 ? 14  PRO A CA  1 
ATOM   112  C  C   . PRO A 1 14  ? -1.101  -19.292 -0.778  1.00 20.61 ? 14  PRO A C   1 
ATOM   113  O  O   . PRO A 1 14  ? 0.101   -19.415 -1.035  1.00 20.21 ? 14  PRO A O   1 
ATOM   114  C  CB  . PRO A 1 14  ? -2.472  -20.801 -2.290  1.00 22.82 ? 14  PRO A CB  1 
ATOM   115  C  CG  . PRO A 1 14  ? -1.536  -21.054 -3.429  1.00 22.58 ? 14  PRO A CG  1 
ATOM   116  C  CD  . PRO A 1 14  ? -1.622  -19.765 -4.208  1.00 20.92 ? 14  PRO A CD  1 
ATOM   117  N  N   . VAL A 1 15  ? -1.573  -19.070 0.445   1.00 20.54 ? 15  VAL A N   1 
ATOM   118  C  CA  . VAL A 1 15  ? -0.716  -19.004 1.625   1.00 20.95 ? 15  VAL A CA  1 
ATOM   119  C  C   . VAL A 1 15  ? -1.429  -19.767 2.739   1.00 21.41 ? 15  VAL A C   1 
ATOM   120  O  O   . VAL A 1 15  ? -2.627  -20.035 2.639   1.00 21.49 ? 15  VAL A O   1 
ATOM   121  C  CB  . VAL A 1 15  ? -0.457  -17.542 2.079   1.00 20.36 ? 15  VAL A CB  1 
ATOM   122  C  CG1 . VAL A 1 15  ? 0.425   -16.830 1.062   1.00 18.43 ? 15  VAL A CG1 1 
ATOM   123  C  CG2 . VAL A 1 15  ? -1.770  -16.802 2.262   1.00 19.26 ? 15  VAL A CG2 1 
ATOM   124  N  N   . PRO A 1 16  ? -0.704  -20.139 3.808   1.00 21.85 ? 16  PRO A N   1 
ATOM   125  C  CA  . PRO A 1 16  ? -1.305  -20.880 4.924   1.00 22.88 ? 16  PRO A CA  1 
ATOM   126  C  C   . PRO A 1 16  ? -2.530  -20.193 5.516   1.00 22.62 ? 16  PRO A C   1 
ATOM   127  O  O   . PRO A 1 16  ? -3.592  -20.805 5.650   1.00 23.50 ? 16  PRO A O   1 
ATOM   128  C  CB  . PRO A 1 16  ? -0.157  -20.981 5.926   1.00 23.13 ? 16  PRO A CB  1 
ATOM   129  C  CG  . PRO A 1 16  ? 1.048   -21.027 5.039   1.00 22.60 ? 16  PRO A CG  1 
ATOM   130  C  CD  . PRO A 1 16  ? 0.736   -19.931 4.043   1.00 23.46 ? 16  PRO A CD  1 
ATOM   131  N  N   . VAL A 1 17  ? -2.370  -18.923 5.876   1.00 21.68 ? 17  VAL A N   1 
ATOM   132  C  CA  . VAL A 1 17  ? -3.456  -18.144 6.448   1.00 21.75 ? 17  VAL A CA  1 
ATOM   133  C  C   . VAL A 1 17  ? -3.781  -17.014 5.482   1.00 20.19 ? 17  VAL A C   1 
ATOM   134  O  O   . VAL A 1 17  ? -3.037  -16.042 5.384   1.00 20.70 ? 17  VAL A O   1 
ATOM   135  C  CB  . VAL A 1 17  ? -3.063  -17.533 7.809   1.00 21.85 ? 17  VAL A CB  1 
ATOM   136  C  CG1 . VAL A 1 17  ? -4.234  -16.760 8.386   1.00 23.85 ? 17  VAL A CG1 1 
ATOM   137  C  CG2 . VAL A 1 17  ? -2.628  -18.628 8.768   1.00 24.84 ? 17  VAL A CG2 1 
ATOM   138  N  N   . PRO A 1 18  ? -4.887  -17.144 4.738   1.00 20.10 ? 18  PRO A N   1 
ATOM   139  C  CA  . PRO A 1 18  ? -5.292  -16.115 3.779   1.00 19.17 ? 18  PRO A CA  1 
ATOM   140  C  C   . PRO A 1 18  ? -5.438  -14.740 4.423   1.00 17.35 ? 18  PRO A C   1 
ATOM   141  O  O   . PRO A 1 18  ? -5.862  -14.616 5.578   1.00 17.09 ? 18  PRO A O   1 
ATOM   142  C  CB  . PRO A 1 18  ? -6.625  -16.648 3.255   1.00 21.36 ? 18  PRO A CB  1 
ATOM   143  C  CG  . PRO A 1 18  ? -6.422  -18.133 3.308   1.00 21.67 ? 18  PRO A CG  1 
ATOM   144  C  CD  . PRO A 1 18  ? -5.786  -18.308 4.666   1.00 21.11 ? 18  PRO A CD  1 
ATOM   145  N  N   . LEU A 1 19  ? -5.075  -13.705 3.675   1.00 16.00 ? 19  LEU A N   1 
ATOM   146  C  CA  . LEU A 1 19  ? -5.195  -12.343 4.170   1.00 16.43 ? 19  LEU A CA  1 
ATOM   147  C  C   . LEU A 1 19  ? -6.660  -11.918 4.076   1.00 16.42 ? 19  LEU A C   1 
ATOM   148  O  O   . LEU A 1 19  ? -7.402  -12.406 3.216   1.00 19.58 ? 19  LEU A O   1 
ATOM   149  C  CB  . LEU A 1 19  ? -4.346  -11.398 3.326   1.00 13.91 ? 19  LEU A CB  1 
ATOM   150  C  CG  . LEU A 1 19  ? -2.852  -11.680 3.223   1.00 14.32 ? 19  LEU A CG  1 
ATOM   151  C  CD1 . LEU A 1 19  ? -2.208  -10.592 2.373   1.00 16.17 ? 19  LEU A CD1 1 
ATOM   152  C  CD2 . LEU A 1 19  ? -2.228  -11.703 4.607   1.00 15.83 ? 19  LEU A CD2 1 
ATOM   153  N  N   . GLU A 1 20  ? -7.068  -11.007 4.953   1.00 16.66 ? 20  GLU A N   1 
ATOM   154  C  CA  . GLU A 1 20  ? -8.440  -10.521 4.961   1.00 18.99 ? 20  GLU A CA  1 
ATOM   155  C  C   . GLU A 1 20  ? -8.554  -9.168  4.285   1.00 18.95 ? 20  GLU A C   1 
ATOM   156  O  O   . GLU A 1 20  ? -7.631  -8.357  4.339   1.00 18.42 ? 20  GLU A O   1 
ATOM   157  C  CB  . GLU A 1 20  ? -8.958  -10.414 6.393   1.00 20.66 ? 20  GLU A CB  1 
ATOM   158  C  CG  . GLU A 1 20  ? -8.959  -11.732 7.148   1.00 25.72 ? 20  GLU A CG  1 
ATOM   159  C  CD  . GLU A 1 20  ? -9.559  -11.608 8.532   1.00 29.26 ? 20  GLU A CD  1 
ATOM   160  O  OE1 . GLU A 1 20  ? -9.128  -10.710 9.290   1.00 32.22 ? 20  GLU A OE1 1 
ATOM   161  O  OE2 . GLU A 1 20  ? -10.459 -12.413 8.865   1.00 33.02 ? 20  GLU A OE2 1 
ATOM   162  N  N   . LEU A 1 21  ? -9.692  -8.940  3.640   1.00 18.78 ? 21  LEU A N   1 
ATOM   163  C  CA  . LEU A 1 21  ? -9.949  -7.677  2.963   1.00 17.20 ? 21  LEU A CA  1 
ATOM   164  C  C   . LEU A 1 21  ? -10.730 -6.810  3.954   1.00 16.79 ? 21  LEU A C   1 
ATOM   165  O  O   . LEU A 1 21  ? -11.694 -7.268  4.564   1.00 15.97 ? 21  LEU A O   1 
ATOM   166  C  CB  . LEU A 1 21  ? -10.777 -7.932  1.698   1.00 18.79 ? 21  LEU A CB  1 
ATOM   167  C  CG  . LEU A 1 21  ? -10.891 -6.802  0.678   1.00 19.55 ? 21  LEU A CG  1 
ATOM   168  C  CD1 . LEU A 1 21  ? -9.505  -6.469  0.129   1.00 19.30 ? 21  LEU A CD1 1 
ATOM   169  C  CD2 . LEU A 1 21  ? -11.828 -7.226  -0.447  1.00 19.75 ? 21  LEU A CD2 1 
ATOM   170  N  N   . PRO A 1 22  ? -10.315 -5.546  4.135   1.00 14.29 ? 22  PRO A N   1 
ATOM   171  C  CA  . PRO A 1 22  ? -11.002 -4.649  5.068   1.00 15.47 ? 22  PRO A CA  1 
ATOM   172  C  C   . PRO A 1 22  ? -12.287 -4.059  4.509   1.00 15.74 ? 22  PRO A C   1 
ATOM   173  O  O   . PRO A 1 22  ? -12.523 -4.089  3.304   1.00 15.24 ? 22  PRO A O   1 
ATOM   174  C  CB  . PRO A 1 22  ? -9.964  -3.563  5.313   1.00 14.91 ? 22  PRO A CB  1 
ATOM   175  C  CG  . PRO A 1 22  ? -9.356  -3.414  3.939   1.00 14.24 ? 22  PRO A CG  1 
ATOM   176  C  CD  . PRO A 1 22  ? -9.160  -4.870  3.513   1.00 15.40 ? 22  PRO A CD  1 
ATOM   177  N  N   . ASP A 1 23  ? -13.124 -3.542  5.402   1.00 18.17 ? 23  ASP A N   1 
ATOM   178  C  CA  . ASP A 1 23  ? -14.352 -2.881  4.993   1.00 19.61 ? 23  ASP A CA  1 
ATOM   179  C  C   . ASP A 1 23  ? -14.112 -1.400  5.248   1.00 20.75 ? 23  ASP A C   1 
ATOM   180  O  O   . ASP A 1 23  ? -13.102 -1.018  5.849   1.00 19.44 ? 23  ASP A O   1 
ATOM   181  C  CB  . ASP A 1 23  ? -15.561 -3.375  5.795   1.00 23.01 ? 23  ASP A CB  1 
ATOM   182  C  CG  . ASP A 1 23  ? -15.322 -3.367  7.288   1.00 25.69 ? 23  ASP A CG  1 
ATOM   183  O  OD1 . ASP A 1 23  ? -14.827 -2.350  7.819   1.00 25.06 ? 23  ASP A OD1 1 
ATOM   184  O  OD2 . ASP A 1 23  ? -15.651 -4.386  7.937   1.00 31.41 ? 23  ASP A OD2 1 
ATOM   185  N  N   . GLU A 1 24  ? -15.031 -0.560  4.797   1.00 20.99 ? 24  GLU A N   1 
ATOM   186  C  CA  . GLU A 1 24  ? -14.872 0.871   4.969   1.00 22.07 ? 24  GLU A CA  1 
ATOM   187  C  C   . GLU A 1 24  ? -14.670 1.325   6.413   1.00 20.83 ? 24  GLU A C   1 
ATOM   188  O  O   . GLU A 1 24  ? -13.864 2.221   6.666   1.00 19.22 ? 24  GLU A O   1 
ATOM   189  C  CB  . GLU A 1 24  ? -16.050 1.596   4.316   1.00 25.05 ? 24  GLU A CB  1 
ATOM   190  C  CG  . GLU A 1 24  ? -16.037 1.452   2.800   1.00 30.25 ? 24  GLU A CG  1 
ATOM   191  C  CD  . GLU A 1 24  ? -17.173 2.179   2.120   1.00 34.68 ? 24  GLU A CD  1 
ATOM   192  O  OE1 . GLU A 1 24  ? -18.338 1.758   2.294   1.00 36.28 ? 24  GLU A OE1 1 
ATOM   193  O  OE2 . GLU A 1 24  ? -16.899 3.173   1.414   1.00 36.77 ? 24  GLU A OE2 1 
ATOM   194  N  N   . ASP A 1 25  ? -15.367 0.702   7.361   1.00 21.28 ? 25  ASP A N   1 
ATOM   195  C  CA  . ASP A 1 25  ? -15.221 1.076   8.768   1.00 22.15 ? 25  ASP A CA  1 
ATOM   196  C  C   . ASP A 1 25  ? -13.800 0.838   9.266   1.00 20.81 ? 25  ASP A C   1 
ATOM   197  O  O   . ASP A 1 25  ? -13.263 1.634   10.041  1.00 20.94 ? 25  ASP A O   1 
ATOM   198  C  CB  . ASP A 1 25  ? -16.198 0.291   9.646   1.00 24.38 ? 25  ASP A CB  1 
ATOM   199  C  CG  . ASP A 1 25  ? -17.644 0.652   9.380   1.00 27.27 ? 25  ASP A CG  1 
ATOM   200  O  OD1 . ASP A 1 25  ? -17.999 1.841   9.523   1.00 28.51 ? 25  ASP A OD1 1 
ATOM   201  O  OD2 . ASP A 1 25  ? -18.426 -0.258  9.027   1.00 31.49 ? 25  ASP A OD2 1 
ATOM   202  N  N   . GLN A 1 26  ? -13.195 -0.263  8.831   1.00 20.47 ? 26  GLN A N   1 
ATOM   203  C  CA  . GLN A 1 26  ? -11.834 -0.577  9.240   1.00 19.53 ? 26  GLN A CA  1 
ATOM   204  C  C   . GLN A 1 26  ? -10.868 0.472   8.705   1.00 19.09 ? 26  GLN A C   1 
ATOM   205  O  O   . GLN A 1 26  ? -9.928  0.861   9.397   1.00 19.95 ? 26  GLN A O   1 
ATOM   206  C  CB  . GLN A 1 26  ? -11.440 -1.982  8.763   1.00 20.46 ? 26  GLN A CB  1 
ATOM   207  C  CG  . GLN A 1 26  ? -12.035 -3.097  9.622   1.00 21.48 ? 26  GLN A CG  1 
ATOM   208  C  CD  . GLN A 1 26  ? -11.780 -4.490  9.069   1.00 22.68 ? 26  GLN A CD  1 
ATOM   209  O  OE1 . GLN A 1 26  ? -12.244 -4.835  7.981   1.00 23.87 ? 26  GLN A OE1 1 
ATOM   210  N  NE2 . GLN A 1 26  ? -11.044 -5.304  9.824   1.00 24.28 ? 26  GLN A NE2 1 
ATOM   211  N  N   . LEU A 1 27  ? -11.094 0.941   7.480   1.00 18.83 ? 27  LEU A N   1 
ATOM   212  C  CA  . LEU A 1 27  ? -10.216 1.962   6.922   1.00 18.36 ? 27  LEU A CA  1 
ATOM   213  C  C   . LEU A 1 27  ? -10.366 3.274   7.685   1.00 19.49 ? 27  LEU A C   1 
ATOM   214  O  O   . LEU A 1 27  ? -9.383  3.977   7.917   1.00 18.89 ? 27  LEU A O   1 
ATOM   215  C  CB  . LEU A 1 27  ? -10.496 2.180   5.436   1.00 21.53 ? 27  LEU A CB  1 
ATOM   216  C  CG  . LEU A 1 27  ? -9.797  1.165   4.524   1.00 23.78 ? 27  LEU A CG  1 
ATOM   217  C  CD1 . LEU A 1 27  ? -10.346 -0.224  4.765   1.00 27.30 ? 27  LEU A CD1 1 
ATOM   218  C  CD2 . LEU A 1 27  ? -9.996  1.568   3.078   1.00 25.80 ? 27  LEU A CD2 1 
ATOM   219  N  N   . VAL A 1 28  ? -11.592 3.608   8.077   1.00 18.31 ? 28  VAL A N   1 
ATOM   220  C  CA  . VAL A 1 28  ? -11.799 4.836   8.835   1.00 17.64 ? 28  VAL A CA  1 
ATOM   221  C  C   . VAL A 1 28  ? -11.007 4.745   10.139  1.00 18.46 ? 28  VAL A C   1 
ATOM   222  O  O   . VAL A 1 28  ? -10.371 5.715   10.548  1.00 18.66 ? 28  VAL A O   1 
ATOM   223  C  CB  . VAL A 1 28  ? -13.296 5.079   9.148   1.00 19.22 ? 28  VAL A CB  1 
ATOM   224  C  CG1 . VAL A 1 28  ? -13.445 6.212   10.161  1.00 20.14 ? 28  VAL A CG1 1 
ATOM   225  C  CG2 . VAL A 1 28  ? -14.035 5.442   7.868   1.00 18.04 ? 28  VAL A CG2 1 
ATOM   226  N  N   . GLU A 1 29  ? -11.026 3.577   10.783  1.00 17.71 ? 29  GLU A N   1 
ATOM   227  C  CA  . GLU A 1 29  ? -10.283 3.393   12.034  1.00 19.01 ? 29  GLU A CA  1 
ATOM   228  C  C   . GLU A 1 29  ? -8.794  3.672   11.844  1.00 18.41 ? 29  GLU A C   1 
ATOM   229  O  O   . GLU A 1 29  ? -8.167  4.342   12.669  1.00 17.05 ? 29  GLU A O   1 
ATOM   230  C  CB  . GLU A 1 29  ? -10.440 1.966   12.572  1.00 24.46 ? 29  GLU A CB  1 
ATOM   231  C  CG  . GLU A 1 29  ? -11.823 1.616   13.089  1.00 30.76 ? 29  GLU A CG  1 
ATOM   232  C  CD  . GLU A 1 29  ? -11.834 0.294   13.844  1.00 34.56 ? 29  GLU A CD  1 
ATOM   233  O  OE1 . GLU A 1 29  ? -11.389 -0.727  13.273  1.00 36.05 ? 29  GLU A OE1 1 
ATOM   234  O  OE2 . GLU A 1 29  ? -12.290 0.275   15.008  1.00 37.28 ? 29  GLU A OE2 1 
ATOM   235  N  N   . ILE A 1 30  ? -8.228  3.149   10.761  1.00 16.43 ? 30  ILE A N   1 
ATOM   236  C  CA  . ILE A 1 30  ? -6.812  3.358   10.472  1.00 15.43 ? 30  ILE A CA  1 
ATOM   237  C  C   . ILE A 1 30  ? -6.519  4.842   10.242  1.00 15.54 ? 30  ILE A C   1 
ATOM   238  O  O   . ILE A 1 30  ? -5.535  5.376   10.758  1.00 14.53 ? 30  ILE A O   1 
ATOM   239  C  CB  . ILE A 1 30  ? -6.375  2.570   9.221   1.00 16.11 ? 30  ILE A CB  1 
ATOM   240  C  CG1 . ILE A 1 30  ? -6.536  1.070   9.466   1.00 17.88 ? 30  ILE A CG1 1 
ATOM   241  C  CG2 . ILE A 1 30  ? -4.936  2.918   8.857   1.00 16.35 ? 30  ILE A CG2 1 
ATOM   242  C  CD1 . ILE A 1 30  ? -5.636  0.510   10.555  1.00 16.87 ? 30  ILE A CD1 1 
ATOM   243  N  N   . GLU A 1 31  ? -7.370  5.505   9.470   1.00 14.77 ? 31  GLU A N   1 
ATOM   244  C  CA  . GLU A 1 31  ? -7.180  6.927   9.198   1.00 16.45 ? 31  GLU A CA  1 
ATOM   245  C  C   . GLU A 1 31  ? -7.141  7.708   10.503  1.00 16.81 ? 31  GLU A C   1 
ATOM   246  O  O   . GLU A 1 31  ? -6.259  8.537   10.723  1.00 18.86 ? 31  GLU A O   1 
ATOM   247  C  CB  . GLU A 1 31  ? -8.318  7.475   8.337   1.00 18.62 ? 31  GLU A CB  1 
ATOM   248  C  CG  . GLU A 1 31  ? -8.346  6.933   6.927   1.00 20.09 ? 31  GLU A CG  1 
ATOM   249  C  CD  . GLU A 1 31  ? -9.404  7.597   6.074   1.00 22.72 ? 31  GLU A CD  1 
ATOM   250  O  OE1 . GLU A 1 31  ? -10.605 7.462   6.399   1.00 23.42 ? 31  GLU A OE1 1 
ATOM   251  O  OE2 . GLU A 1 31  ? -9.036  8.255   5.077   1.00 22.62 ? 31  GLU A OE2 1 
ATOM   252  N  N   . GLU A 1 32  ? -8.106  7.439   11.370  1.00 16.31 ? 32  GLU A N   1 
ATOM   253  C  CA  . GLU A 1 32  ? -8.175  8.140   12.644  1.00 17.94 ? 32  GLU A CA  1 
ATOM   254  C  C   . GLU A 1 32  ? -6.959  7.865   13.518  1.00 15.87 ? 32  GLU A C   1 
ATOM   255  O  O   . GLU A 1 32  ? -6.450  8.768   14.181  1.00 15.15 ? 32  GLU A O   1 
ATOM   256  C  CB  . GLU A 1 32  ? -9.462  7.757   13.372  1.00 19.94 ? 32  GLU A CB  1 
ATOM   257  C  CG  . GLU A 1 32  ? -10.706 8.035   12.545  1.00 23.28 ? 32  GLU A CG  1 
ATOM   258  C  CD  . GLU A 1 32  ? -11.985 7.676   13.271  1.00 28.19 ? 32  GLU A CD  1 
ATOM   259  O  OE1 . GLU A 1 32  ? -12.047 6.572   13.857  1.00 29.19 ? 32  GLU A OE1 1 
ATOM   260  O  OE2 . GLU A 1 32  ? -12.933 8.493   13.246  1.00 30.99 ? 32  GLU A OE2 1 
ATOM   261  N  N   . GLN A 1 33  ? -6.488  6.623   13.517  1.00 16.13 ? 33  GLN A N   1 
ATOM   262  C  CA  . GLN A 1 33  ? -5.318  6.249   14.307  1.00 18.55 ? 33  GLN A CA  1 
ATOM   263  C  C   . GLN A 1 33  ? -4.076  7.014   13.888  1.00 18.83 ? 33  GLN A C   1 
ATOM   264  O  O   . GLN A 1 33  ? -3.227  7.344   14.722  1.00 20.39 ? 33  GLN A O   1 
ATOM   265  C  CB  . GLN A 1 33  ? -5.008  4.770   14.140  1.00 19.20 ? 33  GLN A CB  1 
ATOM   266  C  CG  . GLN A 1 33  ? -5.901  3.828   14.872  1.00 24.12 ? 33  GLN A CG  1 
ATOM   267  C  CD  . GLN A 1 33  ? -5.534  2.398   14.553  1.00 24.76 ? 33  GLN A CD  1 
ATOM   268  O  OE1 . GLN A 1 33  ? -4.369  1.995   14.681  1.00 25.42 ? 33  GLN A OE1 1 
ATOM   269  N  NE2 . GLN A 1 33  ? -6.518  1.620   14.129  1.00 26.93 ? 33  GLN A NE2 1 
ATOM   270  N  N   . LEU A 1 34  ? -3.959  7.270   12.587  1.00 17.46 ? 34  LEU A N   1 
ATOM   271  C  CA  . LEU A 1 34  ? -2.800  7.973   12.048  1.00 17.61 ? 34  LEU A CA  1 
ATOM   272  C  C   . LEU A 1 34  ? -3.071  9.457   11.837  1.00 17.77 ? 34  LEU A C   1 
ATOM   273  O  O   . LEU A 1 34  ? -2.188  10.210  11.422  1.00 16.22 ? 34  LEU A O   1 
ATOM   274  C  CB  . LEU A 1 34  ? -2.381  7.322   10.731  1.00 19.21 ? 34  LEU A CB  1 
ATOM   275  C  CG  . LEU A 1 34  ? -1.862  5.887   10.865  1.00 19.39 ? 34  LEU A CG  1 
ATOM   276  C  CD1 . LEU A 1 34  ? -1.887  5.201   9.513   1.00 20.96 ? 34  LEU A CD1 1 
ATOM   277  C  CD2 . LEU A 1 34  ? -0.452  5.899   11.429  1.00 20.31 ? 34  LEU A CD2 1 
ATOM   278  N  N   . PHE A 1 35  ? -4.300  9.866   12.136  1.00 17.05 ? 35  PHE A N   1 
ATOM   279  C  CA  . PHE A 1 35  ? -4.737  11.247  11.980  1.00 18.60 ? 35  PHE A CA  1 
ATOM   280  C  C   . PHE A 1 35  ? -4.388  11.759  10.591  1.00 20.39 ? 35  PHE A C   1 
ATOM   281  O  O   . PHE A 1 35  ? -3.791  12.822  10.428  1.00 20.73 ? 35  PHE A O   1 
ATOM   282  C  CB  . PHE A 1 35  ? -4.104  12.155  13.037  1.00 16.44 ? 35  PHE A CB  1 
ATOM   283  C  CG  . PHE A 1 35  ? -4.993  13.299  13.445  1.00 16.74 ? 35  PHE A CG  1 
ATOM   284  C  CD1 . PHE A 1 35  ? -6.131  13.067  14.212  1.00 16.89 ? 35  PHE A CD1 1 
ATOM   285  C  CD2 . PHE A 1 35  ? -4.725  14.597  13.023  1.00 18.09 ? 35  PHE A CD2 1 
ATOM   286  C  CE1 . PHE A 1 35  ? -6.993  14.106  14.551  1.00 17.29 ? 35  PHE A CE1 1 
ATOM   287  C  CE2 . PHE A 1 35  ? -5.580  15.649  13.356  1.00 19.57 ? 35  PHE A CE2 1 
ATOM   288  C  CZ  . PHE A 1 35  ? -6.718  15.407  14.121  1.00 17.35 ? 35  PHE A CZ  1 
ATOM   289  N  N   . ILE A 1 36  ? -4.772  10.982  9.588   1.00 21.72 ? 36  ILE A N   1 
ATOM   290  C  CA  . ILE A 1 36  ? -4.501  11.334  8.207   1.00 23.56 ? 36  ILE A CA  1 
ATOM   291  C  C   . ILE A 1 36  ? -5.690  10.902  7.365   1.00 24.42 ? 36  ILE A C   1 
ATOM   292  O  O   . ILE A 1 36  ? -6.528  10.114  7.805   1.00 24.66 ? 36  ILE A O   1 
ATOM   293  C  CB  . ILE A 1 36  ? -3.235  10.610  7.696   1.00 26.39 ? 36  ILE A CB  1 
ATOM   294  C  CG1 . ILE A 1 36  ? -2.788  11.206  6.358   1.00 28.38 ? 36  ILE A CG1 1 
ATOM   295  C  CG2 . ILE A 1 36  ? -3.524  9.124   7.534   1.00 26.81 ? 36  ILE A CG2 1 
ATOM   296  C  CD1 . ILE A 1 36  ? -2.323  12.642  6.447   1.00 29.64 ? 36  ILE A CD1 1 
ATOM   297  N  N   . ASN A 1 37  ? -5.772  11.436  6.157   1.00 23.31 ? 37  ASN A N   1 
ATOM   298  C  CA  . ASN A 1 37  ? -6.847  11.073  5.254   1.00 23.37 ? 37  ASN A CA  1 
ATOM   299  C  C   . ASN A 1 37  ? -6.181  10.242  4.169   1.00 21.35 ? 37  ASN A C   1 
ATOM   300  O  O   . ASN A 1 37  ? -5.236  10.703  3.530   1.00 21.35 ? 37  ASN A O   1 
ATOM   301  C  CB  . ASN A 1 37  ? -7.477  12.332  4.654   1.00 28.20 ? 37  ASN A CB  1 
ATOM   302  C  CG  . ASN A 1 37  ? -8.773  12.046  3.924   1.00 31.82 ? 37  ASN A CG  1 
ATOM   303  O  OD1 . ASN A 1 37  ? -8.783  11.404  2.873   1.00 33.66 ? 37  ASN A OD1 1 
ATOM   304  N  ND2 . ASN A 1 37  ? -9.880  12.518  4.484   1.00 35.30 ? 37  ASN A ND2 1 
ATOM   305  N  N   . ILE A 1 38  ? -6.639  9.007   3.983   1.00 16.62 ? 38  ILE A N   1 
ATOM   306  C  CA  . ILE A 1 38  ? -6.065  8.149   2.947   1.00 16.52 ? 38  ILE A CA  1 
ATOM   307  C  C   . ILE A 1 38  ? -6.670  8.566   1.610   1.00 15.87 ? 38  ILE A C   1 
ATOM   308  O  O   . ILE A 1 38  ? -7.890  8.630   1.475   1.00 15.60 ? 38  ILE A O   1 
ATOM   309  C  CB  . ILE A 1 38  ? -6.383  6.659   3.203   1.00 15.60 ? 38  ILE A CB  1 
ATOM   310  C  CG1 . ILE A 1 38  ? -5.765  6.219   4.532   1.00 17.32 ? 38  ILE A CG1 1 
ATOM   311  C  CG2 . ILE A 1 38  ? -5.847  5.805   2.054   1.00 16.02 ? 38  ILE A CG2 1 
ATOM   312  C  CD1 . ILE A 1 38  ? -6.186  4.841   4.978   1.00 19.07 ? 38  ILE A CD1 1 
ATOM   313  N  N   . PRO A 1 39  ? -5.823  8.872   0.608   1.00 15.58 ? 39  PRO A N   1 
ATOM   314  C  CA  . PRO A 1 39  ? -6.314  9.287   -0.713  1.00 15.75 ? 39  PRO A CA  1 
ATOM   315  C  C   . PRO A 1 39  ? -7.346  8.287   -1.233  1.00 14.85 ? 39  PRO A C   1 
ATOM   316  O  O   . PRO A 1 39  ? -7.208  7.086   -1.004  1.00 13.64 ? 39  PRO A O   1 
ATOM   317  C  CB  . PRO A 1 39  ? -5.037  9.310   -1.557  1.00 17.42 ? 39  PRO A CB  1 
ATOM   318  C  CG  . PRO A 1 39  ? -3.991  9.697   -0.565  1.00 18.96 ? 39  PRO A CG  1 
ATOM   319  C  CD  . PRO A 1 39  ? -4.351  8.825   0.626   1.00 16.62 ? 39  PRO A CD  1 
ATOM   320  N  N   . PHE A 1 40  ? -8.367  8.782   -1.931  1.00 13.87 ? 40  PHE A N   1 
ATOM   321  C  CA  . PHE A 1 40  ? -9.435  7.930   -2.456  1.00 13.71 ? 40  PHE A CA  1 
ATOM   322  C  C   . PHE A 1 40  ? -8.991  6.689   -3.216  1.00 13.65 ? 40  PHE A C   1 
ATOM   323  O  O   . PHE A 1 40  ? -9.412  5.586   -2.884  1.00 13.57 ? 40  PHE A O   1 
ATOM   324  C  CB  . PHE A 1 40  ? -10.394 8.714   -3.368  1.00 15.27 ? 40  PHE A CB  1 
ATOM   325  C  CG  . PHE A 1 40  ? -11.539 7.872   -3.893  1.00 15.63 ? 40  PHE A CG  1 
ATOM   326  C  CD1 . PHE A 1 40  ? -12.716 7.737   -3.161  1.00 17.39 ? 40  PHE A CD1 1 
ATOM   327  C  CD2 . PHE A 1 40  ? -11.396 7.126   -5.062  1.00 17.14 ? 40  PHE A CD2 1 
ATOM   328  C  CE1 . PHE A 1 40  ? -13.726 6.870   -3.578  1.00 18.45 ? 40  PHE A CE1 1 
ATOM   329  C  CE2 . PHE A 1 40  ? -12.403 6.252   -5.487  1.00 17.08 ? 40  PHE A CE2 1 
ATOM   330  C  CZ  . PHE A 1 40  ? -13.568 6.125   -4.740  1.00 17.38 ? 40  PHE A CZ  1 
ATOM   331  N  N   . VAL A 1 41  ? -8.163  6.851   -4.248  1.00 13.50 ? 41  VAL A N   1 
ATOM   332  C  CA  . VAL A 1 41  ? -7.742  5.689   -5.024  1.00 12.49 ? 41  VAL A CA  1 
ATOM   333  C  C   . VAL A 1 41  ? -6.949  4.698   -4.179  1.00 13.52 ? 41  VAL A C   1 
ATOM   334  O  O   . VAL A 1 41  ? -7.093  3.493   -4.347  1.00 11.56 ? 41  VAL A O   1 
ATOM   335  C  CB  . VAL A 1 41  ? -6.954  6.100   -6.287  1.00 13.95 ? 41  VAL A CB  1 
ATOM   336  C  CG1 . VAL A 1 41  ? -6.531  4.869   -7.068  1.00 13.41 ? 41  VAL A CG1 1 
ATOM   337  C  CG2 . VAL A 1 41  ? -7.833  6.969   -7.176  1.00 15.15 ? 41  VAL A CG2 1 
ATOM   338  N  N   . PHE A 1 42  ? -6.124  5.201   -3.264  1.00 12.81 ? 42  PHE A N   1 
ATOM   339  C  CA  . PHE A 1 42  ? -5.363  4.338   -2.364  1.00 11.76 ? 42  PHE A CA  1 
ATOM   340  C  C   . PHE A 1 42  ? -6.372  3.557   -1.498  1.00 11.93 ? 42  PHE A C   1 
ATOM   341  O  O   . PHE A 1 42  ? -6.218  2.356   -1.276  1.00 11.96 ? 42  PHE A O   1 
ATOM   342  C  CB  . PHE A 1 42  ? -4.446  5.216   -1.496  1.00 12.72 ? 42  PHE A CB  1 
ATOM   343  C  CG  . PHE A 1 42  ? -3.447  4.455   -0.660  1.00 14.66 ? 42  PHE A CG  1 
ATOM   344  C  CD1 . PHE A 1 42  ? -3.402  3.066   -0.651  1.00 16.12 ? 42  PHE A CD1 1 
ATOM   345  C  CD2 . PHE A 1 42  ? -2.542  5.158   0.129   1.00 15.54 ? 42  PHE A CD2 1 
ATOM   346  C  CE1 . PHE A 1 42  ? -2.465  2.388   0.141   1.00 15.93 ? 42  PHE A CE1 1 
ATOM   347  C  CE2 . PHE A 1 42  ? -1.608  4.501   0.917   1.00 14.75 ? 42  PHE A CE2 1 
ATOM   348  C  CZ  . PHE A 1 42  ? -1.568  3.109   0.924   1.00 15.79 ? 42  PHE A CZ  1 
ATOM   349  N  N   . LYS A 1 43  ? -7.413  4.239   -1.028  1.00 12.99 ? 43  LYS A N   1 
ATOM   350  C  CA  . LYS A 1 43  ? -8.435  3.589   -0.213  1.00 13.35 ? 43  LYS A CA  1 
ATOM   351  C  C   . LYS A 1 43  ? -9.127  2.502   -1.034  1.00 13.22 ? 43  LYS A C   1 
ATOM   352  O  O   . LYS A 1 43  ? -9.450  1.432   -0.524  1.00 12.59 ? 43  LYS A O   1 
ATOM   353  C  CB  . LYS A 1 43  ? -9.450  4.629   0.254   1.00 16.61 ? 43  LYS A CB  1 
ATOM   354  C  CG  . LYS A 1 43  ? -10.451 4.127   1.265   1.00 23.63 ? 43  LYS A CG  1 
ATOM   355  C  CD  . LYS A 1 43  ? -11.046 5.287   2.055   1.00 25.53 ? 43  LYS A CD  1 
ATOM   356  C  CE  . LYS A 1 43  ? -11.700 6.318   1.141   1.00 30.44 ? 43  LYS A CE  1 
ATOM   357  N  NZ  . LYS A 1 43  ? -12.261 7.466   1.910   1.00 31.33 ? 43  LYS A NZ  1 
ATOM   358  N  N   . GLU A 1 44  ? -9.354  2.791   -2.311  1.00 12.59 ? 44  GLU A N   1 
ATOM   359  C  CA  . GLU A 1 44  ? -9.989  1.843   -3.219  1.00 12.91 ? 44  GLU A CA  1 
ATOM   360  C  C   . GLU A 1 44  ? -9.110  0.601   -3.350  1.00 12.84 ? 44  GLU A C   1 
ATOM   361  O  O   . GLU A 1 44  ? -9.599  -0.525  -3.342  1.00 12.07 ? 44  GLU A O   1 
ATOM   362  C  CB  . GLU A 1 44  ? -10.192 2.507   -4.579  1.00 10.90 ? 44  GLU A CB  1 
ATOM   363  C  CG  . GLU A 1 44  ? -10.890 1.656   -5.608  1.00 14.13 ? 44  GLU A CG  1 
ATOM   364  C  CD  . GLU A 1 44  ? -11.157 2.440   -6.865  1.00 17.47 ? 44  GLU A CD  1 
ATOM   365  O  OE1 . GLU A 1 44  ? -10.178 2.921   -7.472  1.00 17.93 ? 44  GLU A OE1 1 
ATOM   366  O  OE2 . GLU A 1 44  ? -12.343 2.586   -7.235  1.00 19.65 ? 44  GLU A OE2 1 
ATOM   367  N  N   . PHE A 1 45  ? -7.804  0.818   -3.461  1.00 12.19 ? 45  PHE A N   1 
ATOM   368  C  CA  . PHE A 1 45  ? -6.846  -0.273  -3.558  1.00 11.18 ? 45  PHE A CA  1 
ATOM   369  C  C   . PHE A 1 45  ? -6.957  -1.144  -2.296  1.00 10.69 ? 45  PHE A C   1 
ATOM   370  O  O   . PHE A 1 45  ? -7.087  -2.368  -2.366  1.00 9.92  ? 45  PHE A O   1 
ATOM   371  C  CB  . PHE A 1 45  ? -5.442  0.329   -3.682  1.00 10.77 ? 45  PHE A CB  1 
ATOM   372  C  CG  . PHE A 1 45  ? -4.325  -0.661  -3.539  1.00 12.84 ? 45  PHE A CG  1 
ATOM   373  C  CD1 . PHE A 1 45  ? -3.780  -1.283  -4.661  1.00 11.85 ? 45  PHE A CD1 1 
ATOM   374  C  CD2 . PHE A 1 45  ? -3.781  -0.933  -2.287  1.00 12.67 ? 45  PHE A CD2 1 
ATOM   375  C  CE1 . PHE A 1 45  ? -2.702  -2.157  -4.539  1.00 14.28 ? 45  PHE A CE1 1 
ATOM   376  C  CE2 . PHE A 1 45  ? -2.695  -1.812  -2.152  1.00 11.89 ? 45  PHE A CE2 1 
ATOM   377  C  CZ  . PHE A 1 45  ? -2.158  -2.422  -3.283  1.00 12.37 ? 45  PHE A CZ  1 
ATOM   378  N  N   . LEU A 1 46  ? -6.919  -0.509  -1.133  1.00 10.25 ? 46  LEU A N   1 
ATOM   379  C  CA  . LEU A 1 46  ? -7.018  -1.262  0.111   1.00 11.60 ? 46  LEU A CA  1 
ATOM   380  C  C   . LEU A 1 46  ? -8.327  -2.049  0.231   1.00 12.62 ? 46  LEU A C   1 
ATOM   381  O  O   . LEU A 1 46  ? -8.344  -3.175  0.735   1.00 12.86 ? 46  LEU A O   1 
ATOM   382  C  CB  . LEU A 1 46  ? -6.872  -0.315  1.301   1.00 13.45 ? 46  LEU A CB  1 
ATOM   383  C  CG  . LEU A 1 46  ? -5.498  0.346   1.442   1.00 12.16 ? 46  LEU A CG  1 
ATOM   384  C  CD1 . LEU A 1 46  ? -5.536  1.362   2.571   1.00 16.17 ? 46  LEU A CD1 1 
ATOM   385  C  CD2 . LEU A 1 46  ? -4.433  -0.716  1.711   1.00 15.07 ? 46  LEU A CD2 1 
ATOM   386  N  N   . LEU A 1 47  ? -9.419  -1.466  -0.249  1.00 11.53 ? 47  LEU A N   1 
ATOM   387  C  CA  . LEU A 1 47  ? -10.724 -2.120  -0.159  1.00 11.94 ? 47  LEU A CA  1 
ATOM   388  C  C   . LEU A 1 47  ? -10.974 -3.200  -1.201  1.00 12.91 ? 47  LEU A C   1 
ATOM   389  O  O   . LEU A 1 47  ? -11.923 -3.977  -1.066  1.00 14.52 ? 47  LEU A O   1 
ATOM   390  C  CB  . LEU A 1 47  ? -11.835 -1.069  -0.254  1.00 13.18 ? 47  LEU A CB  1 
ATOM   391  C  CG  . LEU A 1 47  ? -11.939 -0.074  0.902   1.00 14.29 ? 47  LEU A CG  1 
ATOM   392  C  CD1 . LEU A 1 47  ? -12.781 1.126   0.490   1.00 15.14 ? 47  LEU A CD1 1 
ATOM   393  C  CD2 . LEU A 1 47  ? -12.537 -0.772  2.122   1.00 16.44 ? 47  LEU A CD2 1 
ATOM   394  N  N   . THR A 1 48  ? -10.126 -3.268  -2.224  1.00 12.48 ? 48  THR A N   1 
ATOM   395  C  CA  . THR A 1 48  ? -10.322 -4.238  -3.296  1.00 13.23 ? 48  THR A CA  1 
ATOM   396  C  C   . THR A 1 48  ? -9.249  -5.296  -3.519  1.00 15.12 ? 48  THR A C   1 
ATOM   397  O  O   . THR A 1 48  ? -9.554  -6.386  -4.003  1.00 15.00 ? 48  THR A O   1 
ATOM   398  C  CB  . THR A 1 48  ? -10.533 -3.515  -4.637  1.00 16.47 ? 48  THR A CB  1 
ATOM   399  O  OG1 . THR A 1 48  ? -9.352  -2.777  -4.982  1.00 16.61 ? 48  THR A OG1 1 
ATOM   400  C  CG2 . THR A 1 48  ? -11.682 -2.555  -4.527  1.00 15.02 ? 48  THR A CG2 1 
ATOM   401  N  N   . VAL A 1 49  ? -7.998  -4.993  -3.184  1.00 12.48 ? 49  VAL A N   1 
ATOM   402  C  CA  . VAL A 1 49  ? -6.934  -5.965  -3.418  1.00 12.34 ? 49  VAL A CA  1 
ATOM   403  C  C   . VAL A 1 49  ? -5.899  -6.163  -2.308  1.00 12.06 ? 49  VAL A C   1 
ATOM   404  O  O   . VAL A 1 49  ? -4.918  -6.874  -2.514  1.00 12.97 ? 49  VAL A O   1 
ATOM   405  C  CB  . VAL A 1 49  ? -6.176  -5.637  -4.734  1.00 12.39 ? 49  VAL A CB  1 
ATOM   406  C  CG1 . VAL A 1 49  ? -7.141  -5.668  -5.909  1.00 12.35 ? 49  VAL A CG1 1 
ATOM   407  C  CG2 . VAL A 1 49  ? -5.519  -4.271  -4.653  1.00 13.12 ? 49  VAL A CG2 1 
ATOM   408  N  N   . SER A 1 50  ? -6.112  -5.569  -1.131  1.00 11.84 ? 50  SER A N   1 
ATOM   409  C  CA  . SER A 1 50  ? -5.120  -5.720  -0.066  1.00 11.70 ? 50  SER A CA  1 
ATOM   410  C  C   . SER A 1 50  ? -5.073  -7.110  0.572   1.00 12.82 ? 50  SER A C   1 
ATOM   411  O  O   . SER A 1 50  ? -4.308  -7.337  1.515   1.00 14.79 ? 50  SER A O   1 
ATOM   412  C  CB  . SER A 1 50  ? -5.273  -4.629  1.013   1.00 12.03 ? 50  SER A CB  1 
ATOM   413  O  OG  . SER A 1 50  ? -6.463  -4.739  1.774   1.00 12.12 ? 50  SER A OG  1 
ATOM   414  N  N   . ASP A 1 51  ? -5.884  -8.037  0.064   1.00 14.56 ? 51  ASP A N   1 
ATOM   415  C  CA  . ASP A 1 51  ? -5.856  -9.409  0.572   1.00 16.04 ? 51  ASP A CA  1 
ATOM   416  C  C   . ASP A 1 51  ? -5.063  -10.273 -0.408  1.00 16.59 ? 51  ASP A C   1 
ATOM   417  O  O   . ASP A 1 51  ? -4.944  -11.491 -0.238  1.00 18.00 ? 51  ASP A O   1 
ATOM   418  C  CB  . ASP A 1 51  ? -7.278  -9.960  0.735   1.00 18.66 ? 51  ASP A CB  1 
ATOM   419  C  CG  . ASP A 1 51  ? -8.033  -10.045 -0.580  1.00 18.90 ? 51  ASP A CG  1 
ATOM   420  O  OD1 . ASP A 1 51  ? -7.801  -9.192  -1.459  1.00 18.78 ? 51  ASP A OD1 1 
ATOM   421  O  OD2 . ASP A 1 51  ? -8.880  -10.959 -0.727  1.00 22.61 ? 51  ASP A OD2 1 
ATOM   422  N  N   . VAL A 1 52  ? -4.502  -9.631  -1.426  1.00 13.18 ? 52  VAL A N   1 
ATOM   423  C  CA  . VAL A 1 52  ? -3.732  -10.327 -2.448  1.00 13.68 ? 52  VAL A CA  1 
ATOM   424  C  C   . VAL A 1 52  ? -2.252  -10.537 -2.122  1.00 13.76 ? 52  VAL A C   1 
ATOM   425  O  O   . VAL A 1 52  ? -1.569  -9.656  -1.566  1.00 14.27 ? 52  VAL A O   1 
ATOM   426  C  CB  . VAL A 1 52  ? -3.847  -9.590  -3.815  1.00 13.81 ? 52  VAL A CB  1 
ATOM   427  C  CG1 . VAL A 1 52  ? -2.918  -10.221 -4.840  1.00 13.24 ? 52  VAL A CG1 1 
ATOM   428  C  CG2 . VAL A 1 52  ? -5.289  -9.645  -4.307  1.00 14.64 ? 52  VAL A CG2 1 
ATOM   429  N  N   . VAL A 1 53  ? -1.777  -11.733 -2.458  1.00 13.59 ? 53  VAL A N   1 
ATOM   430  C  CA  . VAL A 1 53  ? -0.387  -12.121 -2.269  1.00 14.31 ? 53  VAL A CA  1 
ATOM   431  C  C   . VAL A 1 53  ? 0.156   -12.384 -3.670  1.00 14.49 ? 53  VAL A C   1 
ATOM   432  O  O   . VAL A 1 53  ? -0.395  -13.210 -4.404  1.00 14.80 ? 53  VAL A O   1 
ATOM   433  C  CB  . VAL A 1 53  ? -0.289  -13.408 -1.423  1.00 14.26 ? 53  VAL A CB  1 
ATOM   434  C  CG1 . VAL A 1 53  ? 1.163   -13.809 -1.248  1.00 14.53 ? 53  VAL A CG1 1 
ATOM   435  C  CG2 . VAL A 1 53  ? -0.959  -13.190 -0.071  1.00 16.55 ? 53  VAL A CG2 1 
ATOM   436  N  N   . TYR A 1 54  ? 1.212   -11.666 -4.054  1.00 14.02 ? 54  TYR A N   1 
ATOM   437  C  CA  . TYR A 1 54  ? 1.800   -11.842 -5.380  1.00 14.35 ? 54  TYR A CA  1 
ATOM   438  C  C   . TYR A 1 54  ? 3.213   -11.285 -5.539  1.00 15.49 ? 54  TYR A C   1 
ATOM   439  O  O   . TYR A 1 54  ? 3.548   -10.230 -4.994  1.00 15.81 ? 54  TYR A O   1 
ATOM   440  C  CB  . TYR A 1 54  ? 0.936   -11.180 -6.456  1.00 16.78 ? 54  TYR A CB  1 
ATOM   441  C  CG  . TYR A 1 54  ? 1.542   -11.322 -7.835  1.00 19.08 ? 54  TYR A CG  1 
ATOM   442  C  CD1 . TYR A 1 54  ? 1.350   -12.484 -8.581  1.00 19.99 ? 54  TYR A CD1 1 
ATOM   443  C  CD2 . TYR A 1 54  ? 2.376   -10.334 -8.357  1.00 19.20 ? 54  TYR A CD2 1 
ATOM   444  C  CE1 . TYR A 1 54  ? 1.979   -12.661 -9.808  1.00 22.26 ? 54  TYR A CE1 1 
ATOM   445  C  CE2 . TYR A 1 54  ? 3.012   -10.503 -9.583  1.00 22.35 ? 54  TYR A CE2 1 
ATOM   446  C  CZ  . TYR A 1 54  ? 2.809   -11.670 -10.302 1.00 23.07 ? 54  TYR A CZ  1 
ATOM   447  O  OH  . TYR A 1 54  ? 3.440   -11.852 -11.511 1.00 23.84 ? 54  TYR A OH  1 
ATOM   448  N  N   . GLY A 1 55  ? 4.022   -12.004 -6.309  1.00 17.67 ? 55  GLY A N   1 
ATOM   449  C  CA  . GLY A 1 55  ? 5.374   -11.566 -6.600  1.00 16.63 ? 55  GLY A CA  1 
ATOM   450  C  C   . GLY A 1 55  ? 6.343   -11.414 -5.449  1.00 17.36 ? 55  GLY A C   1 
ATOM   451  O  O   . GLY A 1 55  ? 6.282   -12.152 -4.464  1.00 18.51 ? 55  GLY A O   1 
ATOM   452  N  N   . SER A 1 56  ? 7.240   -10.439 -5.587  1.00 19.23 ? 56  SER A N   1 
ATOM   453  C  CA  . SER A 1 56  ? 8.272   -10.177 -4.587  1.00 19.44 ? 56  SER A CA  1 
ATOM   454  C  C   . SER A 1 56  ? 8.020   -8.941  -3.730  1.00 19.89 ? 56  SER A C   1 
ATOM   455  O  O   . SER A 1 56  ? 8.925   -8.476  -3.036  1.00 19.73 ? 56  SER A O   1 
ATOM   456  C  CB  . SER A 1 56  ? 9.635   -10.027 -5.272  1.00 20.18 ? 56  SER A CB  1 
ATOM   457  O  OG  . SER A 1 56  ? 9.645   -8.910  -6.150  1.00 21.84 ? 56  SER A OG  1 
ATOM   458  N  N   . LEU A 1 57  ? 6.809   -8.399  -3.795  1.00 17.26 ? 57  LEU A N   1 
ATOM   459  C  CA  . LEU A 1 57  ? 6.454   -7.222  -3.004  1.00 15.32 ? 57  LEU A CA  1 
ATOM   460  C  C   . LEU A 1 57  ? 5.214   -7.510  -2.172  1.00 14.99 ? 57  LEU A C   1 
ATOM   461  O  O   . LEU A 1 57  ? 4.293   -8.180  -2.629  1.00 14.95 ? 57  LEU A O   1 
ATOM   462  C  CB  . LEU A 1 57  ? 6.193   -6.017  -3.913  1.00 13.18 ? 57  LEU A CB  1 
ATOM   463  C  CG  . LEU A 1 57  ? 7.416   -5.418  -4.618  1.00 12.42 ? 57  LEU A CG  1 
ATOM   464  C  CD1 . LEU A 1 57  ? 6.975   -4.380  -5.624  1.00 13.93 ? 57  LEU A CD1 1 
ATOM   465  C  CD2 . LEU A 1 57  ? 8.348   -4.799  -3.597  1.00 15.28 ? 57  LEU A CD2 1 
ATOM   466  N  N   . GLU A 1 58  ? 5.210   -7.012  -0.939  1.00 15.02 ? 58  GLU A N   1 
ATOM   467  C  CA  . GLU A 1 58  ? 4.079   -7.194  -0.043  1.00 13.58 ? 58  GLU A CA  1 
ATOM   468  C  C   . GLU A 1 58  ? 3.577   -5.814  0.366   1.00 14.88 ? 58  GLU A C   1 
ATOM   469  O  O   . GLU A 1 58  ? 4.091   -5.199  1.304   1.00 15.36 ? 58  GLU A O   1 
ATOM   470  C  CB  . GLU A 1 58  ? 4.496   -7.969  1.202   1.00 18.13 ? 58  GLU A CB  1 
ATOM   471  C  CG  . GLU A 1 58  ? 4.912   -9.395  0.950   1.00 21.99 ? 58  GLU A CG  1 
ATOM   472  C  CD  . GLU A 1 58  ? 5.323   -10.084 2.234   1.00 26.01 ? 58  GLU A CD  1 
ATOM   473  O  OE1 . GLU A 1 58  ? 6.429   -9.797  2.728   1.00 28.60 ? 58  GLU A OE1 1 
ATOM   474  O  OE2 . GLU A 1 58  ? 4.530   -10.894 2.758   1.00 30.29 ? 58  GLU A OE2 1 
ATOM   475  N  N   . PRO A 1 59  ? 2.562   -5.304  -0.339  1.00 13.13 ? 59  PRO A N   1 
ATOM   476  C  CA  . PRO A 1 59  ? 2.033   -3.983  -0.005  1.00 12.79 ? 59  PRO A CA  1 
ATOM   477  C  C   . PRO A 1 59  ? 1.401   -3.919  1.385   1.00 11.82 ? 59  PRO A C   1 
ATOM   478  O  O   . PRO A 1 59  ? 1.163   -4.942  2.036   1.00 11.39 ? 59  PRO A O   1 
ATOM   479  C  CB  . PRO A 1 59  ? 1.016   -3.725  -1.119  1.00 13.80 ? 59  PRO A CB  1 
ATOM   480  C  CG  . PRO A 1 59  ? 1.490   -4.606  -2.242  1.00 12.67 ? 59  PRO A CG  1 
ATOM   481  C  CD  . PRO A 1 59  ? 1.877   -5.855  -1.516  1.00 12.13 ? 59  PRO A CD  1 
ATOM   482  N  N   . VAL A 1 60  ? 1.125   -2.703  1.833   1.00 10.70 ? 60  VAL A N   1 
ATOM   483  C  CA  . VAL A 1 60  ? 0.536   -2.510  3.145   1.00 10.00 ? 60  VAL A CA  1 
ATOM   484  C  C   . VAL A 1 60  ? -0.869  -3.085  3.275   1.00 9.87  ? 60  VAL A C   1 
ATOM   485  O  O   . VAL A 1 60  ? -1.616  -3.225  2.289   1.00 10.82 ? 60  VAL A O   1 
ATOM   486  C  CB  . VAL A 1 60  ? 0.502   -1.017  3.538   1.00 9.63  ? 60  VAL A CB  1 
ATOM   487  C  CG1 . VAL A 1 60  ? 1.922   -0.459  3.595   1.00 13.28 ? 60  VAL A CG1 1 
ATOM   488  C  CG2 . VAL A 1 60  ? -0.350  -0.227  2.556   1.00 11.33 ? 60  VAL A CG2 1 
ATOM   489  N  N   . THR A 1 61  ? -1.203  -3.438  4.512   1.00 11.43 ? 61  THR A N   1 
ATOM   490  C  CA  . THR A 1 61  ? -2.494  -4.012  4.860   1.00 11.58 ? 61  THR A CA  1 
ATOM   491  C  C   . THR A 1 61  ? -3.024  -3.316  6.112   1.00 11.96 ? 61  THR A C   1 
ATOM   492  O  O   . THR A 1 61  ? -2.295  -2.589  6.783   1.00 12.15 ? 61  THR A O   1 
ATOM   493  C  CB  . THR A 1 61  ? -2.363  -5.519  5.143   1.00 13.05 ? 61  THR A CB  1 
ATOM   494  O  OG1 . THR A 1 61  ? -1.399  -5.734  6.187   1.00 12.45 ? 61  THR A OG1 1 
ATOM   495  C  CG2 . THR A 1 61  ? -1.923  -6.252  3.885   1.00 12.95 ? 61  THR A CG2 1 
ATOM   496  N  N   . VAL A 1 62  ? -4.293  -3.544  6.432   1.00 13.26 ? 62  VAL A N   1 
ATOM   497  C  CA  . VAL A 1 62  ? -4.867  -2.908  7.609   1.00 13.91 ? 62  VAL A CA  1 
ATOM   498  C  C   . VAL A 1 62  ? -5.710  -3.828  8.486   1.00 15.28 ? 62  VAL A C   1 
ATOM   499  O  O   . VAL A 1 62  ? -6.301  -3.368  9.461   1.00 17.72 ? 62  VAL A O   1 
ATOM   500  C  CB  . VAL A 1 62  ? -5.760  -1.707  7.211   1.00 14.52 ? 62  VAL A CB  1 
ATOM   501  C  CG1 . VAL A 1 62  ? -4.954  -0.691  6.416   1.00 15.32 ? 62  VAL A CG1 1 
ATOM   502  C  CG2 . VAL A 1 62  ? -6.957  -2.193  6.402   1.00 15.14 ? 62  VAL A CG2 1 
ATOM   503  N  N   . THR A 1 63  ? -5.743  -5.119  8.163   1.00 16.63 ? 63  THR A N   1 
ATOM   504  C  CA  . THR A 1 63  ? -6.577  -6.069  8.903   1.00 16.20 ? 63  THR A CA  1 
ATOM   505  C  C   . THR A 1 63  ? -5.894  -6.947  9.948   1.00 17.28 ? 63  THR A C   1 
ATOM   506  O  O   . THR A 1 63  ? -6.571  -7.612  10.739  1.00 19.04 ? 63  THR A O   1 
ATOM   507  C  CB  . THR A 1 63  ? -7.334  -6.997  7.930   1.00 17.04 ? 63  THR A CB  1 
ATOM   508  O  OG1 . THR A 1 63  ? -6.387  -7.750  7.160   1.00 17.27 ? 63  THR A OG1 1 
ATOM   509  C  CG2 . THR A 1 63  ? -8.219  -6.178  6.983   1.00 15.82 ? 63  THR A CG2 1 
ATOM   510  N  N   . ASP A 1 64  ? -4.567  -6.970  9.952   1.00 15.11 ? 64  ASP A N   1 
ATOM   511  C  CA  . ASP A 1 64  ? -3.834  -7.776  10.931  1.00 17.25 ? 64  ASP A CA  1 
ATOM   512  C  C   . ASP A 1 64  ? -2.775  -6.930  11.640  1.00 17.92 ? 64  ASP A C   1 
ATOM   513  O  O   . ASP A 1 64  ? -1.669  -6.745  11.139  1.00 15.64 ? 64  ASP A O   1 
ATOM   514  C  CB  . ASP A 1 64  ? -3.175  -8.978  10.239  1.00 17.22 ? 64  ASP A CB  1 
ATOM   515  C  CG  . ASP A 1 64  ? -2.299  -9.793  11.181  1.00 20.51 ? 64  ASP A CG  1 
ATOM   516  O  OD1 . ASP A 1 64  ? -2.384  -9.584  12.409  1.00 18.91 ? 64  ASP A OD1 1 
ATOM   517  O  OD2 . ASP A 1 64  ? -1.529  -10.652 10.689  1.00 20.18 ? 64  ASP A OD2 1 
ATOM   518  N  N   . PRO A 1 65  ? -3.105  -6.404  12.829  1.00 19.76 ? 65  PRO A N   1 
ATOM   519  C  CA  . PRO A 1 65  ? -2.160  -5.577  13.586  1.00 20.27 ? 65  PRO A CA  1 
ATOM   520  C  C   . PRO A 1 65  ? -0.820  -6.235  13.922  1.00 19.66 ? 65  PRO A C   1 
ATOM   521  O  O   . PRO A 1 65  ? 0.123   -5.553  14.328  1.00 21.07 ? 65  PRO A O   1 
ATOM   522  C  CB  . PRO A 1 65  ? -2.958  -5.191  14.836  1.00 24.14 ? 65  PRO A CB  1 
ATOM   523  C  CG  . PRO A 1 65  ? -3.950  -6.319  14.977  1.00 28.21 ? 65  PRO A CG  1 
ATOM   524  C  CD  . PRO A 1 65  ? -4.378  -6.553  13.556  1.00 23.15 ? 65  PRO A CD  1 
ATOM   525  N  N   . GLN A 1 66  ? -0.729  -7.550  13.750  1.00 18.17 ? 66  GLN A N   1 
ATOM   526  C  CA  . GLN A 1 66  ? 0.513   -8.257  14.046  1.00 19.27 ? 66  GLN A CA  1 
ATOM   527  C  C   . GLN A 1 66  ? 1.368   -8.467  12.804  1.00 17.20 ? 66  GLN A C   1 
ATOM   528  O  O   . GLN A 1 66  ? 2.491   -8.965  12.891  1.00 16.36 ? 66  GLN A O   1 
ATOM   529  C  CB  . GLN A 1 66  ? 0.209   -9.611  14.694  1.00 21.80 ? 66  GLN A CB  1 
ATOM   530  C  CG  . GLN A 1 66  ? -0.434  -9.510  16.066  1.00 27.43 ? 66  GLN A CG  1 
ATOM   531  C  CD  . GLN A 1 66  ? 0.487   -8.882  17.094  1.00 31.44 ? 66  GLN A CD  1 
ATOM   532  O  OE1 . GLN A 1 66  ? 0.890   -7.724  16.961  1.00 34.61 ? 66  GLN A OE1 1 
ATOM   533  N  NE2 . GLN A 1 66  ? 0.828   -9.646  18.125  1.00 34.62 ? 66  GLN A NE2 1 
ATOM   534  N  N   . SER A 1 67  ? 0.840   -8.077  11.649  1.00 16.18 ? 67  SER A N   1 
ATOM   535  C  CA  . SER A 1 67  ? 1.556   -8.230  10.389  1.00 15.74 ? 67  SER A CA  1 
ATOM   536  C  C   . SER A 1 67  ? 2.664   -7.200  10.177  1.00 14.89 ? 67  SER A C   1 
ATOM   537  O  O   . SER A 1 67  ? 2.545   -6.052  10.618  1.00 15.43 ? 67  SER A O   1 
ATOM   538  C  CB  . SER A 1 67  ? 0.573   -8.128  9.223   1.00 16.79 ? 67  SER A CB  1 
ATOM   539  O  OG  . SER A 1 67  ? 1.265   -8.014  7.992   1.00 18.50 ? 67  SER A OG  1 
ATOM   540  N  N   . HIS A 1 68  ? 3.732   -7.604  9.489   1.00 14.98 ? 68  HIS A N   1 
ATOM   541  C  CA  . HIS A 1 68  ? 4.820   -6.677  9.207   1.00 15.35 ? 68  HIS A CA  1 
ATOM   542  C  C   . HIS A 1 68  ? 4.430   -5.665  8.132   1.00 14.52 ? 68  HIS A C   1 
ATOM   543  O  O   . HIS A 1 68  ? 5.202   -4.759  7.822   1.00 14.94 ? 68  HIS A O   1 
ATOM   544  C  CB  . HIS A 1 68  ? 6.104   -7.413  8.786   1.00 16.92 ? 68  HIS A CB  1 
ATOM   545  C  CG  . HIS A 1 68  ? 5.976   -8.196  7.518   1.00 19.25 ? 68  HIS A CG  1 
ATOM   546  N  ND1 . HIS A 1 68  ? 5.335   -9.413  7.456   1.00 19.18 ? 68  HIS A ND1 1 
ATOM   547  C  CD2 . HIS A 1 68  ? 6.420   -7.938  6.265   1.00 20.63 ? 68  HIS A CD2 1 
ATOM   548  C  CE1 . HIS A 1 68  ? 5.390   -9.873  6.219   1.00 23.42 ? 68  HIS A CE1 1 
ATOM   549  N  NE2 . HIS A 1 68  ? 6.042   -8.997  5.475   1.00 20.94 ? 68  HIS A NE2 1 
ATOM   550  N  N   . THR A 1 69  ? 3.236   -5.817  7.565   1.00 12.68 ? 69  THR A N   1 
ATOM   551  C  CA  . THR A 1 69  ? 2.768   -4.874  6.559   1.00 12.78 ? 69  THR A CA  1 
ATOM   552  C  C   . THR A 1 69  ? 1.640   -3.997  7.104   1.00 12.58 ? 69  THR A C   1 
ATOM   553  O  O   . THR A 1 69  ? 1.078   -3.178  6.378   1.00 11.57 ? 69  THR A O   1 
ATOM   554  C  CB  . THR A 1 69  ? 2.256   -5.577  5.281   1.00 12.18 ? 69  THR A CB  1 
ATOM   555  O  OG1 . THR A 1 69  ? 1.186   -6.476  5.608   1.00 13.39 ? 69  THR A OG1 1 
ATOM   556  C  CG2 . THR A 1 69  ? 3.388   -6.346  4.607   1.00 13.26 ? 69  THR A CG2 1 
ATOM   557  N  N   . TYR A 1 70  ? 1.317   -4.170  8.382   1.00 12.17 ? 70  TYR A N   1 
ATOM   558  C  CA  . TYR A 1 70  ? 0.262   -3.389  9.032   1.00 12.41 ? 70  TYR A CA  1 
ATOM   559  C  C   . TYR A 1 70  ? 0.554   -1.896  8.856   1.00 12.70 ? 70  TYR A C   1 
ATOM   560  O  O   . TYR A 1 70  ? 1.538   -1.378  9.382   1.00 12.67 ? 70  TYR A O   1 
ATOM   561  C  CB  . TYR A 1 70  ? 0.197   -3.763  10.517  1.00 13.98 ? 70  TYR A CB  1 
ATOM   562  C  CG  . TYR A 1 70  ? -0.968  -3.162  11.258  1.00 14.39 ? 70  TYR A CG  1 
ATOM   563  C  CD1 . TYR A 1 70  ? -2.271  -3.304  10.782  1.00 14.84 ? 70  TYR A CD1 1 
ATOM   564  C  CD2 . TYR A 1 70  ? -0.773  -2.457  12.443  1.00 15.03 ? 70  TYR A CD2 1 
ATOM   565  C  CE1 . TYR A 1 70  ? -3.355  -2.756  11.475  1.00 15.42 ? 70  TYR A CE1 1 
ATOM   566  C  CE2 . TYR A 1 70  ? -1.847  -1.905  13.140  1.00 15.05 ? 70  TYR A CE2 1 
ATOM   567  C  CZ  . TYR A 1 70  ? -3.132  -2.058  12.653  1.00 16.01 ? 70  TYR A CZ  1 
ATOM   568  O  OH  . TYR A 1 70  ? -4.186  -1.523  13.362  1.00 20.34 ? 70  TYR A OH  1 
ATOM   569  N  N   . LEU A 1 71  ? -0.326  -1.197  8.140   1.00 11.81 ? 71  LEU A N   1 
ATOM   570  C  CA  . LEU A 1 71  ? -0.109  0.217   7.832   1.00 10.96 ? 71  LEU A CA  1 
ATOM   571  C  C   . LEU A 1 71  ? 0.360   1.142   8.955   1.00 11.75 ? 71  LEU A C   1 
ATOM   572  O  O   . LEU A 1 71  ? 1.318   1.897   8.770   1.00 12.15 ? 71  LEU A O   1 
ATOM   573  C  CB  . LEU A 1 71  ? -1.353  0.810   7.153   1.00 10.64 ? 71  LEU A CB  1 
ATOM   574  C  CG  . LEU A 1 71  ? -1.206  2.203   6.523   1.00 9.96  ? 71  LEU A CG  1 
ATOM   575  C  CD1 . LEU A 1 71  ? 0.020   2.250   5.600   1.00 11.44 ? 71  LEU A CD1 1 
ATOM   576  C  CD2 . LEU A 1 71  ? -2.468  2.535   5.736   1.00 13.44 ? 71  LEU A CD2 1 
ATOM   577  N  N   . PRO A 1 72  ? -0.296  1.111   10.127  1.00 12.36 ? 72  PRO A N   1 
ATOM   578  C  CA  . PRO A 1 72  ? 0.165   2.007   11.192  1.00 13.46 ? 72  PRO A CA  1 
ATOM   579  C  C   . PRO A 1 72  ? 1.616   1.758   11.595  1.00 13.04 ? 72  PRO A C   1 
ATOM   580  O  O   . PRO A 1 72  ? 2.355   2.705   11.870  1.00 12.92 ? 72  PRO A O   1 
ATOM   581  C  CB  . PRO A 1 72  ? -0.818  1.731   12.325  1.00 13.81 ? 72  PRO A CB  1 
ATOM   582  C  CG  . PRO A 1 72  ? -2.081  1.383   11.584  1.00 12.73 ? 72  PRO A CG  1 
ATOM   583  C  CD  . PRO A 1 72  ? -1.556  0.449   10.511  1.00 12.91 ? 72  PRO A CD  1 
ATOM   584  N  N   . GLU A 1 73  ? 2.021   0.489   11.639  1.00 13.08 ? 73  GLU A N   1 
ATOM   585  C  CA  . GLU A 1 73  ? 3.398   0.158   11.997  1.00 14.75 ? 73  GLU A CA  1 
ATOM   586  C  C   . GLU A 1 73  ? 4.365   0.523   10.871  1.00 14.43 ? 73  GLU A C   1 
ATOM   587  O  O   . GLU A 1 73  ? 5.473   0.990   11.131  1.00 13.54 ? 73  GLU A O   1 
ATOM   588  C  CB  . GLU A 1 73  ? 3.537   -1.332  12.337  1.00 17.89 ? 73  GLU A CB  1 
ATOM   589  C  CG  . GLU A 1 73  ? 2.776   -1.784  13.583  1.00 23.31 ? 73  GLU A CG  1 
ATOM   590  C  CD  . GLU A 1 73  ? 3.438   -1.370  14.895  1.00 26.06 ? 73  GLU A CD  1 
ATOM   591  O  OE1 . GLU A 1 73  ? 2.883   -1.710  15.964  1.00 29.62 ? 73  GLU A OE1 1 
ATOM   592  O  OE2 . GLU A 1 73  ? 4.505   -0.717  14.869  1.00 27.25 ? 73  GLU A OE2 1 
ATOM   593  N  N   . VAL A 1 74  ? 3.958   0.299   9.623   1.00 12.93 ? 74  VAL A N   1 
ATOM   594  C  CA  . VAL A 1 74  ? 4.808   0.640   8.487   1.00 11.75 ? 74  VAL A CA  1 
ATOM   595  C  C   . VAL A 1 74  ? 5.017   2.163   8.437   1.00 12.43 ? 74  VAL A C   1 
ATOM   596  O  O   . VAL A 1 74  ? 6.110   2.642   8.140   1.00 13.88 ? 74  VAL A O   1 
ATOM   597  C  CB  . VAL A 1 74  ? 4.186   0.145   7.144   1.00 12.09 ? 74  VAL A CB  1 
ATOM   598  C  CG1 . VAL A 1 74  ? 5.008   0.632   5.971   1.00 12.60 ? 74  VAL A CG1 1 
ATOM   599  C  CG2 . VAL A 1 74  ? 4.138   -1.378  7.123   1.00 10.60 ? 74  VAL A CG2 1 
ATOM   600  N  N   . CYS A 1 75  ? 3.965   2.924   8.735   1.00 12.52 ? 75  CYS A N   1 
ATOM   601  C  CA  . CYS A 1 75  ? 4.058   4.382   8.731   1.00 11.75 ? 75  CYS A CA  1 
ATOM   602  C  C   . CYS A 1 75  ? 5.037   4.854   9.795   1.00 11.78 ? 75  CYS A C   1 
ATOM   603  O  O   . CYS A 1 75  ? 5.912   5.677   9.527   1.00 12.58 ? 75  CYS A O   1 
ATOM   604  C  CB  . CYS A 1 75  ? 2.692   5.017   8.994   1.00 12.10 ? 75  CYS A CB  1 
ATOM   605  S  SG  . CYS A 1 75  ? 1.579   5.007   7.576   1.00 13.74 ? 75  CYS A SG  1 
ATOM   606  N  N   . ALA A 1 76  ? 4.879   4.334   11.007  1.00 13.40 ? 76  ALA A N   1 
ATOM   607  C  CA  . ALA A 1 76  ? 5.754   4.704   12.111  1.00 13.34 ? 76  ALA A CA  1 
ATOM   608  C  C   . ALA A 1 76  ? 7.214   4.457   11.748  1.00 15.04 ? 76  ALA A C   1 
ATOM   609  O  O   . ALA A 1 76  ? 8.070   5.315   11.966  1.00 14.99 ? 76  ALA A O   1 
ATOM   610  C  CB  . ALA A 1 76  ? 5.388   3.922   13.345  1.00 15.38 ? 76  ALA A CB  1 
ATOM   611  N  N   . THR A 1 77  ? 7.491   3.285   11.188  1.00 13.97 ? 77  THR A N   1 
ATOM   612  C  CA  . THR A 1 77  ? 8.850   2.922   10.796  1.00 15.88 ? 77  THR A CA  1 
ATOM   613  C  C   . THR A 1 77  ? 9.379   3.828   9.691   1.00 15.59 ? 77  THR A C   1 
ATOM   614  O  O   . THR A 1 77  ? 10.501  4.325   9.769   1.00 16.13 ? 77  THR A O   1 
ATOM   615  C  CB  . THR A 1 77  ? 8.919   1.463   10.313  1.00 17.67 ? 77  THR A CB  1 
ATOM   616  O  OG1 . THR A 1 77  ? 8.556   0.580   11.386  1.00 20.06 ? 77  THR A OG1 1 
ATOM   617  C  CG2 . THR A 1 77  ? 10.325  1.131   9.830   1.00 19.97 ? 77  THR A CG2 1 
ATOM   618  N  N   . ALA A 1 78  ? 8.565   4.051   8.666   1.00 14.68 ? 78  ALA A N   1 
ATOM   619  C  CA  . ALA A 1 78  ? 8.968   4.887   7.541   1.00 16.10 ? 78  ALA A CA  1 
ATOM   620  C  C   . ALA A 1 78  ? 9.165   6.351   7.930   1.00 17.09 ? 78  ALA A C   1 
ATOM   621  O  O   . ALA A 1 78  ? 10.163  6.970   7.558   1.00 16.24 ? 78  ALA A O   1 
ATOM   622  C  CB  . ALA A 1 78  ? 7.930   4.776   6.411   1.00 15.26 ? 78  ALA A CB  1 
ATOM   623  N  N   . TRP A 1 79  ? 8.220   6.907   8.681   1.00 16.79 ? 79  TRP A N   1 
ATOM   624  C  CA  . TRP A 1 79  ? 8.328   8.299   9.084   1.00 16.77 ? 79  TRP A CA  1 
ATOM   625  C  C   . TRP A 1 79  ? 9.521   8.505   10.012  1.00 19.75 ? 79  TRP A C   1 
ATOM   626  O  O   . TRP A 1 79  ? 10.182  9.541   9.951   1.00 20.98 ? 79  TRP A O   1 
ATOM   627  C  CB  . TRP A 1 79  ? 7.025   8.767   9.745   1.00 14.79 ? 79  TRP A CB  1 
ATOM   628  C  CG  . TRP A 1 79  ? 5.876   8.827   8.780   1.00 14.56 ? 79  TRP A CG  1 
ATOM   629  C  CD1 . TRP A 1 79  ? 5.943   9.095   7.441   1.00 13.64 ? 79  TRP A CD1 1 
ATOM   630  C  CD2 . TRP A 1 79  ? 4.489   8.654   9.085   1.00 14.29 ? 79  TRP A CD2 1 
ATOM   631  N  NE1 . TRP A 1 79  ? 4.678   9.102   6.893   1.00 13.41 ? 79  TRP A NE1 1 
ATOM   632  C  CE2 . TRP A 1 79  ? 3.767   8.834   7.880   1.00 14.07 ? 79  TRP A CE2 1 
ATOM   633  C  CE3 . TRP A 1 79  ? 3.783   8.365   10.258  1.00 14.69 ? 79  TRP A CE3 1 
ATOM   634  C  CZ2 . TRP A 1 79  ? 2.371   8.736   7.819   1.00 14.69 ? 79  TRP A CZ2 1 
ATOM   635  C  CZ3 . TRP A 1 79  ? 2.395   8.267   10.198  1.00 14.70 ? 79  TRP A CZ3 1 
ATOM   636  C  CH2 . TRP A 1 79  ? 1.704   8.453   8.985   1.00 14.63 ? 79  TRP A CH2 1 
ATOM   637  N  N   . ASP A 1 80  ? 9.803   7.525   10.866  1.00 19.41 ? 80  ASP A N   1 
ATOM   638  C  CA  . ASP A 1 80  ? 10.948  7.640   11.763  1.00 22.48 ? 80  ASP A CA  1 
ATOM   639  C  C   . ASP A 1 80  ? 12.242  7.518   10.969  1.00 23.56 ? 80  ASP A C   1 
ATOM   640  O  O   . ASP A 1 80  ? 13.269  8.079   11.359  1.00 24.78 ? 80  ASP A O   1 
ATOM   641  C  CB  . ASP A 1 80  ? 10.923  6.558   12.853  1.00 23.45 ? 80  ASP A CB  1 
ATOM   642  C  CG  . ASP A 1 80  ? 10.139  6.980   14.085  1.00 26.77 ? 80  ASP A CG  1 
ATOM   643  O  OD1 . ASP A 1 80  ? 10.036  8.200   14.340  1.00 29.25 ? 80  ASP A OD1 1 
ATOM   644  O  OD2 . ASP A 1 80  ? 9.643   6.089   14.809  1.00 28.49 ? 80  ASP A OD2 1 
ATOM   645  N  N   . LEU A 1 81  ? 12.188  6.788   9.855   1.00 23.14 ? 81  LEU A N   1 
ATOM   646  C  CA  . LEU A 1 81  ? 13.361  6.587   9.009   1.00 25.04 ? 81  LEU A CA  1 
ATOM   647  C  C   . LEU A 1 81  ? 13.646  7.798   8.123   1.00 24.07 ? 81  LEU A C   1 
ATOM   648  O  O   . LEU A 1 81  ? 14.740  7.920   7.568   1.00 26.02 ? 81  LEU A O   1 
ATOM   649  C  CB  . LEU A 1 81  ? 13.178  5.336   8.141   1.00 26.55 ? 81  LEU A CB  1 
ATOM   650  C  CG  . LEU A 1 81  ? 14.379  4.880   7.307   1.00 28.33 ? 81  LEU A CG  1 
ATOM   651  C  CD1 . LEU A 1 81  ? 15.521  4.493   8.238   1.00 29.16 ? 81  LEU A CD1 1 
ATOM   652  C  CD2 . LEU A 1 81  ? 13.993  3.697   6.428   1.00 29.96 ? 81  LEU A CD2 1 
ATOM   653  N  N   . GLY A 1 82  ? 12.667  8.692   7.986   1.00 23.07 ? 82  GLY A N   1 
ATOM   654  C  CA  . GLY A 1 82  ? 12.874  9.876   7.166   1.00 21.52 ? 82  GLY A CA  1 
ATOM   655  C  C   . GLY A 1 82  ? 11.807  10.198  6.130   1.00 19.81 ? 82  GLY A C   1 
ATOM   656  O  O   . GLY A 1 82  ? 11.819  11.276  5.536   1.00 19.09 ? 82  GLY A O   1 
ATOM   657  N  N   . VAL A 1 83  ? 10.885  9.277   5.893   1.00 17.96 ? 83  VAL A N   1 
ATOM   658  C  CA  . VAL A 1 83  ? 9.833   9.536   4.918   1.00 17.30 ? 83  VAL A CA  1 
ATOM   659  C  C   . VAL A 1 83  ? 8.968   10.694  5.405   1.00 16.60 ? 83  VAL A C   1 
ATOM   660  O  O   . VAL A 1 83  ? 8.514   10.699  6.551   1.00 17.71 ? 83  VAL A O   1 
ATOM   661  C  CB  . VAL A 1 83  ? 8.930   8.300   4.720   1.00 16.27 ? 83  VAL A CB  1 
ATOM   662  C  CG1 . VAL A 1 83  ? 7.776   8.640   3.782   1.00 16.89 ? 83  VAL A CG1 1 
ATOM   663  C  CG2 . VAL A 1 83  ? 9.745   7.153   4.154   1.00 18.42 ? 83  VAL A CG2 1 
ATOM   664  N  N   . PRO A 1 84  ? 8.747   11.708  4.551   1.00 17.18 ? 84  PRO A N   1 
ATOM   665  C  CA  . PRO A 1 84  ? 7.919   12.853  4.942   1.00 17.37 ? 84  PRO A CA  1 
ATOM   666  C  C   . PRO A 1 84  ? 6.563   12.385  5.483   1.00 18.30 ? 84  PRO A C   1 
ATOM   667  O  O   . PRO A 1 84  ? 5.932   11.513  4.891   1.00 17.41 ? 84  PRO A O   1 
ATOM   668  C  CB  . PRO A 1 84  ? 7.781   13.632  3.636   1.00 18.87 ? 84  PRO A CB  1 
ATOM   669  C  CG  . PRO A 1 84  ? 9.090   13.367  2.958   1.00 16.72 ? 84  PRO A CG  1 
ATOM   670  C  CD  . PRO A 1 84  ? 9.301   11.894  3.195   1.00 17.70 ? 84  PRO A CD  1 
ATOM   671  N  N   . ARG A 1 85  ? 6.126   12.959  6.604   1.00 17.02 ? 85  ARG A N   1 
ATOM   672  C  CA  . ARG A 1 85  ? 4.850   12.592  7.228   1.00 18.01 ? 85  ARG A CA  1 
ATOM   673  C  C   . ARG A 1 85  ? 3.653   12.713  6.285   1.00 17.24 ? 85  ARG A C   1 
ATOM   674  O  O   . ARG A 1 85  ? 2.659   11.999  6.433   1.00 17.99 ? 85  ARG A O   1 
ATOM   675  C  CB  . ARG A 1 85  ? 4.604   13.468  8.462   1.00 18.32 ? 85  ARG A CB  1 
ATOM   676  C  CG  . ARG A 1 85  ? 3.271   13.225  9.178   1.00 24.38 ? 85  ARG A CG  1 
ATOM   677  C  CD  . ARG A 1 85  ? 3.233   11.863  9.853   1.00 27.78 ? 85  ARG A CD  1 
ATOM   678  N  NE  . ARG A 1 85  ? 2.336   11.842  11.008  1.00 28.95 ? 85  ARG A NE  1 
ATOM   679  C  CZ  . ARG A 1 85  ? 1.018   11.678  10.947  1.00 32.59 ? 85  ARG A CZ  1 
ATOM   680  N  NH1 . ARG A 1 85  ? 0.416   11.514  9.779   1.00 32.32 ? 85  ARG A NH1 1 
ATOM   681  N  NH2 . ARG A 1 85  ? 0.303   11.676  12.063  1.00 31.97 ? 85  ARG A NH2 1 
ATOM   682  N  N   . GLU A 1 86  ? 3.750   13.627  5.326   1.00 16.79 ? 86  GLU A N   1 
ATOM   683  C  CA  . GLU A 1 86  ? 2.683   13.867  4.359   1.00 18.59 ? 86  GLU A CA  1 
ATOM   684  C  C   . GLU A 1 86  ? 2.505   12.732  3.347   1.00 17.49 ? 86  GLU A C   1 
ATOM   685  O  O   . GLU A 1 86  ? 1.508   12.689  2.622   1.00 20.74 ? 86  GLU A O   1 
ATOM   686  C  CB  . GLU A 1 86  ? 2.963   15.174  3.612   1.00 21.89 ? 86  GLU A CB  1 
ATOM   687  C  CG  . GLU A 1 86  ? 4.241   15.142  2.793   1.00 29.35 ? 86  GLU A CG  1 
ATOM   688  C  CD  . GLU A 1 86  ? 4.663   16.512  2.306   1.00 33.18 ? 86  GLU A CD  1 
ATOM   689  O  OE1 . GLU A 1 86  ? 3.835   17.203  1.673   1.00 36.37 ? 86  GLU A OE1 1 
ATOM   690  O  OE2 . GLU A 1 86  ? 5.827   16.896  2.554   1.00 35.15 ? 86  GLU A OE2 1 
ATOM   691  N  N   . LEU A 1 87  ? 3.473   11.823  3.299   1.00 15.22 ? 87  LEU A N   1 
ATOM   692  C  CA  . LEU A 1 87  ? 3.433   10.688  2.378   1.00 14.32 ? 87  LEU A CA  1 
ATOM   693  C  C   . LEU A 1 87  ? 3.047   9.424   3.134   1.00 13.50 ? 87  LEU A C   1 
ATOM   694  O  O   . LEU A 1 87  ? 3.610   9.133   4.194   1.00 15.64 ? 87  LEU A O   1 
ATOM   695  C  CB  . LEU A 1 87  ? 4.808   10.488  1.728   1.00 13.84 ? 87  LEU A CB  1 
ATOM   696  C  CG  . LEU A 1 87  ? 5.394   11.658  0.933   1.00 14.33 ? 87  LEU A CG  1 
ATOM   697  C  CD1 . LEU A 1 87  ? 6.720   11.227  0.293   1.00 14.94 ? 87  LEU A CD1 1 
ATOM   698  C  CD2 . LEU A 1 87  ? 4.395   12.101  -0.140  1.00 17.47 ? 87  LEU A CD2 1 
ATOM   699  N  N   . ILE A 1 88  ? 2.092   8.671   2.590   1.00 11.46 ? 88  ILE A N   1 
ATOM   700  C  CA  . ILE A 1 88  ? 1.653   7.428   3.225   1.00 12.13 ? 88  ILE A CA  1 
ATOM   701  C  C   . ILE A 1 88  ? 2.199   6.229   2.461   1.00 11.44 ? 88  ILE A C   1 
ATOM   702  O  O   . ILE A 1 88  ? 1.885   6.035   1.287   1.00 11.33 ? 88  ILE A O   1 
ATOM   703  C  CB  . ILE A 1 88  ? 0.118   7.300   3.248   1.00 10.70 ? 88  ILE A CB  1 
ATOM   704  C  CG1 . ILE A 1 88  ? -0.504  8.513   3.937   1.00 14.02 ? 88  ILE A CG1 1 
ATOM   705  C  CG2 . ILE A 1 88  ? -0.279  6.018   3.977   1.00 13.12 ? 88  ILE A CG2 1 
ATOM   706  C  CD1 . ILE A 1 88  ? -2.019  8.557   3.829   1.00 14.84 ? 88  ILE A CD1 1 
ATOM   707  N  N   . PRO A 1 89  ? 3.011   5.393   3.122   1.00 10.74 ? 89  PRO A N   1 
ATOM   708  C  CA  . PRO A 1 89  ? 3.561   4.227   2.426   1.00 12.29 ? 89  PRO A CA  1 
ATOM   709  C  C   . PRO A 1 89  ? 2.514   3.270   1.888   1.00 13.24 ? 89  PRO A C   1 
ATOM   710  O  O   . PRO A 1 89  ? 1.508   3.005   2.543   1.00 13.56 ? 89  PRO A O   1 
ATOM   711  C  CB  . PRO A 1 89  ? 4.420   3.555   3.493   1.00 13.03 ? 89  PRO A CB  1 
ATOM   712  C  CG  . PRO A 1 89  ? 4.856   4.702   4.338   1.00 13.69 ? 89  PRO A CG  1 
ATOM   713  C  CD  . PRO A 1 89  ? 3.603   5.532   4.464   1.00 11.83 ? 89  PRO A CD  1 
ATOM   714  N  N   . ILE A 1 90  ? 2.743   2.765   0.680   1.00 12.92 ? 90  ILE A N   1 
ATOM   715  C  CA  . ILE A 1 90  ? 1.844   1.778   0.114   1.00 12.30 ? 90  ILE A CA  1 
ATOM   716  C  C   . ILE A 1 90  ? 2.621   0.465   0.048   1.00 13.09 ? 90  ILE A C   1 
ATOM   717  O  O   . ILE A 1 90  ? 2.035   -0.610  0.076   1.00 11.44 ? 90  ILE A O   1 
ATOM   718  C  CB  . ILE A 1 90  ? 1.307   2.180   -1.300  1.00 10.98 ? 90  ILE A CB  1 
ATOM   719  C  CG1 . ILE A 1 90  ? 0.435   1.045   -1.840  1.00 12.43 ? 90  ILE A CG1 1 
ATOM   720  C  CG2 . ILE A 1 90  ? 2.463   2.461   -2.279  1.00 13.07 ? 90  ILE A CG2 1 
ATOM   721  C  CD1 . ILE A 1 90  ? -0.339  1.395   -3.101  1.00 12.99 ? 90  ILE A CD1 1 
ATOM   722  N  N   . CYS A 1 91  ? 3.948   0.542   -0.015  1.00 12.97 ? 91  CYS A N   1 
ATOM   723  C  CA  . CYS A 1 91  ? 4.718   -0.692  -0.060  1.00 13.03 ? 91  CYS A CA  1 
ATOM   724  C  C   . CYS A 1 91  ? 6.189   -0.530  0.273   1.00 14.32 ? 91  CYS A C   1 
ATOM   725  O  O   . CYS A 1 91  ? 6.891   0.273   -0.330  1.00 13.89 ? 91  CYS A O   1 
ATOM   726  C  CB  . CYS A 1 91  ? 4.580   -1.347  -1.438  1.00 13.65 ? 91  CYS A CB  1 
ATOM   727  S  SG  . CYS A 1 91  ? 5.349   -2.982  -1.571  1.00 15.49 ? 91  CYS A SG  1 
ATOM   728  N  N   . GLN A 1 92  ? 6.644   -1.310  1.246   1.00 14.98 ? 92  GLN A N   1 
ATOM   729  C  CA  . GLN A 1 92  ? 8.048   -1.288  1.634   1.00 16.78 ? 92  GLN A CA  1 
ATOM   730  C  C   . GLN A 1 92  ? 8.847   -2.123  0.626   1.00 17.44 ? 92  GLN A C   1 
ATOM   731  O  O   . GLN A 1 92  ? 8.340   -3.103  0.074   1.00 16.73 ? 92  GLN A O   1 
ATOM   732  C  CB  . GLN A 1 92  ? 8.207   -1.888  3.030   1.00 17.47 ? 92  GLN A CB  1 
ATOM   733  C  CG  . GLN A 1 92  ? 9.610   -1.760  3.603   1.00 17.16 ? 92  GLN A CG  1 
ATOM   734  C  CD  . GLN A 1 92  ? 9.768   -2.497  4.918   1.00 20.87 ? 92  GLN A CD  1 
ATOM   735  O  OE1 . GLN A 1 92  ? 8.800   -2.681  5.662   1.00 19.54 ? 92  GLN A OE1 1 
ATOM   736  N  NE2 . GLN A 1 92  ? 11.002  -2.912  5.224   1.00 21.40 ? 92  GLN A NE2 1 
ATOM   737  N  N   . ASP A 1 93  ? 10.086  -1.726  0.368   1.00 18.18 ? 93  ASP A N   1 
ATOM   738  C  CA  . ASP A 1 93  ? 10.954  -2.474  -0.544  1.00 20.04 ? 93  ASP A CA  1 
ATOM   739  C  C   . ASP A 1 93  ? 12.354  -2.342  0.032   1.00 20.80 ? 93  ASP A C   1 
ATOM   740  O  O   . ASP A 1 93  ? 13.111  -1.454  -0.353  1.00 21.88 ? 93  ASP A O   1 
ATOM   741  C  CB  . ASP A 1 93  ? 10.902  -1.901  -1.963  1.00 22.62 ? 93  ASP A CB  1 
ATOM   742  C  CG  . ASP A 1 93  ? 11.675  -2.752  -2.969  1.00 26.14 ? 93  ASP A CG  1 
ATOM   743  O  OD1 . ASP A 1 93  ? 11.997  -3.919  -2.647  1.00 25.94 ? 93  ASP A OD1 1 
ATOM   744  O  OD2 . ASP A 1 93  ? 11.946  -2.259  -4.088  1.00 27.33 ? 93  ASP A OD2 1 
ATOM   745  N  N   . GLY A 1 94  ? 12.681  -3.226  0.968   1.00 22.04 ? 94  GLY A N   1 
ATOM   746  C  CA  . GLY A 1 94  ? 13.978  -3.161  1.618   1.00 21.80 ? 94  GLY A CA  1 
ATOM   747  C  C   . GLY A 1 94  ? 13.931  -1.983  2.574   1.00 21.36 ? 94  GLY A C   1 
ATOM   748  O  O   . GLY A 1 94  ? 13.093  -1.947  3.481   1.00 21.16 ? 94  GLY A O   1 
ATOM   749  N  N   . GLU A 1 95  ? 14.823  -1.017  2.375   1.00 20.75 ? 95  GLU A N   1 
ATOM   750  C  CA  . GLU A 1 95  ? 14.858  0.177   3.209   1.00 20.68 ? 95  GLU A CA  1 
ATOM   751  C  C   . GLU A 1 95  ? 14.188  1.337   2.476   1.00 19.19 ? 95  GLU A C   1 
ATOM   752  O  O   . GLU A 1 95  ? 14.140  2.457   2.984   1.00 20.95 ? 95  GLU A O   1 
ATOM   753  C  CB  . GLU A 1 95  ? 16.303  0.554   3.561   1.00 22.18 ? 95  GLU A CB  1 
ATOM   754  C  CG  . GLU A 1 95  ? 17.272  0.475   2.400   1.00 25.09 ? 95  GLU A CG  1 
ATOM   755  C  CD  . GLU A 1 95  ? 18.597  1.163   2.690   1.00 26.05 ? 95  GLU A CD  1 
ATOM   756  O  OE1 . GLU A 1 95  ? 18.964  1.279   3.880   1.00 27.02 ? 95  GLU A OE1 1 
ATOM   757  O  OE2 . GLU A 1 95  ? 19.271  1.580   1.725   1.00 29.18 ? 95  GLU A OE2 1 
ATOM   758  N  N   . ASP A 1 96  ? 13.673  1.065   1.279   1.00 17.56 ? 96  ASP A N   1 
ATOM   759  C  CA  . ASP A 1 96  ? 12.994  2.095   0.501   1.00 17.87 ? 96  ASP A CA  1 
ATOM   760  C  C   . ASP A 1 96  ? 11.493  1.929   0.653   1.00 15.08 ? 96  ASP A C   1 
ATOM   761  O  O   . ASP A 1 96  ? 11.018  0.885   1.094   1.00 15.69 ? 96  ASP A O   1 
ATOM   762  C  CB  . ASP A 1 96  ? 13.368  2.011   -0.979  1.00 18.86 ? 96  ASP A CB  1 
ATOM   763  C  CG  . ASP A 1 96  ? 14.827  2.340   -1.239  1.00 22.57 ? 96  ASP A CG  1 
ATOM   764  O  OD1 . ASP A 1 96  ? 15.463  3.009   -0.391  1.00 23.62 ? 96  ASP A OD1 1 
ATOM   765  O  OD2 . ASP A 1 96  ? 15.327  1.937   -2.308  1.00 24.83 ? 96  ASP A OD2 1 
ATOM   766  N  N   . TYR A 1 97  ? 10.744  2.957   0.272   1.00 13.67 ? 97  TYR A N   1 
ATOM   767  C  CA  . TYR A 1 97  ? 9.289   2.909   0.399   1.00 12.71 ? 97  TYR A CA  1 
ATOM   768  C  C   . TYR A 1 97  ? 8.544   3.559   -0.748  1.00 13.28 ? 97  TYR A C   1 
ATOM   769  O  O   . TYR A 1 97  ? 8.846   4.686   -1.131  1.00 13.20 ? 97  TYR A O   1 
ATOM   770  C  CB  . TYR A 1 97  ? 8.835   3.637   1.668   1.00 13.02 ? 97  TYR A CB  1 
ATOM   771  C  CG  . TYR A 1 97  ? 9.184   2.962   2.964   1.00 12.90 ? 97  TYR A CG  1 
ATOM   772  C  CD1 . TYR A 1 97  ? 8.324   2.032   3.540   1.00 13.34 ? 97  TYR A CD1 1 
ATOM   773  C  CD2 . TYR A 1 97  ? 10.377  3.258   3.619   1.00 14.87 ? 97  TYR A CD2 1 
ATOM   774  C  CE1 . TYR A 1 97  ? 8.637   1.411   4.739   1.00 15.45 ? 97  TYR A CE1 1 
ATOM   775  C  CE2 . TYR A 1 97  ? 10.704  2.641   4.818   1.00 15.17 ? 97  TYR A CE2 1 
ATOM   776  C  CZ  . TYR A 1 97  ? 9.829   1.720   5.372   1.00 14.99 ? 97  TYR A CZ  1 
ATOM   777  O  OH  . TYR A 1 97  ? 10.140  1.102   6.556   1.00 15.33 ? 97  TYR A OH  1 
ATOM   778  N  N   . TYR A 1 98  ? 7.565   2.846   -1.291  1.00 13.14 ? 98  TYR A N   1 
ATOM   779  C  CA  . TYR A 1 98  ? 6.715   3.431   -2.321  1.00 11.51 ? 98  TYR A CA  1 
ATOM   780  C  C   . TYR A 1 98  ? 5.671   4.113   -1.436  1.00 12.68 ? 98  TYR A C   1 
ATOM   781  O  O   . TYR A 1 98  ? 5.082   3.476   -0.561  1.00 12.03 ? 98  TYR A O   1 
ATOM   782  C  CB  . TYR A 1 98  ? 6.084   2.335   -3.184  1.00 12.15 ? 98  TYR A CB  1 
ATOM   783  C  CG  . TYR A 1 98  ? 7.068   1.669   -4.122  1.00 13.52 ? 98  TYR A CG  1 
ATOM   784  C  CD1 . TYR A 1 98  ? 7.456   2.288   -5.309  1.00 15.21 ? 98  TYR A CD1 1 
ATOM   785  C  CD2 . TYR A 1 98  ? 7.607   0.418   -3.825  1.00 14.56 ? 98  TYR A CD2 1 
ATOM   786  C  CE1 . TYR A 1 98  ? 8.357   1.677   -6.188  1.00 14.22 ? 98  TYR A CE1 1 
ATOM   787  C  CE2 . TYR A 1 98  ? 8.513   -0.204  -4.700  1.00 14.80 ? 98  TYR A CE2 1 
ATOM   788  C  CZ  . TYR A 1 98  ? 8.876   0.433   -5.876  1.00 15.12 ? 98  TYR A CZ  1 
ATOM   789  O  OH  . TYR A 1 98  ? 9.746   -0.184  -6.746  1.00 18.19 ? 98  TYR A OH  1 
ATOM   790  N  N   . CYS A 1 99  ? 5.484   5.416   -1.628  1.00 12.92 ? 99  CYS A N   1 
ATOM   791  C  CA  . CYS A 1 99  ? 4.544   6.186   -0.814  1.00 13.63 ? 99  CYS A CA  1 
ATOM   792  C  C   . CYS A 1 99  ? 3.582   6.972   -1.672  1.00 13.26 ? 99  CYS A C   1 
ATOM   793  O  O   . CYS A 1 99  ? 3.890   7.310   -2.815  1.00 11.70 ? 99  CYS A O   1 
ATOM   794  C  CB  . CYS A 1 99  ? 5.298   7.166   0.083   1.00 15.57 ? 99  CYS A CB  1 
ATOM   795  S  SG  . CYS A 1 99  ? 6.632   6.436   1.051   1.00 20.75 ? 99  CYS A SG  1 
ATOM   796  N  N   . VAL A 1 100 ? 2.438   7.312   -1.091  1.00 11.28 ? 100 VAL A N   1 
ATOM   797  C  CA  . VAL A 1 100 ? 1.406   8.032   -1.815  1.00 11.31 ? 100 VAL A CA  1 
ATOM   798  C  C   . VAL A 1 100 ? 1.191   9.456   -1.319  1.00 12.88 ? 100 VAL A C   1 
ATOM   799  O  O   . VAL A 1 100 ? 1.041   9.703   -0.114  1.00 11.72 ? 100 VAL A O   1 
ATOM   800  C  CB  . VAL A 1 100 ? 0.083   7.266   -1.735  1.00 9.66  ? 100 VAL A CB  1 
ATOM   801  C  CG1 . VAL A 1 100 ? -0.926  7.851   -2.707  1.00 11.30 ? 100 VAL A CG1 1 
ATOM   802  C  CG2 . VAL A 1 100 ? 0.333   5.793   -2.048  1.00 12.67 ? 100 VAL A CG2 1 
ATOM   803  N  N   . GLU A 1 101 ? 1.191   10.389  -2.269  1.00 13.63 ? 101 GLU A N   1 
ATOM   804  C  CA  . GLU A 1 101 ? 0.973   11.800  -1.983  1.00 14.87 ? 101 GLU A CA  1 
ATOM   805  C  C   . GLU A 1 101 ? -0.508  12.005  -1.701  1.00 15.57 ? 101 GLU A C   1 
ATOM   806  O  O   . GLU A 1 101 ? -1.336  11.129  -1.980  1.00 15.12 ? 101 GLU A O   1 
ATOM   807  C  CB  . GLU A 1 101 ? 1.354   12.667  -3.185  1.00 15.24 ? 101 GLU A CB  1 
ATOM   808  C  CG  . GLU A 1 101 ? 2.813   12.690  -3.557  1.00 15.50 ? 101 GLU A CG  1 
ATOM   809  C  CD  . GLU A 1 101 ? 3.117   13.855  -4.480  1.00 18.48 ? 101 GLU A CD  1 
ATOM   810  O  OE1 . GLU A 1 101 ? 2.319   14.096  -5.414  1.00 13.48 ? 101 GLU A OE1 1 
ATOM   811  O  OE2 . GLU A 1 101 ? 4.148   14.531  -4.273  1.00 20.12 ? 101 GLU A OE2 1 
ATOM   812  N  N   . GLU A 1 102 ? -0.844  13.172  -1.158  1.00 17.64 ? 102 GLU A N   1 
ATOM   813  C  CA  . GLU A 1 102 ? -2.231  13.478  -0.844  1.00 17.99 ? 102 GLU A CA  1 
ATOM   814  C  C   . GLU A 1 102 ? -3.113  13.448  -2.089  1.00 17.17 ? 102 GLU A C   1 
ATOM   815  O  O   . GLU A 1 102 ? -4.290  13.081  -2.005  1.00 18.86 ? 102 GLU A O   1 
ATOM   816  C  CB  . GLU A 1 102 ? -2.304  14.836  -0.140  1.00 22.22 ? 102 GLU A CB  1 
ATOM   817  C  CG  . GLU A 1 102 ? -1.382  14.891  1.076   1.00 28.34 ? 102 GLU A CG  1 
ATOM   818  C  CD  . GLU A 1 102 ? -1.460  16.199  1.836   1.00 32.44 ? 102 GLU A CD  1 
ATOM   819  O  OE1 . GLU A 1 102 ? -2.535  16.496  2.405   1.00 34.47 ? 102 GLU A OE1 1 
ATOM   820  O  OE2 . GLU A 1 102 ? -0.441  16.928  1.866   1.00 34.01 ? 102 GLU A OE2 1 
ATOM   821  N  N   . ASP A 1 103 ? -2.549  13.806  -3.244  1.00 14.47 ? 103 ASP A N   1 
ATOM   822  C  CA  . ASP A 1 103 ? -3.316  13.793  -4.483  1.00 14.40 ? 103 ASP A CA  1 
ATOM   823  C  C   . ASP A 1 103 ? -3.262  12.464  -5.227  1.00 13.62 ? 103 ASP A C   1 
ATOM   824  O  O   . ASP A 1 103 ? -3.745  12.356  -6.355  1.00 13.17 ? 103 ASP A O   1 
ATOM   825  C  CB  . ASP A 1 103 ? -2.902  14.946  -5.424  1.00 14.05 ? 103 ASP A CB  1 
ATOM   826  C  CG  . ASP A 1 103 ? -1.451  14.862  -5.894  1.00 14.12 ? 103 ASP A CG  1 
ATOM   827  O  OD1 . ASP A 1 103 ? -0.843  13.776  -5.856  1.00 11.72 ? 103 ASP A OD1 1 
ATOM   828  O  OD2 . ASP A 1 103 ? -0.929  15.907  -6.337  1.00 12.66 ? 103 ASP A OD2 1 
ATOM   829  N  N   . GLY A 1 104 ? -2.673  11.453  -4.596  1.00 11.93 ? 104 GLY A N   1 
ATOM   830  C  CA  . GLY A 1 104 ? -2.627  10.139  -5.212  1.00 11.80 ? 104 GLY A CA  1 
ATOM   831  C  C   . GLY A 1 104 ? -1.377  9.698   -5.941  1.00 11.62 ? 104 GLY A C   1 
ATOM   832  O  O   . GLY A 1 104 ? -1.247  8.507   -6.242  1.00 11.66 ? 104 GLY A O   1 
ATOM   833  N  N   . THR A 1 105 ? -0.463  10.618  -6.237  1.00 11.81 ? 105 THR A N   1 
ATOM   834  C  CA  . THR A 1 105 ? 0.758   10.237  -6.936  1.00 11.45 ? 105 THR A CA  1 
ATOM   835  C  C   . THR A 1 105 ? 1.572   9.281   -6.068  1.00 11.09 ? 105 THR A C   1 
ATOM   836  O  O   . THR A 1 105 ? 1.654   9.465   -4.856  1.00 10.94 ? 105 THR A O   1 
ATOM   837  C  CB  . THR A 1 105 ? 1.632   11.471  -7.259  1.00 12.68 ? 105 THR A CB  1 
ATOM   838  O  OG1 . THR A 1 105 ? 0.848   12.447  -7.954  1.00 11.77 ? 105 THR A OG1 1 
ATOM   839  C  CG2 . THR A 1 105 ? 2.830   11.067  -8.130  1.00 14.42 ? 105 THR A CG2 1 
ATOM   840  N  N   . VAL A 1 106 ? 2.150   8.254   -6.688  1.00 10.55 ? 106 VAL A N   1 
ATOM   841  C  CA  . VAL A 1 106 ? 2.981   7.295   -5.960  1.00 11.32 ? 106 VAL A CA  1 
ATOM   842  C  C   . VAL A 1 106 ? 4.433   7.657   -6.227  1.00 12.85 ? 106 VAL A C   1 
ATOM   843  O  O   . VAL A 1 106 ? 4.833   7.854   -7.377  1.00 13.10 ? 106 VAL A O   1 
ATOM   844  C  CB  . VAL A 1 106 ? 2.744   5.845   -6.425  1.00 12.85 ? 106 VAL A CB  1 
ATOM   845  C  CG1 . VAL A 1 106 ? 3.645   4.901   -5.630  1.00 13.20 ? 106 VAL A CG1 1 
ATOM   846  C  CG2 . VAL A 1 106 ? 1.281   5.467   -6.218  1.00 12.95 ? 106 VAL A CG2 1 
ATOM   847  N  N   . LEU A 1 107 ? 5.217   7.746   -5.160  1.00 12.21 ? 107 LEU A N   1 
ATOM   848  C  CA  . LEU A 1 107 ? 6.622   8.101   -5.279  1.00 14.20 ? 107 LEU A CA  1 
ATOM   849  C  C   . LEU A 1 107 ? 7.464   7.017   -4.647  1.00 13.72 ? 107 LEU A C   1 
ATOM   850  O  O   . LEU A 1 107 ? 6.958   6.165   -3.922  1.00 14.99 ? 107 LEU A O   1 
ATOM   851  C  CB  . LEU A 1 107 ? 6.905   9.410   -4.541  1.00 13.39 ? 107 LEU A CB  1 
ATOM   852  C  CG  . LEU A 1 107 ? 6.009   10.620  -4.800  1.00 13.95 ? 107 LEU A CG  1 
ATOM   853  C  CD1 . LEU A 1 107 ? 6.410   11.768  -3.881  1.00 14.76 ? 107 LEU A CD1 1 
ATOM   854  C  CD2 . LEU A 1 107 ? 6.131   11.040  -6.253  1.00 15.90 ? 107 LEU A CD2 1 
ATOM   855  N  N   . LEU A 1 108 ? 8.759   7.057   -4.919  1.00 14.97 ? 108 LEU A N   1 
ATOM   856  C  CA  . LEU A 1 108 ? 9.663   6.097   -4.316  1.00 13.92 ? 108 LEU A CA  1 
ATOM   857  C  C   . LEU A 1 108 ? 10.621  6.898   -3.454  1.00 15.68 ? 108 LEU A C   1 
ATOM   858  O  O   . LEU A 1 108 ? 11.307  7.792   -3.951  1.00 15.81 ? 108 LEU A O   1 
ATOM   859  C  CB  . LEU A 1 108 ? 10.433  5.329   -5.387  1.00 15.16 ? 108 LEU A CB  1 
ATOM   860  C  CG  . LEU A 1 108 ? 11.479  4.358   -4.839  1.00 16.58 ? 108 LEU A CG  1 
ATOM   861  C  CD1 . LEU A 1 108 ? 10.826  3.296   -3.958  1.00 17.18 ? 108 LEU A CD1 1 
ATOM   862  C  CD2 . LEU A 1 108 ? 12.206  3.727   -6.016  1.00 18.32 ? 108 LEU A CD2 1 
ATOM   863  N  N   . TRP A 1 109 ? 10.650  6.598   -2.160  1.00 15.58 ? 109 TRP A N   1 
ATOM   864  C  CA  . TRP A 1 109 ? 11.538  7.302   -1.248  1.00 19.03 ? 109 TRP A CA  1 
ATOM   865  C  C   . TRP A 1 109 ? 12.741  6.412   -0.974  1.00 19.97 ? 109 TRP A C   1 
ATOM   866  O  O   . TRP A 1 109 ? 12.593  5.290   -0.489  1.00 21.99 ? 109 TRP A O   1 
ATOM   867  C  CB  . TRP A 1 109 ? 10.815  7.613   0.057   1.00 17.89 ? 109 TRP A CB  1 
ATOM   868  C  CG  . TRP A 1 109 ? 11.617  8.437   1.018   1.00 21.26 ? 109 TRP A CG  1 
ATOM   869  C  CD1 . TRP A 1 109 ? 11.688  9.799   1.072   1.00 20.46 ? 109 TRP A CD1 1 
ATOM   870  C  CD2 . TRP A 1 109 ? 12.449  7.946   2.072   1.00 22.66 ? 109 TRP A CD2 1 
ATOM   871  N  NE1 . TRP A 1 109 ? 12.510  10.190  2.106   1.00 23.65 ? 109 TRP A NE1 1 
ATOM   872  C  CE2 . TRP A 1 109 ? 12.992  9.070   2.734   1.00 23.24 ? 109 TRP A CE2 1 
ATOM   873  C  CE3 . TRP A 1 109 ? 12.788  6.662   2.525   1.00 25.58 ? 109 TRP A CE3 1 
ATOM   874  C  CZ2 . TRP A 1 109 ? 13.858  8.950   3.829   1.00 26.09 ? 109 TRP A CZ2 1 
ATOM   875  C  CZ3 . TRP A 1 109 ? 13.650  6.542   3.617   1.00 27.92 ? 109 TRP A CZ3 1 
ATOM   876  C  CH2 . TRP A 1 109 ? 14.174  7.681   4.256   1.00 26.79 ? 109 TRP A CH2 1 
ATOM   877  N  N   . SER A 1 110 ? 13.929  6.918   -1.291  1.00 22.65 ? 110 SER A N   1 
ATOM   878  C  CA  . SER A 1 110 ? 15.169  6.178   -1.090  1.00 23.35 ? 110 SER A CA  1 
ATOM   879  C  C   . SER A 1 110 ? 15.793  6.478   0.271   1.00 25.70 ? 110 SER A C   1 
ATOM   880  O  O   . SER A 1 110 ? 15.976  7.641   0.626   1.00 25.80 ? 110 SER A O   1 
ATOM   881  C  CB  . SER A 1 110 ? 16.165  6.534   -2.193  1.00 25.55 ? 110 SER A CB  1 
ATOM   882  O  OG  . SER A 1 110 ? 17.436  5.962   -1.931  1.00 28.34 ? 110 SER A OG  1 
ATOM   883  N  N   . ALA A 1 111 ? 16.127  5.426   1.018   1.00 25.07 ? 111 ALA A N   1 
ATOM   884  C  CA  . ALA A 1 111 ? 16.737  5.568   2.338   1.00 26.53 ? 111 ALA A CA  1 
ATOM   885  C  C   . ALA A 1 111 ? 18.036  6.368   2.262   1.00 26.90 ? 111 ALA A C   1 
ATOM   886  O  O   . ALA A 1 111 ? 18.847  6.170   1.355   1.00 28.99 ? 111 ALA A O   1 
ATOM   887  C  CB  . ALA A 1 111 ? 17.011  4.191   2.931   1.00 25.66 ? 111 ALA A CB  1 
ATOM   888  N  N   . LEU A 1 115 ? 15.988  10.541  0.264   1.00 32.19 ? 115 LEU A N   1 
ATOM   889  C  CA  . LEU A 1 115 ? 15.001  11.440  -0.313  1.00 30.66 ? 115 LEU A CA  1 
ATOM   890  C  C   . LEU A 1 115 ? 14.235  10.728  -1.428  1.00 29.12 ? 115 LEU A C   1 
ATOM   891  O  O   . LEU A 1 115 ? 14.543  9.587   -1.773  1.00 26.88 ? 115 LEU A O   1 
ATOM   892  C  CB  . LEU A 1 115 ? 15.691  12.690  -0.870  1.00 33.57 ? 115 LEU A CB  1 
ATOM   893  C  CG  . LEU A 1 115 ? 14.804  13.856  -1.320  1.00 35.58 ? 115 LEU A CG  1 
ATOM   894  C  CD1 . LEU A 1 115 ? 13.997  14.380  -0.135  1.00 35.68 ? 115 LEU A CD1 1 
ATOM   895  C  CD2 . LEU A 1 115 ? 15.672  14.963  -1.905  1.00 36.96 ? 115 LEU A CD2 1 
ATOM   896  N  N   . VAL A 1 116 ? 13.233  11.404  -1.979  1.00 28.70 ? 116 VAL A N   1 
ATOM   897  C  CA  . VAL A 1 116 ? 12.431  10.833  -3.053  1.00 29.45 ? 116 VAL A CA  1 
ATOM   898  C  C   . VAL A 1 116 ? 13.237  10.807  -4.346  1.00 29.76 ? 116 VAL A C   1 
ATOM   899  O  O   . VAL A 1 116 ? 13.992  11.739  -4.634  1.00 31.37 ? 116 VAL A O   1 
ATOM   900  C  CB  . VAL A 1 116 ? 11.142  11.650  -3.281  1.00 29.77 ? 116 VAL A CB  1 
ATOM   901  C  CG1 . VAL A 1 116 ? 10.324  11.033  -4.406  1.00 30.40 ? 116 VAL A CG1 1 
ATOM   902  C  CG2 . VAL A 1 116 ? 10.329  11.699  -2.000  1.00 30.85 ? 116 VAL A CG2 1 
ATOM   903  N  N   . THR A 1 117 ? 13.082  9.737   -5.119  1.00 28.54 ? 117 THR A N   1 
ATOM   904  C  CA  . THR A 1 117 ? 13.799  9.607   -6.382  1.00 29.23 ? 117 THR A CA  1 
ATOM   905  C  C   . THR A 1 117 ? 13.108  10.400  -7.489  1.00 29.76 ? 117 THR A C   1 
ATOM   906  O  O   . THR A 1 117 ? 12.205  11.203  -7.233  1.00 28.89 ? 117 THR A O   1 
ATOM   907  C  CB  . THR A 1 117 ? 13.899  8.138   -6.817  1.00 30.78 ? 117 THR A CB  1 
ATOM   908  O  OG1 . THR A 1 117 ? 12.595  7.652   -7.160  1.00 32.76 ? 117 THR A OG1 1 
ATOM   909  C  CG2 . THR A 1 117 ? 14.475  7.290   -5.692  1.00 29.12 ? 117 THR A CG2 1 
ATOM   910  N  N   . GLU A 1 118 ? 13.525  10.163  -8.726  1.00 29.91 ? 118 GLU A N   1 
ATOM   911  C  CA  . GLU A 1 118 ? 12.952  10.864  -9.864  1.00 30.26 ? 118 GLU A CA  1 
ATOM   912  C  C   . GLU A 1 118 ? 11.783  10.109  -10.496 1.00 30.44 ? 118 GLU A C   1 
ATOM   913  O  O   . GLU A 1 118 ? 11.046  10.670  -11.304 1.00 31.15 ? 118 GLU A O   1 
ATOM   914  C  CB  . GLU A 1 118 ? 14.037  11.125  -10.919 1.00 31.73 ? 118 GLU A CB  1 
ATOM   915  C  CG  . GLU A 1 118 ? 14.455  9.915   -11.766 1.00 31.92 ? 118 GLU A CG  1 
ATOM   916  C  CD  . GLU A 1 118 ? 14.948  8.730   -10.950 1.00 32.82 ? 118 GLU A CD  1 
ATOM   917  O  OE1 . GLU A 1 118 ? 15.702  8.937   -9.977  1.00 30.99 ? 118 GLU A OE1 1 
ATOM   918  O  OE2 . GLU A 1 118 ? 14.591  7.583   -11.299 1.00 34.24 ? 118 GLU A OE2 1 
ATOM   919  N  N   . GLU A 1 119 ? 11.604  8.846   -10.116 1.00 29.64 ? 119 GLU A N   1 
ATOM   920  C  CA  . GLU A 1 119 ? 10.531  8.030   -10.673 1.00 29.81 ? 119 GLU A CA  1 
ATOM   921  C  C   . GLU A 1 119 ? 9.233   8.070   -9.873  1.00 27.59 ? 119 GLU A C   1 
ATOM   922  O  O   . GLU A 1 119 ? 9.245   8.047   -8.639  1.00 29.83 ? 119 GLU A O   1 
ATOM   923  C  CB  . GLU A 1 119 ? 11.003  6.584   -10.820 1.00 31.39 ? 119 GLU A CB  1 
ATOM   924  C  CG  . GLU A 1 119 ? 11.463  5.936   -9.529  1.00 34.76 ? 119 GLU A CG  1 
ATOM   925  C  CD  . GLU A 1 119 ? 12.189  4.631   -9.777  1.00 36.83 ? 119 GLU A CD  1 
ATOM   926  O  OE1 . GLU A 1 119 ? 11.642  3.776   -10.507 1.00 37.49 ? 119 GLU A OE1 1 
ATOM   927  O  OE2 . GLU A 1 119 ? 13.307  4.459   -9.245  1.00 39.06 ? 119 GLU A OE2 1 
ATOM   928  N  N   . SER A 1 120 ? 8.113   8.127   -10.587 1.00 25.19 ? 120 SER A N   1 
ATOM   929  C  CA  . SER A 1 120 ? 6.802   8.166   -9.950  1.00 23.05 ? 120 SER A CA  1 
ATOM   930  C  C   . SER A 1 120 ? 5.733   7.534   -10.835 1.00 21.30 ? 120 SER A C   1 
ATOM   931  O  O   . SER A 1 120 ? 5.951   7.295   -12.025 1.00 20.88 ? 120 SER A O   1 
ATOM   932  C  CB  . SER A 1 120 ? 6.408   9.608   -9.626  1.00 22.74 ? 120 SER A CB  1 
ATOM   933  O  OG  . SER A 1 120 ? 6.231   10.376  -10.805 1.00 23.19 ? 120 SER A OG  1 
ATOM   934  N  N   . TRP A 1 121 ? 4.574   7.273   -10.239 1.00 17.07 ? 121 TRP A N   1 
ATOM   935  C  CA  . TRP A 1 121 ? 3.448   6.665   -10.937 1.00 16.05 ? 121 TRP A CA  1 
ATOM   936  C  C   . TRP A 1 121 ? 2.220   7.543   -10.731 1.00 15.27 ? 121 TRP A C   1 
ATOM   937  O  O   . TRP A 1 121 ? 1.991   8.053   -9.632  1.00 14.62 ? 121 TRP A O   1 
ATOM   938  C  CB  . TRP A 1 121 ? 3.214   5.256   -10.388 1.00 15.52 ? 121 TRP A CB  1 
ATOM   939  C  CG  . TRP A 1 121 ? 4.382   4.357   -10.654 1.00 15.17 ? 121 TRP A CG  1 
ATOM   940  C  CD1 . TRP A 1 121 ? 4.530   3.488   -11.700 1.00 17.34 ? 121 TRP A CD1 1 
ATOM   941  C  CD2 . TRP A 1 121 ? 5.611   4.312   -9.920  1.00 15.98 ? 121 TRP A CD2 1 
ATOM   942  N  NE1 . TRP A 1 121 ? 5.780   2.908   -11.665 1.00 16.34 ? 121 TRP A NE1 1 
ATOM   943  C  CE2 . TRP A 1 121 ? 6.464   3.397   -10.582 1.00 17.59 ? 121 TRP A CE2 1 
ATOM   944  C  CE3 . TRP A 1 121 ? 6.079   4.958   -8.767  1.00 14.05 ? 121 TRP A CE3 1 
ATOM   945  C  CZ2 . TRP A 1 121 ? 7.759   3.114   -10.127 1.00 16.13 ? 121 TRP A CZ2 1 
ATOM   946  C  CZ3 . TRP A 1 121 ? 7.371   4.674   -8.315  1.00 17.89 ? 121 TRP A CZ3 1 
ATOM   947  C  CH2 . TRP A 1 121 ? 8.193   3.760   -8.998  1.00 17.41 ? 121 TRP A CH2 1 
ATOM   948  N  N   . GLU A 1 122 ? 1.436   7.720   -11.790 1.00 15.08 ? 122 GLU A N   1 
ATOM   949  C  CA  . GLU A 1 122 ? 0.257   8.580   -11.743 1.00 16.21 ? 122 GLU A CA  1 
ATOM   950  C  C   . GLU A 1 122 ? -0.790  8.221   -10.703 1.00 14.16 ? 122 GLU A C   1 
ATOM   951  O  O   . GLU A 1 122 ? -1.519  9.095   -10.240 1.00 17.13 ? 122 GLU A O   1 
ATOM   952  C  CB  . GLU A 1 122 ? -0.421  8.640   -13.115 1.00 17.80 ? 122 GLU A CB  1 
ATOM   953  C  CG  . GLU A 1 122 ? 0.380   9.336   -14.210 1.00 23.85 ? 122 GLU A CG  1 
ATOM   954  C  CD  . GLU A 1 122 ? 1.673   8.624   -14.549 1.00 27.84 ? 122 GLU A CD  1 
ATOM   955  O  OE1 . GLU A 1 122 ? 1.695   7.374   -14.527 1.00 29.15 ? 122 GLU A OE1 1 
ATOM   956  O  OE2 . GLU A 1 122 ? 2.668   9.323   -14.857 1.00 32.69 ? 122 GLU A OE2 1 
ATOM   957  N  N   . SER A 1 123 ? -0.875  6.943   -10.352 1.00 14.00 ? 123 SER A N   1 
ATOM   958  C  CA  . SER A 1 123 ? -1.848  6.478   -9.369  1.00 12.80 ? 123 SER A CA  1 
ATOM   959  C  C   . SER A 1 123 ? -1.405  5.153   -8.777  1.00 12.72 ? 123 SER A C   1 
ATOM   960  O  O   . SER A 1 123 ? -0.483  4.499   -9.290  1.00 10.83 ? 123 SER A O   1 
ATOM   961  C  CB  . SER A 1 123 ? -3.221  6.280   -10.016 1.00 13.66 ? 123 SER A CB  1 
ATOM   962  O  OG  . SER A 1 123 ? -3.250  5.068   -10.761 1.00 13.00 ? 123 SER A OG  1 
ATOM   963  N  N   . VAL A 1 124 ? -2.074  4.756   -7.697  1.00 12.31 ? 124 VAL A N   1 
ATOM   964  C  CA  . VAL A 1 124 ? -1.770  3.496   -7.041  1.00 12.23 ? 124 VAL A CA  1 
ATOM   965  C  C   . VAL A 1 124 ? -2.040  2.340   -8.000  1.00 13.05 ? 124 VAL A C   1 
ATOM   966  O  O   . VAL A 1 124 ? -1.398  1.292   -7.921  1.00 11.92 ? 124 VAL A O   1 
ATOM   967  C  CB  . VAL A 1 124 ? -2.623  3.322   -5.768  1.00 13.92 ? 124 VAL A CB  1 
ATOM   968  C  CG1 . VAL A 1 124 ? -2.588  1.887   -5.306  1.00 17.52 ? 124 VAL A CG1 1 
ATOM   969  C  CG2 . VAL A 1 124 ? -2.110  4.254   -4.679  1.00 11.30 ? 124 VAL A CG2 1 
ATOM   970  N  N   . TRP A 1 125 ? -2.992  2.529   -8.911  1.00 12.87 ? 125 TRP A N   1 
ATOM   971  C  CA  . TRP A 1 125 ? -3.293  1.476   -9.870  1.00 12.61 ? 125 TRP A CA  1 
ATOM   972  C  C   . TRP A 1 125 ? -2.188  1.360   -10.929 1.00 12.18 ? 125 TRP A C   1 
ATOM   973  O  O   . TRP A 1 125 ? -1.913  0.263   -11.422 1.00 12.73 ? 125 TRP A O   1 
ATOM   974  C  CB  . TRP A 1 125 ? -4.668  1.714   -10.498 1.00 12.86 ? 125 TRP A CB  1 
ATOM   975  C  CG  . TRP A 1 125 ? -5.779  1.462   -9.505  1.00 11.70 ? 125 TRP A CG  1 
ATOM   976  C  CD1 . TRP A 1 125 ? -6.735  2.348   -9.094  1.00 13.52 ? 125 TRP A CD1 1 
ATOM   977  C  CD2 . TRP A 1 125 ? -6.023  0.247   -8.779  1.00 12.80 ? 125 TRP A CD2 1 
ATOM   978  N  NE1 . TRP A 1 125 ? -7.557  1.762   -8.158  1.00 12.74 ? 125 TRP A NE1 1 
ATOM   979  C  CE2 . TRP A 1 125 ? -7.140  0.472   -7.946  1.00 13.38 ? 125 TRP A CE2 1 
ATOM   980  C  CE3 . TRP A 1 125 ? -5.405  -1.009  -8.753  1.00 12.50 ? 125 TRP A CE3 1 
ATOM   981  C  CZ2 . TRP A 1 125 ? -7.654  -0.516  -7.095  1.00 12.94 ? 125 TRP A CZ2 1 
ATOM   982  C  CZ3 . TRP A 1 125 ? -5.913  -1.993  -7.905  1.00 13.60 ? 125 TRP A CZ3 1 
ATOM   983  C  CH2 . TRP A 1 125 ? -7.030  -1.736  -7.089  1.00 13.72 ? 125 TRP A CH2 1 
ATOM   984  N  N   . HIS A 1 126 ? -1.546  2.475   -11.274 1.00 13.12 ? 126 HIS A N   1 
ATOM   985  C  CA  . HIS A 1 126 ? -0.436  2.426   -12.228 1.00 13.82 ? 126 HIS A CA  1 
ATOM   986  C  C   . HIS A 1 126 ? 0.690   1.658   -11.553 1.00 15.01 ? 126 HIS A C   1 
ATOM   987  O  O   . HIS A 1 126 ? 1.378   0.843   -12.172 1.00 15.23 ? 126 HIS A O   1 
ATOM   988  C  CB  . HIS A 1 126 ? 0.075   3.826   -12.571 1.00 15.91 ? 126 HIS A CB  1 
ATOM   989  C  CG  . HIS A 1 126 ? -0.794  4.573   -13.527 1.00 17.67 ? 126 HIS A CG  1 
ATOM   990  N  ND1 . HIS A 1 126 ? -1.970  5.182   -13.146 1.00 16.38 ? 126 HIS A ND1 1 
ATOM   991  C  CD2 . HIS A 1 126 ? -0.660  4.806   -14.855 1.00 17.81 ? 126 HIS A CD2 1 
ATOM   992  C  CE1 . HIS A 1 126 ? -2.523  5.761   -14.197 1.00 17.73 ? 126 HIS A CE1 1 
ATOM   993  N  NE2 . HIS A 1 126 ? -1.747  5.549   -15.246 1.00 17.87 ? 126 HIS A NE2 1 
ATOM   994  N  N   . TRP A 1 127 ? 0.879   1.936   -10.269 1.00 14.34 ? 127 TRP A N   1 
ATOM   995  C  CA  . TRP A 1 127 ? 1.912   1.264   -9.498  1.00 13.30 ? 127 TRP A CA  1 
ATOM   996  C  C   . TRP A 1 127 ? 1.612   -0.234  -9.393  1.00 13.69 ? 127 TRP A C   1 
ATOM   997  O  O   . TRP A 1 127 ? 2.507   -1.066  -9.535  1.00 13.54 ? 127 TRP A O   1 
ATOM   998  C  CB  . TRP A 1 127 ? 1.997   1.866   -8.096  1.00 11.77 ? 127 TRP A CB  1 
ATOM   999  C  CG  . TRP A 1 127 ? 3.011   1.184   -7.237  1.00 12.35 ? 127 TRP A CG  1 
ATOM   1000 C  CD1 . TRP A 1 127 ? 4.361   1.406   -7.222  1.00 11.37 ? 127 TRP A CD1 1 
ATOM   1001 C  CD2 . TRP A 1 127 ? 2.774   0.091   -6.343  1.00 13.02 ? 127 TRP A CD2 1 
ATOM   1002 N  NE1 . TRP A 1 127 ? 4.979   0.509   -6.378  1.00 13.00 ? 127 TRP A NE1 1 
ATOM   1003 C  CE2 . TRP A 1 127 ? 4.027   -0.307  -5.825  1.00 12.58 ? 127 TRP A CE2 1 
ATOM   1004 C  CE3 . TRP A 1 127 ? 1.623   -0.596  -5.932  1.00 14.26 ? 127 TRP A CE3 1 
ATOM   1005 C  CZ2 . TRP A 1 127 ? 4.160   -1.364  -4.917  1.00 14.82 ? 127 TRP A CZ2 1 
ATOM   1006 C  CZ3 . TRP A 1 127 ? 1.757   -1.645  -5.033  1.00 15.44 ? 127 TRP A CZ3 1 
ATOM   1007 C  CH2 . TRP A 1 127 ? 3.018   -2.018  -4.534  1.00 15.17 ? 127 TRP A CH2 1 
ATOM   1008 N  N   . ALA A 1 128 ? 0.352   -0.576  -9.143  1.00 12.51 ? 128 ALA A N   1 
ATOM   1009 C  CA  . ALA A 1 128 ? -0.032  -1.976  -9.016  1.00 13.45 ? 128 ALA A CA  1 
ATOM   1010 C  C   . ALA A 1 128 ? 0.197   -2.732  -10.322 1.00 15.86 ? 128 ALA A C   1 
ATOM   1011 O  O   . ALA A 1 128 ? 0.676   -3.869  -10.320 1.00 15.18 ? 128 ALA A O   1 
ATOM   1012 C  CB  . ALA A 1 128 ? -1.492  -2.077  -8.606  1.00 14.56 ? 128 ALA A CB  1 
ATOM   1013 N  N   . ARG A 1 129 ? -0.140  -2.085  -11.431 1.00 16.32 ? 129 ARG A N   1 
ATOM   1014 C  CA  . ARG A 1 129 ? -0.006  -2.688  -12.749 1.00 19.23 ? 129 ARG A CA  1 
ATOM   1015 C  C   . ARG A 1 129 ? 1.423   -2.728  -13.259 1.00 20.33 ? 129 ARG A C   1 
ATOM   1016 O  O   . ARG A 1 129 ? 1.880   -3.755  -13.762 1.00 20.81 ? 129 ARG A O   1 
ATOM   1017 C  CB  . ARG A 1 129 ? -0.859  -1.919  -13.760 1.00 21.03 ? 129 ARG A CB  1 
ATOM   1018 C  CG  . ARG A 1 129 ? -0.838  -2.504  -15.164 1.00 22.14 ? 129 ARG A CG  1 
ATOM   1019 C  CD  . ARG A 1 129 ? -1.485  -1.558  -16.151 1.00 23.86 ? 129 ARG A CD  1 
ATOM   1020 N  NE  . ARG A 1 129 ? -0.675  -0.362  -16.352 1.00 24.41 ? 129 ARG A NE  1 
ATOM   1021 C  CZ  . ARG A 1 129 ? -1.139  0.773   -16.862 1.00 26.33 ? 129 ARG A CZ  1 
ATOM   1022 N  NH1 . ARG A 1 129 ? -2.413  0.864   -17.222 1.00 26.97 ? 129 ARG A NH1 1 
ATOM   1023 N  NH2 . ARG A 1 129 ? -0.334  1.815   -17.010 1.00 25.96 ? 129 ARG A NH2 1 
ATOM   1024 N  N   . ASP A 1 130 ? 2.132   -1.615  -13.111 1.00 18.96 ? 130 ASP A N   1 
ATOM   1025 C  CA  . ASP A 1 130 ? 3.487   -1.514  -13.626 1.00 19.94 ? 130 ASP A CA  1 
ATOM   1026 C  C   . ASP A 1 130 ? 4.626   -1.910  -12.692 1.00 18.91 ? 130 ASP A C   1 
ATOM   1027 O  O   . ASP A 1 130 ? 5.756   -2.103  -13.140 1.00 20.31 ? 130 ASP A O   1 
ATOM   1028 C  CB  . ASP A 1 130 ? 3.704   -0.101  -14.177 1.00 22.15 ? 130 ASP A CB  1 
ATOM   1029 C  CG  . ASP A 1 130 ? 2.638   0.290   -15.199 1.00 25.38 ? 130 ASP A CG  1 
ATOM   1030 O  OD1 . ASP A 1 130 ? 2.130   -0.612  -15.905 1.00 27.38 ? 130 ASP A OD1 1 
ATOM   1031 O  OD2 . ASP A 1 130 ? 2.310   1.492   -15.309 1.00 30.31 ? 130 ASP A OD2 1 
ATOM   1032 N  N   . VAL A 1 131 ? 4.338   -2.042  -11.401 1.00 16.86 ? 131 VAL A N   1 
ATOM   1033 C  CA  . VAL A 1 131 ? 5.373   -2.435  -10.453 1.00 16.16 ? 131 VAL A CA  1 
ATOM   1034 C  C   . VAL A 1 131 ? 5.055   -3.745  -9.736  1.00 15.99 ? 131 VAL A C   1 
ATOM   1035 O  O   . VAL A 1 131 ? 5.810   -4.711  -9.828  1.00 17.46 ? 131 VAL A O   1 
ATOM   1036 C  CB  . VAL A 1 131 ? 5.623   -1.334  -9.397  1.00 15.73 ? 131 VAL A CB  1 
ATOM   1037 C  CG1 . VAL A 1 131 ? 6.676   -1.806  -8.393  1.00 14.57 ? 131 VAL A CG1 1 
ATOM   1038 C  CG2 . VAL A 1 131 ? 6.085   -0.052  -10.083 1.00 15.59 ? 131 VAL A CG2 1 
ATOM   1039 N  N   . TRP A 1 132 ? 3.934   -3.787  -9.027  1.00 14.16 ? 132 TRP A N   1 
ATOM   1040 C  CA  . TRP A 1 132 ? 3.575   -4.996  -8.294  1.00 14.00 ? 132 TRP A CA  1 
ATOM   1041 C  C   . TRP A 1 132 ? 3.373   -6.207  -9.213  1.00 14.29 ? 132 TRP A C   1 
ATOM   1042 O  O   . TRP A 1 132 ? 3.995   -7.252  -9.011  1.00 15.53 ? 132 TRP A O   1 
ATOM   1043 C  CB  . TRP A 1 132 ? 2.316   -4.738  -7.449  1.00 13.82 ? 132 TRP A CB  1 
ATOM   1044 C  CG  . TRP A 1 132 ? 2.019   -5.822  -6.438  1.00 12.73 ? 132 TRP A CG  1 
ATOM   1045 C  CD1 . TRP A 1 132 ? 2.841   -6.852  -6.065  1.00 12.93 ? 132 TRP A CD1 1 
ATOM   1046 C  CD2 . TRP A 1 132 ? 0.826   -5.962  -5.656  1.00 11.70 ? 132 TRP A CD2 1 
ATOM   1047 N  NE1 . TRP A 1 132 ? 2.231   -7.622  -5.102  1.00 13.51 ? 132 TRP A NE1 1 
ATOM   1048 C  CE2 . TRP A 1 132 ? 0.993   -7.099  -4.833  1.00 11.50 ? 132 TRP A CE2 1 
ATOM   1049 C  CE3 . TRP A 1 132 ? -0.369  -5.234  -5.574  1.00 12.53 ? 132 TRP A CE3 1 
ATOM   1050 C  CZ2 . TRP A 1 132 ? 0.006   -7.526  -3.935  1.00 11.45 ? 132 TRP A CZ2 1 
ATOM   1051 C  CZ3 . TRP A 1 132 ? -1.348  -5.657  -4.684  1.00 13.52 ? 132 TRP A CZ3 1 
ATOM   1052 C  CH2 . TRP A 1 132 ? -1.154  -6.792  -3.875  1.00 11.38 ? 132 TRP A CH2 1 
ATOM   1053 N  N   . LEU A 1 133 ? 2.538   -6.052  -10.237 1.00 15.54 ? 133 LEU A N   1 
ATOM   1054 C  CA  . LEU A 1 133 ? 2.261   -7.146  -11.170 1.00 16.85 ? 133 LEU A CA  1 
ATOM   1055 C  C   . LEU A 1 133 ? 3.450   -7.486  -12.063 1.00 19.73 ? 133 LEU A C   1 
ATOM   1056 O  O   . LEU A 1 133 ? 3.427   -8.488  -12.783 1.00 19.84 ? 133 LEU A O   1 
ATOM   1057 C  CB  . LEU A 1 133 ? 1.047   -6.804  -12.034 1.00 16.93 ? 133 LEU A CB  1 
ATOM   1058 C  CG  . LEU A 1 133 ? -0.300  -7.025  -11.341 1.00 16.93 ? 133 LEU A CG  1 
ATOM   1059 C  CD1 . LEU A 1 133 ? -1.424  -6.385  -12.151 1.00 17.76 ? 133 LEU A CD1 1 
ATOM   1060 C  CD2 . LEU A 1 133 ? -0.537  -8.519  -11.177 1.00 18.33 ? 133 LEU A CD2 1 
ATOM   1061 N  N   . GLU A 1 134 ? 4.484   -6.653  -12.020 1.00 20.68 ? 134 GLU A N   1 
ATOM   1062 C  CA  . GLU A 1 134 ? 5.684   -6.893  -12.816 1.00 22.85 ? 134 GLU A CA  1 
ATOM   1063 C  C   . GLU A 1 134 ? 6.811   -7.463  -11.958 1.00 23.84 ? 134 GLU A C   1 
ATOM   1064 O  O   . GLU A 1 134 ? 7.926   -7.657  -12.439 1.00 24.94 ? 134 GLU A O   1 
ATOM   1065 C  CB  . GLU A 1 134 ? 6.156   -5.600  -13.480 1.00 23.80 ? 134 GLU A CB  1 
ATOM   1066 C  CG  . GLU A 1 134 ? 5.301   -5.144  -14.647 1.00 26.25 ? 134 GLU A CG  1 
ATOM   1067 C  CD  . GLU A 1 134 ? 5.203   -6.193  -15.743 1.00 29.29 ? 134 GLU A CD  1 
ATOM   1068 O  OE1 . GLU A 1 134 ? 6.247   -6.765  -16.119 1.00 29.83 ? 134 GLU A OE1 1 
ATOM   1069 O  OE2 . GLU A 1 134 ? 4.084   -6.442  -16.232 1.00 30.89 ? 134 GLU A OE2 1 
ATOM   1070 N  N   . SER A 1 135 ? 6.519   -7.732  -10.688 1.00 24.53 ? 135 SER A N   1 
ATOM   1071 C  CA  . SER A 1 135 ? 7.522   -8.281  -9.782  1.00 25.76 ? 135 SER A CA  1 
ATOM   1072 C  C   . SER A 1 135 ? 7.562   -9.809  -9.858  1.00 28.11 ? 135 SER A C   1 
ATOM   1073 O  O   . SER A 1 135 ? 8.535   -10.393 -9.337  1.00 31.34 ? 135 SER A O   1 
ATOM   1074 C  CB  . SER A 1 135 ? 7.257   -7.831  -8.336  1.00 25.51 ? 135 SER A CB  1 
ATOM   1075 O  OG  . SER A 1 135 ? 6.096   -8.435  -7.790  1.00 22.77 ? 135 SER A OG  1 
ATOM   1076 O  OXT . SER A 1 135 ? 6.618   -10.402 -10.431 1.00 27.82 ? 135 SER A OXT 1 
HETATM 1077 CA CA  . CA  B 2 .   ? 1.129   14.683  -7.051  1.00 13.96 ? 201 CA  A CA  1 
HETATM 1078 CA CA  . CA  C 2 .   ? -0.801  18.234  -6.655  1.00 6.44  ? 202 CA  A CA  1 
HETATM 1079 O  O   . HOH D 3 .   ? -4.937  -7.754  4.194   1.00 13.96 ? 203 HOH A O   1 
HETATM 1080 O  O   . HOH D 3 .   ? 4.834   -2.927  2.799   1.00 13.13 ? 204 HOH A O   1 
HETATM 1081 O  O   . HOH D 3 .   ? -3.467  7.019   -6.373  1.00 13.28 ? 205 HOH A O   1 
HETATM 1082 O  O   . HOH D 3 .   ? -2.095  -4.517  -0.095  1.00 13.44 ? 206 HOH A O   1 
HETATM 1083 O  O   . HOH D 3 .   ? 0.479   -7.525  1.543   1.00 14.30 ? 207 HOH A O   1 
HETATM 1084 O  O   . HOH D 3 .   ? -1.862  -7.504  0.147   1.00 13.78 ? 208 HOH A O   1 
HETATM 1085 O  O   . HOH D 3 .   ? -4.740  7.708   -4.039  1.00 13.21 ? 209 HOH A O   1 
HETATM 1086 O  O   . HOH D 3 .   ? -0.709  -9.191  6.386   1.00 17.25 ? 210 HOH A O   1 
HETATM 1087 O  O   . HOH D 3 .   ? -5.710  -4.957  4.433   1.00 13.15 ? 211 HOH A O   1 
HETATM 1088 O  O   . HOH D 3 .   ? 4.418   -9.963  13.705  0.50 13.80 ? 212 HOH A O   1 
HETATM 1089 O  O   . HOH D 3 .   ? 6.221   -3.912  5.149   1.00 16.55 ? 213 HOH A O   1 
HETATM 1090 O  O   . HOH D 3 .   ? -9.842  -14.288 -16.464 1.00 14.47 ? 214 HOH A O   1 
HETATM 1091 O  O   . HOH D 3 .   ? 2.503   -10.127 -1.968  1.00 14.66 ? 215 HOH A O   1 
HETATM 1092 O  O   . HOH D 3 .   ? 0.789   -8.685  4.126   1.00 13.57 ? 216 HOH A O   1 
HETATM 1093 O  O   . HOH D 3 .   ? -6.554  9.525   -4.991  1.00 14.99 ? 217 HOH A O   1 
HETATM 1094 O  O   . HOH D 3 .   ? -3.395  -8.711  6.365   1.00 16.75 ? 218 HOH A O   1 
HETATM 1095 O  O   . HOH D 3 .   ? -5.230  -10.513 7.353   1.00 16.33 ? 219 HOH A O   1 
HETATM 1096 O  O   . HOH D 3 .   ? -2.527  -5.921  8.559   1.00 20.67 ? 220 HOH A O   1 
HETATM 1097 O  O   . HOH D 3 .   ? -4.711  -14.029 0.770   1.00 16.85 ? 221 HOH A O   1 
HETATM 1098 O  O   . HOH D 3 .   ? 1.007   -9.661  0.079   1.00 17.08 ? 222 HOH A O   1 
HETATM 1099 O  O   . HOH D 3 .   ? 1.130   14.586  0.118   1.00 22.90 ? 223 HOH A O   1 
HETATM 1100 O  O   . HOH D 3 .   ? -0.632  11.219  1.609   1.00 17.46 ? 224 HOH A O   1 
HETATM 1101 O  O   . HOH D 3 .   ? 3.848   -10.595 9.281   1.00 21.64 ? 225 HOH A O   1 
HETATM 1102 O  O   . HOH D 3 .   ? 8.335   -0.910  7.308   1.00 21.81 ? 226 HOH A O   1 
HETATM 1103 O  O   . HOH D 3 .   ? -2.438  6.872   17.024  1.00 23.44 ? 227 HOH A O   1 
HETATM 1104 O  O   . HOH D 3 .   ? 9.608   9.288   -6.675  1.00 28.67 ? 228 HOH A O   1 
HETATM 1105 O  O   . HOH D 3 .   ? 1.733   4.532   13.996  1.00 19.68 ? 229 HOH A O   1 
HETATM 1106 O  O   . HOH D 3 .   ? -0.494  11.759  -10.237 1.00 22.62 ? 230 HOH A O   1 
HETATM 1107 O  O   . HOH D 3 .   ? -13.790 -4.093  1.072   1.00 21.14 ? 231 HOH A O   1 
HETATM 1108 O  O   . HOH D 3 .   ? -7.875  -8.506  -16.448 1.00 21.05 ? 232 HOH A O   1 
HETATM 1109 O  O   . HOH D 3 .   ? -3.701  -16.031 -0.647  1.00 22.82 ? 233 HOH A O   1 
HETATM 1110 O  O   . HOH D 3 .   ? -11.772 -12.706 -11.176 1.00 18.88 ? 234 HOH A O   1 
HETATM 1111 O  O   . HOH D 3 .   ? 8.111   -1.648  9.854   1.00 24.83 ? 235 HOH A O   1 
HETATM 1112 O  O   . HOH D 3 .   ? 7.455   -5.715  0.230   1.00 21.00 ? 236 HOH A O   1 
HETATM 1113 O  O   . HOH D 3 .   ? -3.796  -12.665 -13.440 1.00 25.03 ? 237 HOH A O   1 
HETATM 1114 O  O   . HOH D 3 .   ? -12.121 -7.233  -15.933 1.00 26.09 ? 238 HOH A O   1 
HETATM 1115 O  O   . HOH D 3 .   ? -0.450  16.062  -2.907  1.00 25.61 ? 239 HOH A O   1 
HETATM 1116 O  O   . HOH D 3 .   ? -6.061  13.067  -7.488  1.00 20.26 ? 240 HOH A O   1 
HETATM 1117 O  O   . HOH D 3 .   ? 6.046   6.942   -14.363 1.00 21.22 ? 241 HOH A O   1 
HETATM 1118 O  O   . HOH D 3 .   ? 4.548   -11.851 -1.601  1.00 21.91 ? 242 HOH A O   1 
HETATM 1119 O  O   . HOH D 3 .   ? 9.349   11.831  8.772   1.00 26.46 ? 243 HOH A O   1 
HETATM 1120 O  O   . HOH D 3 .   ? -7.903  -17.133 -13.848 1.00 31.72 ? 244 HOH A O   1 
HETATM 1121 O  O   . HOH D 3 .   ? 0.231   -16.122 -9.515  1.00 26.40 ? 245 HOH A O   1 
HETATM 1122 O  O   . HOH D 3 .   ? 2.597   -5.321  13.150  1.00 24.20 ? 246 HOH A O   1 
HETATM 1123 O  O   . HOH D 3 .   ? -4.357  -13.157 7.667   1.00 26.05 ? 247 HOH A O   1 
HETATM 1124 O  O   . HOH D 3 .   ? 3.735   10.528  -12.084 1.00 26.55 ? 248 HOH A O   1 
HETATM 1125 O  O   . HOH D 3 .   ? 2.066   -12.339 8.311   1.00 28.18 ? 249 HOH A O   1 
HETATM 1126 O  O   . HOH D 3 .   ? 13.617  9.770   13.395  1.00 31.81 ? 250 HOH A O   1 
HETATM 1127 O  O   . HOH D 3 .   ? 12.577  3.551   11.714  1.00 24.92 ? 251 HOH A O   1 
HETATM 1128 O  O   . HOH D 3 .   ? -0.692  5.208   15.137  1.00 23.54 ? 252 HOH A O   1 
HETATM 1129 O  O   . HOH D 3 .   ? 12.782  13.212  2.310   1.00 29.85 ? 253 HOH A O   1 
HETATM 1130 O  O   . HOH D 3 .   ? -2.996  12.102  2.602   1.00 21.30 ? 254 HOH A O   1 
HETATM 1131 O  O   . HOH D 3 .   ? 7.764   15.280  7.729   1.00 28.72 ? 255 HOH A O   1 
HETATM 1132 O  O   . HOH D 3 .   ? -14.821 2.949   12.107  1.00 33.75 ? 256 HOH A O   1 
HETATM 1133 O  O   . HOH D 3 .   ? -3.711  -11.115 13.915  1.00 30.81 ? 257 HOH A O   1 
HETATM 1134 O  O   . HOH D 3 .   ? 11.035  -5.383  1.843   1.00 28.60 ? 258 HOH A O   1 
HETATM 1135 O  O   . HOH D 3 .   ? -0.587  -14.849 5.540   1.00 25.13 ? 259 HOH A O   1 
HETATM 1136 O  O   . HOH D 3 .   ? -12.738 -6.602  -11.476 1.00 27.57 ? 260 HOH A O   1 
HETATM 1137 O  O   . HOH D 3 .   ? 5.180   16.064  5.008   1.00 30.01 ? 261 HOH A O   1 
HETATM 1138 O  O   . HOH D 3 .   ? 0.371   -17.424 6.024   1.00 33.67 ? 262 HOH A O   1 
HETATM 1139 O  O   . HOH D 3 .   ? -6.635  -10.264 9.643   1.00 29.24 ? 263 HOH A O   1 
HETATM 1140 O  O   . HOH D 3 .   ? 1.918   -19.577 -3.089  1.00 27.83 ? 264 HOH A O   1 
HETATM 1141 O  O   . HOH D 3 .   ? -0.688  -11.341 8.029   1.00 27.02 ? 265 HOH A O   1 
HETATM 1142 O  O   . HOH D 3 .   ? 18.209  3.284   -0.402  1.00 28.30 ? 266 HOH A O   1 
HETATM 1143 O  O   . HOH D 3 .   ? 5.983   -3.138  10.095  1.00 28.82 ? 267 HOH A O   1 
HETATM 1144 O  O   . HOH D 3 .   ? -3.452  14.774  8.550   1.00 25.68 ? 268 HOH A O   1 
HETATM 1145 O  O   . HOH D 3 .   ? -17.980 -0.901  6.942   1.00 28.98 ? 269 HOH A O   1 
HETATM 1146 O  O   . HOH D 3 .   ? -5.791  12.878  0.420   1.00 34.08 ? 270 HOH A O   1 
HETATM 1147 O  O   . HOH D 3 .   ? 3.540   -9.697  16.241  0.50 29.70 ? 271 HOH A O   1 
HETATM 1148 O  O   . HOH D 3 .   ? -12.276 -6.958  -4.616  1.00 24.76 ? 272 HOH A O   1 
HETATM 1149 O  O   . HOH D 3 .   ? -11.651 -11.092 3.393   1.00 26.11 ? 273 HOH A O   1 
HETATM 1150 O  O   . HOH D 3 .   ? 8.890   -9.552  1.916   1.00 28.39 ? 274 HOH A O   1 
HETATM 1151 O  O   . HOH D 3 .   ? 6.669   0.180   13.634  1.00 25.81 ? 275 HOH A O   1 
HETATM 1152 O  O   . HOH D 3 .   ? 16.442  -1.130  0.104   1.00 35.99 ? 276 HOH A O   1 
HETATM 1153 O  O   . HOH D 3 .   ? -4.450  -18.277 0.659   1.00 31.10 ? 277 HOH A O   1 
HETATM 1154 O  O   . HOH D 3 .   ? 1.335   -5.679  -15.532 1.00 31.67 ? 278 HOH A O   1 
HETATM 1155 O  O   . HOH D 3 .   ? 5.351   -10.386 -12.607 1.00 31.05 ? 279 HOH A O   1 
HETATM 1156 O  O   . HOH D 3 .   ? -1.575  17.594  -8.846  1.00 31.99 ? 280 HOH A O   1 
HETATM 1157 O  O   . HOH D 3 .   ? 3.348   -17.064 -2.314  1.00 30.34 ? 281 HOH A O   1 
HETATM 1158 O  O   . HOH D 3 .   ? -3.518  17.926  -7.160  1.00 26.67 ? 282 HOH A O   1 
HETATM 1159 O  O   . HOH D 3 .   ? -17.221 -1.646  3.142   1.00 35.16 ? 283 HOH A O   1 
HETATM 1160 O  O   . HOH D 3 .   ? 8.572   -4.614  -10.254 1.00 26.62 ? 284 HOH A O   1 
HETATM 1161 O  O   . HOH D 3 .   ? 4.999   -14.286 -3.634  1.00 35.38 ? 285 HOH A O   1 
HETATM 1162 O  O   . HOH D 3 .   ? -12.316 4.351   -1.988  1.00 30.82 ? 286 HOH A O   1 
HETATM 1163 O  O   . HOH D 3 .   ? 7.310   1.110   -13.534 1.00 32.75 ? 287 HOH A O   1 
HETATM 1164 O  O   . HOH D 3 .   ? 7.016   -5.842  3.186   1.00 30.52 ? 288 HOH A O   1 
HETATM 1165 O  O   . HOH D 3 .   ? 3.990   -15.614 -0.001  1.00 30.06 ? 289 HOH A O   1 
HETATM 1166 O  O   . HOH D 3 .   ? 0.235   12.151  7.078   1.00 30.70 ? 290 HOH A O   1 
HETATM 1167 O  O   . HOH D 3 .   ? -1.781  -13.681 7.749   1.00 26.76 ? 291 HOH A O   1 
HETATM 1168 O  O   . HOH D 3 .   ? -14.299 -2.184  15.572  1.00 37.60 ? 292 HOH A O   1 
HETATM 1169 O  O   . HOH D 3 .   ? 1.071   -13.809 3.730   1.00 28.26 ? 293 HOH A O   1 
HETATM 1170 O  O   . HOH D 3 .   ? 10.157  -4.936  -7.794  1.00 36.57 ? 294 HOH A O   1 
HETATM 1171 O  O   . HOH D 3 .   ? 1.876   -11.759 1.918   1.00 26.58 ? 295 HOH A O   1 
HETATM 1172 O  O   . HOH D 3 .   ? -10.805 -8.901  -19.018 1.00 30.67 ? 296 HOH A O   1 
HETATM 1173 O  O   . HOH D 3 .   ? -15.507 -3.147  10.623  1.00 31.01 ? 297 HOH A O   1 
HETATM 1174 O  O   . HOH D 3 .   ? -12.958 -0.661  -15.262 1.00 32.22 ? 298 HOH A O   1 
HETATM 1175 O  O   . HOH D 3 .   ? -6.955  14.948  -5.610  1.00 33.69 ? 299 HOH A O   1 
HETATM 1176 O  O   . HOH D 3 .   ? 3.179   3.499   -14.961 1.00 34.00 ? 300 HOH A O   1 
HETATM 1177 O  O   . HOH D 3 .   ? 2.570   -16.101 -8.792  1.00 34.36 ? 301 HOH A O   1 
HETATM 1178 O  O   . HOH D 3 .   ? -8.918  11.849  -1.824  1.00 28.44 ? 302 HOH A O   1 
HETATM 1179 O  O   . HOH D 3 .   ? -14.500 2.353   -5.567  1.00 29.96 ? 303 HOH A O   1 
HETATM 1180 O  O   . HOH D 3 .   ? -13.492 4.244   4.479   1.00 33.65 ? 304 HOH A O   1 
HETATM 1181 O  O   . HOH D 3 .   ? 3.611   15.833  -0.951  1.00 37.26 ? 305 HOH A O   1 
HETATM 1182 O  O   . HOH D 3 .   ? -6.408  12.028  -3.720  1.00 29.54 ? 306 HOH A O   1 
HETATM 1183 O  O   . HOH D 3 .   ? -6.085  -13.026 -15.183 1.00 34.92 ? 307 HOH A O   1 
HETATM 1184 O  O   . HOH D 3 .   ? -2.486  18.834  -4.952  1.00 29.28 ? 308 HOH A O   1 
HETATM 1185 O  O   . HOH D 3 .   ? -13.348 -7.180  -6.892  1.00 40.30 ? 309 HOH A O   1 
HETATM 1186 O  O   . HOH D 3 .   ? -9.298  -1.209  11.522  1.00 34.74 ? 310 HOH A O   1 
HETATM 1187 O  O   . HOH D 3 .   ? -14.127 -1.779  12.738  1.00 35.68 ? 311 HOH A O   1 
HETATM 1188 O  O   . HOH D 3 .   ? -11.823 -9.534  -10.355 1.00 37.01 ? 312 HOH A O   1 
HETATM 1189 O  O   . HOH D 3 .   ? -5.209  2.653   17.096  1.00 36.01 ? 313 HOH A O   1 
HETATM 1190 O  O   . HOH D 3 .   ? 4.385   -11.070 11.715  1.00 35.24 ? 314 HOH A O   1 
HETATM 1191 O  O   . HOH D 3 .   ? -13.596 -10.739 -8.175  1.00 32.07 ? 315 HOH A O   1 
HETATM 1192 O  O   . HOH D 3 .   ? 0.478   18.031  -4.413  1.00 28.26 ? 316 HOH A O   1 
HETATM 1193 O  O   . HOH D 3 .   ? -9.904  10.294  1.178   1.00 31.54 ? 317 HOH A O   1 
HETATM 1194 O  O   . HOH D 3 .   ? 1.470   11.204  -16.970 1.00 32.47 ? 318 HOH A O   1 
HETATM 1195 O  O   . HOH D 3 .   ? 8.476   11.269  -11.840 1.00 37.09 ? 319 HOH A O   1 
HETATM 1196 O  O   . HOH D 3 .   ? 2.895   -2.975  -17.370 1.00 39.54 ? 320 HOH A O   1 
HETATM 1197 O  O   . HOH D 3 .   ? -6.826  14.427  8.839   1.00 32.46 ? 321 HOH A O   1 
HETATM 1198 O  O   . HOH D 3 .   ? 16.924  11.901  -4.565  1.00 33.28 ? 322 HOH A O   1 
HETATM 1199 O  O   . HOH D 3 .   ? 4.146   -13.265 0.777   1.00 35.08 ? 323 HOH A O   1 
HETATM 1200 O  O   . HOH D 3 .   ? 6.096   15.128  -2.339  1.00 36.79 ? 324 HOH A O   1 
HETATM 1201 O  O   . HOH D 3 .   ? -11.988 9.215   8.408   1.00 32.95 ? 325 HOH A O   1 
HETATM 1202 O  O   . HOH D 3 .   ? 1.725   -19.765 -5.896  1.00 39.46 ? 326 HOH A O   1 
HETATM 1203 O  O   . HOH D 3 .   ? 11.069  -8.121  -2.281  1.00 31.19 ? 327 HOH A O   1 
HETATM 1204 O  O   . HOH D 3 .   ? 7.313   -11.150 -1.160  1.00 32.83 ? 328 HOH A O   1 
HETATM 1205 O  O   . HOH D 3 .   ? -3.908  -0.421  15.559  1.00 32.16 ? 329 HOH A O   1 
HETATM 1206 O  O   . HOH D 3 .   ? -11.068 9.428   3.987   1.00 40.37 ? 330 HOH A O   1 
HETATM 1207 O  O   . HOH D 3 .   ? 9.232   12.209  -8.155  1.00 38.63 ? 331 HOH A O   1 
HETATM 1208 O  O   . HOH D 3 .   ? -4.461  14.132  6.011   1.00 37.02 ? 332 HOH A O   1 
HETATM 1209 O  O   . HOH D 3 .   ? 0.524   -3.783  16.085  1.00 36.54 ? 333 HOH A O   1 
HETATM 1210 O  O   . HOH D 3 .   ? -13.984 -4.305  -10.304 1.00 40.92 ? 334 HOH A O   1 
HETATM 1211 O  O   . HOH D 3 .   ? 14.957  -4.751  -2.045  1.00 41.06 ? 335 HOH A O   1 
# 
